data_4TO2
#
_entry.id   4TO2
#
_cell.length_a   85.313
_cell.length_b   145.798
_cell.length_c   98.257
_cell.angle_alpha   90.000
_cell.angle_beta   114.220
_cell.angle_gamma   90.000
#
_symmetry.space_group_name_H-M   'P 1 21 1'
#
loop_
_entity.id
_entity.type
_entity.pdbx_description
1 polymer 'Deoxynucleoside triphosphate triphosphohydrolase SAMHD1'
2 non-polymer "2'-DEOXYGUANOSINE-5'-TRIPHOSPHATE"
3 non-polymer 'MAGNESIUM ION'
4 non-polymer "THYMIDINE-5'-TRIPHOSPHATE"
5 water water
#
_entity_poly.entity_id   1
_entity_poly.type   'polypeptide(L)'
_entity_poly.pdbx_seq_one_letter_code
;DTMKVINDPIHGHIELHPLLVRIIDTPQFQRLRYIKQLGGGYYVFPGASHNRFEHSLGVGYLAGCLVHALGEKQPELQIS
ERDVLCVQIAGLCRNLGHGPFSHMFDGRFIPLARPEVKWTHEQGSVMMFEHLINSNGIKPVMEQYGLIPEEDICFIKEQI
VGPLESPVEDSLWPYKGRPENKSFLYEIVSNKRNGIDVDKWDYFARDCHHLGIQNNFDYKRFIKFARVCEVDNELRICAR
DKEVGNLYDMFHTRNSLHRRAYQHKVGNIIDTMITDAFLKADDYIEITGAGGKKYRISTAIDDMEAYTKLTDNIFLEILY
STDPKLKDAREILKQIEYRNLFKYVGETQPTGQIKIKREDYESLPKEVASAKPKVLLDVKLKAEDFIVDVINMDYGMQEK
NPIDHVSFYCKTAPNRAIRITKNQVSQLLPEKFAEQLIRVYCKKVDRKSLYAARQYFVQWCADRNFTKPQDGDVIAPLIT
PQKKEWNDSTSVQNPTRLREASKSRVQLFKDDPM
;
_entity_poly.pdbx_strand_id   A,B,C,D
#
# COMPACT_ATOMS: atom_id res chain seq x y z
N ASP A 1 33.58 5.92 -13.33
CA ASP A 1 32.24 6.22 -12.74
C ASP A 1 31.13 5.88 -13.69
N THR A 2 30.14 5.14 -13.18
CA THR A 2 28.86 4.93 -13.86
C THR A 2 27.70 5.21 -12.92
N MET A 3 26.51 5.00 -13.46
CA MET A 3 25.27 5.36 -12.80
C MET A 3 25.05 4.56 -11.49
N LYS A 4 24.41 5.16 -10.49
CA LYS A 4 23.99 4.40 -9.30
C LYS A 4 22.45 4.27 -9.20
N VAL A 5 22.05 3.19 -8.59
CA VAL A 5 20.67 2.95 -8.26
C VAL A 5 20.39 3.03 -6.73
N ILE A 6 19.38 3.79 -6.38
CA ILE A 6 18.91 3.86 -5.03
C ILE A 6 17.47 3.41 -4.89
N ASN A 7 17.22 2.55 -3.92
CA ASN A 7 15.89 2.15 -3.60
C ASN A 7 15.20 3.07 -2.62
N ASP A 8 14.13 3.72 -3.10
CA ASP A 8 13.31 4.60 -2.30
C ASP A 8 11.94 3.98 -2.09
N PRO A 9 11.44 4.00 -0.87
CA PRO A 9 10.15 3.42 -0.68
C PRO A 9 9.04 4.17 -1.36
N ILE A 10 9.22 5.41 -1.76
CA ILE A 10 8.17 6.14 -2.44
C ILE A 10 8.25 5.91 -3.94
N HIS A 11 9.44 6.06 -4.51
CA HIS A 11 9.54 6.00 -5.97
C HIS A 11 10.08 4.67 -6.48
N GLY A 12 10.49 3.73 -5.61
CA GLY A 12 11.18 2.56 -6.10
C GLY A 12 12.62 2.87 -6.51
N HIS A 13 13.08 2.26 -7.60
CA HIS A 13 14.47 2.37 -8.03
C HIS A 13 14.75 3.61 -8.84
N ILE A 14 15.55 4.47 -8.26
CA ILE A 14 15.92 5.73 -8.83
C ILE A 14 17.35 5.61 -9.38
N GLU A 15 17.52 5.90 -10.68
CA GLU A 15 18.83 5.93 -11.28
C GLU A 15 19.45 7.30 -11.12
N LEU A 16 20.71 7.32 -10.68
CA LEU A 16 21.46 8.56 -10.53
C LEU A 16 22.71 8.61 -11.40
N HIS A 17 22.72 9.61 -12.26
CA HIS A 17 23.83 9.89 -13.12
C HIS A 17 25.07 10.21 -12.27
N PRO A 18 26.27 9.81 -12.74
CA PRO A 18 27.49 9.94 -11.89
C PRO A 18 27.76 11.33 -11.39
N LEU A 19 27.45 12.34 -12.18
CA LEU A 19 27.53 13.73 -11.77
C LEU A 19 26.66 14.02 -10.57
N LEU A 20 25.43 13.48 -10.58
CA LEU A 20 24.54 13.66 -9.45
C LEU A 20 25.13 12.97 -8.22
N VAL A 21 25.67 11.78 -8.43
CA VAL A 21 26.30 11.05 -7.36
C VAL A 21 27.41 11.90 -6.71
N ARG A 22 28.22 12.58 -7.54
CA ARG A 22 29.30 13.41 -7.05
C ARG A 22 28.79 14.57 -6.22
N ILE A 23 27.66 15.15 -6.63
CA ILE A 23 27.05 16.22 -5.84
C ILE A 23 26.54 15.72 -4.49
N ILE A 24 26.04 14.51 -4.50
CA ILE A 24 25.39 13.96 -3.35
C ILE A 24 26.42 13.59 -2.32
N ASP A 25 27.56 13.11 -2.78
CA ASP A 25 28.57 12.58 -1.86
C ASP A 25 29.51 13.71 -1.38
N THR A 26 28.89 14.73 -0.79
CA THR A 26 29.58 15.84 -0.21
C THR A 26 28.98 16.13 1.15
N PRO A 27 29.78 16.69 2.05
CA PRO A 27 29.30 17.09 3.38
C PRO A 27 28.12 18.07 3.33
N GLN A 28 28.05 18.89 2.30
CA GLN A 28 27.01 19.87 2.22
C GLN A 28 25.66 19.26 1.88
N PHE A 29 25.69 18.15 1.14
CA PHE A 29 24.47 17.42 0.79
C PHE A 29 24.11 16.41 1.86
N GLN A 30 25.10 15.64 2.33
CA GLN A 30 24.89 14.63 3.32
C GLN A 30 24.39 15.19 4.65
N ARG A 31 24.70 16.44 4.87
CA ARG A 31 24.19 17.20 6.00
C ARG A 31 22.65 17.00 6.15
N LEU A 32 21.98 16.92 5.03
CA LEU A 32 20.51 16.74 5.01
C LEU A 32 19.98 15.46 5.62
N ARG A 33 20.85 14.50 5.84
CA ARG A 33 20.50 13.38 6.65
C ARG A 33 20.15 13.69 8.08
N TYR A 34 20.53 14.87 8.60
CA TYR A 34 20.44 15.14 10.00
C TYR A 34 19.53 16.31 10.26
N ILE A 35 18.64 16.58 9.33
CA ILE A 35 17.58 17.55 9.47
C ILE A 35 16.20 16.91 9.12
N LYS A 36 15.35 16.75 10.14
CA LYS A 36 14.00 16.14 10.00
C LYS A 36 13.15 16.99 9.11
N GLN A 37 12.53 16.32 8.18
CA GLN A 37 11.63 17.03 7.27
C GLN A 37 10.59 17.84 8.02
N LEU A 38 9.96 17.24 9.02
CA LEU A 38 8.77 17.83 9.62
C LEU A 38 9.04 18.38 11.03
N GLY A 39 10.30 18.42 11.42
CA GLY A 39 10.72 19.06 12.71
C GLY A 39 10.01 18.45 13.91
N GLY A 40 9.26 19.28 14.62
CA GLY A 40 8.53 18.86 15.82
C GLY A 40 7.40 17.86 15.53
N GLY A 41 7.01 17.72 14.28
CA GLY A 41 5.95 16.75 13.87
C GLY A 41 6.26 15.34 14.28
N TYR A 42 7.56 15.00 14.31
CA TYR A 42 8.01 13.67 14.71
C TYR A 42 7.62 13.37 16.16
N TYR A 43 7.50 14.40 16.99
CA TYR A 43 7.13 14.26 18.39
C TYR A 43 5.59 14.07 18.55
N VAL A 44 4.84 14.21 17.45
CA VAL A 44 3.40 13.91 17.45
C VAL A 44 3.08 12.69 16.59
N PHE A 45 3.75 12.59 15.44
CA PHE A 45 3.59 11.46 14.50
C PHE A 45 4.87 10.68 14.43
N PRO A 46 4.92 9.54 15.08
CA PRO A 46 6.22 8.91 15.22
C PRO A 46 6.73 8.20 14.01
N GLY A 47 5.90 8.09 12.97
CA GLY A 47 6.37 7.62 11.73
C GLY A 47 7.13 8.65 10.95
N ALA A 48 6.95 9.92 11.32
CA ALA A 48 7.65 11.03 10.62
C ALA A 48 9.13 11.28 11.10
N SER A 49 9.92 10.24 10.93
CA SER A 49 11.36 10.22 11.21
C SER A 49 12.18 10.69 10.01
N HIS A 50 11.52 10.77 8.83
CA HIS A 50 12.21 11.12 7.60
C HIS A 50 12.93 12.48 7.63
N ASN A 51 14.06 12.54 6.91
CA ASN A 51 14.88 13.73 6.82
C ASN A 51 14.87 14.33 5.44
N ARG A 52 15.38 15.53 5.33
CA ARG A 52 15.40 16.26 4.08
C ARG A 52 16.16 15.55 3.00
N PHE A 53 17.14 14.74 3.36
CA PHE A 53 18.02 14.05 2.43
C PHE A 53 17.24 13.16 1.42
N GLU A 54 16.48 12.20 1.94
CA GLU A 54 15.64 11.35 1.11
C GLU A 54 14.57 12.18 0.31
N HIS A 55 14.05 13.26 0.88
CA HIS A 55 13.09 14.08 0.16
C HIS A 55 13.78 14.71 -1.02
N SER A 56 15.01 15.19 -0.83
CA SER A 56 15.77 15.79 -1.93
C SER A 56 16.07 14.83 -3.06
N LEU A 57 16.43 13.59 -2.72
CA LEU A 57 16.56 12.57 -3.75
C LEU A 57 15.26 12.45 -4.52
N GLY A 58 14.14 12.46 -3.83
CA GLY A 58 12.87 12.25 -4.50
C GLY A 58 12.57 13.41 -5.43
N VAL A 59 12.85 14.62 -5.00
CA VAL A 59 12.52 15.78 -5.78
C VAL A 59 13.35 15.76 -7.07
N GLY A 60 14.63 15.43 -6.94
CA GLY A 60 15.50 15.36 -8.08
C GLY A 60 15.06 14.28 -9.05
N TYR A 61 14.65 13.15 -8.54
CA TYR A 61 14.11 12.07 -9.42
C TYR A 61 12.87 12.56 -10.21
N LEU A 62 11.94 13.21 -9.51
CA LEU A 62 10.73 13.64 -10.14
C LEU A 62 10.96 14.73 -11.16
N ALA A 63 11.93 15.59 -10.88
CA ALA A 63 12.28 16.64 -11.82
C ALA A 63 12.78 16.03 -13.11
N GLY A 64 13.62 15.02 -12.99
CA GLY A 64 14.05 14.22 -14.13
C GLY A 64 12.89 13.53 -14.91
N CYS A 65 11.93 12.95 -14.21
CA CYS A 65 10.80 12.28 -14.87
C CYS A 65 10.01 13.27 -15.72
N LEU A 66 9.71 14.43 -15.16
CA LEU A 66 8.85 15.37 -15.88
C LEU A 66 9.56 15.88 -17.11
N VAL A 67 10.80 16.30 -16.95
CA VAL A 67 11.55 16.81 -18.07
C VAL A 67 11.77 15.74 -19.15
N HIS A 68 12.13 14.50 -18.77
CA HIS A 68 12.18 13.42 -19.76
C HIS A 68 10.84 13.29 -20.51
N ALA A 69 9.74 13.30 -19.76
CA ALA A 69 8.42 13.03 -20.36
C ALA A 69 8.02 14.04 -21.40
N LEU A 70 8.27 15.30 -21.09
CA LEU A 70 8.05 16.34 -22.04
C LEU A 70 8.89 16.16 -23.31
N GLY A 71 10.18 15.89 -23.12
CA GLY A 71 11.11 15.68 -24.22
C GLY A 71 10.70 14.53 -25.11
N GLU A 72 10.21 13.44 -24.52
CA GLU A 72 9.79 12.28 -25.29
C GLU A 72 8.59 12.62 -26.11
N LYS A 73 7.59 13.26 -25.49
CA LYS A 73 6.33 13.62 -26.18
C LYS A 73 6.55 14.73 -27.23
N GLN A 74 7.47 15.65 -26.99
CA GLN A 74 7.65 16.80 -27.87
C GLN A 74 9.14 17.07 -28.15
N PRO A 75 9.77 16.26 -29.05
CA PRO A 75 11.14 16.47 -29.49
C PRO A 75 11.44 17.86 -30.04
N GLU A 76 10.43 18.49 -30.66
CA GLU A 76 10.59 19.84 -31.18
C GLU A 76 11.07 20.84 -30.14
N LEU A 77 10.89 20.52 -28.86
CA LEU A 77 11.35 21.41 -27.80
C LEU A 77 12.88 21.46 -27.69
N GLN A 78 13.57 20.44 -28.22
CA GLN A 78 15.03 20.39 -28.19
C GLN A 78 15.57 20.32 -26.79
N ILE A 79 14.95 19.54 -25.94
CA ILE A 79 15.48 19.40 -24.59
C ILE A 79 16.76 18.54 -24.69
N SER A 80 17.88 19.04 -24.18
CA SER A 80 19.14 18.30 -24.23
C SER A 80 19.40 17.52 -22.95
N GLU A 81 20.29 16.53 -23.01
CA GLU A 81 20.79 15.87 -21.81
C GLU A 81 21.31 16.91 -20.80
N ARG A 82 21.93 17.95 -21.31
CA ARG A 82 22.41 19.02 -20.47
C ARG A 82 21.27 19.67 -19.66
N ASP A 83 20.15 19.93 -20.36
CA ASP A 83 18.95 20.48 -19.71
C ASP A 83 18.41 19.55 -18.59
N VAL A 84 18.40 18.26 -18.88
CA VAL A 84 17.94 17.26 -17.95
C VAL A 84 18.78 17.26 -16.69
N LEU A 85 20.10 17.26 -16.85
CA LEU A 85 20.96 17.23 -15.69
C LEU A 85 20.81 18.49 -14.85
N CYS A 86 20.62 19.63 -15.50
CA CYS A 86 20.53 20.87 -14.76
C CYS A 86 19.26 20.91 -13.95
N VAL A 87 18.21 20.33 -14.49
CA VAL A 87 16.94 20.31 -13.79
C VAL A 87 16.99 19.32 -12.64
N GLN A 88 17.56 18.14 -12.89
CA GLN A 88 17.77 17.21 -11.79
C GLN A 88 18.58 17.85 -10.65
N ILE A 89 19.64 18.57 -10.98
CA ILE A 89 20.52 19.13 -9.93
C ILE A 89 19.79 20.16 -9.12
N ALA A 90 19.03 21.02 -9.79
CA ALA A 90 18.18 21.97 -9.09
C ALA A 90 17.21 21.25 -8.18
N GLY A 91 16.68 20.14 -8.65
CA GLY A 91 15.73 19.39 -7.86
C GLY A 91 16.34 18.83 -6.60
N LEU A 92 17.48 18.15 -6.74
CA LEU A 92 18.23 17.69 -5.58
C LEU A 92 18.59 18.79 -4.60
N CYS A 93 18.88 19.96 -5.13
CA CYS A 93 19.60 20.97 -4.32
C CYS A 93 18.73 22.06 -3.72
N ARG A 94 17.43 22.02 -4.01
CA ARG A 94 16.59 23.09 -3.50
C ARG A 94 16.29 23.00 -2.02
N ASN A 95 16.62 21.88 -1.37
CA ASN A 95 16.47 21.79 0.06
C ASN A 95 17.79 22.02 0.85
N LEU A 96 18.89 22.36 0.18
CA LEU A 96 20.18 22.48 0.84
C LEU A 96 20.20 23.50 1.95
N GLY A 97 19.41 24.54 1.86
CA GLY A 97 19.47 25.66 2.80
C GLY A 97 18.66 25.53 4.07
N HIS A 98 17.98 24.41 4.25
CA HIS A 98 17.20 24.23 5.45
C HIS A 98 18.11 24.10 6.64
N GLY A 99 17.61 24.55 7.77
CA GLY A 99 18.39 24.45 9.04
C GLY A 99 17.72 23.47 9.97
N PRO A 100 18.21 23.37 11.20
CA PRO A 100 17.61 22.52 12.21
C PRO A 100 16.11 22.57 12.32
N PHE A 101 15.53 21.38 12.31
CA PHE A 101 14.06 21.19 12.31
C PHE A 101 13.35 21.92 11.17
N SER A 102 14.04 22.10 10.06
CA SER A 102 13.40 22.62 8.82
C SER A 102 12.71 23.97 9.03
N HIS A 103 11.39 24.03 8.88
CA HIS A 103 10.68 25.31 8.93
C HIS A 103 10.68 26.02 10.28
N MET A 104 10.98 25.27 11.34
CA MET A 104 11.16 25.87 12.63
C MET A 104 12.25 26.94 12.55
N PHE A 105 13.30 26.67 11.77
CA PHE A 105 14.52 27.48 11.77
C PHE A 105 14.32 28.84 11.12
N ASP A 106 13.88 28.84 9.88
CA ASP A 106 13.61 30.11 9.19
C ASP A 106 12.26 30.68 9.55
N GLY A 107 11.34 29.86 9.96
CA GLY A 107 9.99 30.32 10.27
C GLY A 107 9.81 30.88 11.66
N ARG A 108 10.57 30.36 12.64
CA ARG A 108 10.40 30.81 14.02
C ARG A 108 11.66 31.39 14.62
N PHE A 109 12.78 30.68 14.49
CA PHE A 109 14.00 31.03 15.23
C PHE A 109 14.74 32.25 14.69
N ILE A 110 15.10 32.23 13.41
CA ILE A 110 15.85 33.33 12.83
C ILE A 110 15.09 34.65 12.95
N PRO A 111 13.78 34.64 12.60
CA PRO A 111 13.03 35.87 12.79
C PRO A 111 13.13 36.43 14.21
N LEU A 112 13.09 35.57 15.23
CA LEU A 112 13.20 36.04 16.60
C LEU A 112 14.60 36.36 17.02
N ALA A 113 15.60 35.62 16.57
CA ALA A 113 16.99 35.88 16.99
C ALA A 113 17.67 37.01 16.23
N ARG A 114 17.26 37.25 14.99
CA ARG A 114 17.88 38.26 14.13
C ARG A 114 16.80 38.92 13.29
N PRO A 115 15.93 39.71 13.95
CA PRO A 115 14.82 40.37 13.30
C PRO A 115 15.24 41.33 12.18
N GLU A 116 16.45 41.90 12.26
CA GLU A 116 16.94 42.84 11.24
C GLU A 116 17.27 42.14 9.90
N VAL A 117 17.69 40.88 9.95
CA VAL A 117 18.03 40.15 8.72
C VAL A 117 16.77 39.65 8.06
N LYS A 118 16.81 39.51 6.75
CA LYS A 118 15.77 38.82 6.01
C LYS A 118 16.38 37.56 5.42
N TRP A 119 15.90 36.39 5.83
CA TRP A 119 16.56 35.09 5.48
C TRP A 119 15.57 34.02 5.14
N THR A 120 15.85 33.25 4.11
CA THR A 120 14.96 32.16 3.72
C THR A 120 15.80 30.96 3.38
N HIS A 121 15.20 29.77 3.53
CA HIS A 121 15.86 28.53 3.17
C HIS A 121 16.22 28.54 1.69
N GLU A 122 15.43 29.21 0.86
CA GLU A 122 15.74 29.31 -0.58
C GLU A 122 17.06 30.02 -0.83
N GLN A 123 17.26 31.12 -0.09
CA GLN A 123 18.50 31.87 -0.17
C GLN A 123 19.63 30.99 0.30
N GLY A 124 19.43 30.34 1.43
CA GLY A 124 20.41 29.39 1.97
C GLY A 124 20.79 28.29 0.99
N SER A 125 19.81 27.79 0.22
CA SER A 125 20.08 26.71 -0.71
C SER A 125 21.04 27.15 -1.82
N VAL A 126 20.82 28.35 -2.32
CA VAL A 126 21.73 28.94 -3.28
C VAL A 126 23.17 29.10 -2.73
N MET A 127 23.30 29.66 -1.54
CA MET A 127 24.60 29.84 -0.94
C MET A 127 25.25 28.50 -0.67
N MET A 128 24.48 27.54 -0.15
CA MET A 128 25.03 26.23 0.15
C MET A 128 25.47 25.52 -1.12
N PHE A 129 24.71 25.72 -2.17
CA PHE A 129 25.04 25.11 -3.44
C PHE A 129 26.36 25.66 -3.97
N GLU A 130 26.52 26.98 -3.98
CA GLU A 130 27.79 27.60 -4.35
C GLU A 130 28.93 27.00 -3.53
N HIS A 131 28.76 27.00 -2.21
CA HIS A 131 29.76 26.42 -1.33
C HIS A 131 30.06 24.98 -1.70
N LEU A 132 29.02 24.20 -1.95
CA LEU A 132 29.17 22.80 -2.30
C LEU A 132 29.99 22.64 -3.57
N ILE A 133 29.65 23.40 -4.60
CA ILE A 133 30.35 23.34 -5.88
C ILE A 133 31.85 23.69 -5.73
N ASN A 134 32.12 24.78 -5.03
CA ASN A 134 33.49 25.28 -4.89
C ASN A 134 34.34 24.42 -3.98
N SER A 135 33.81 24.05 -2.81
CA SER A 135 34.53 23.18 -1.87
C SER A 135 34.84 21.81 -2.40
N ASN A 136 34.20 21.37 -3.47
CA ASN A 136 34.38 19.99 -3.88
C ASN A 136 34.81 19.80 -5.32
N GLY A 137 35.22 20.87 -5.99
CA GLY A 137 35.75 20.74 -7.34
C GLY A 137 34.75 20.13 -8.29
N ILE A 138 33.51 20.61 -8.23
CA ILE A 138 32.48 20.03 -9.05
C ILE A 138 32.55 20.56 -10.48
N LYS A 139 32.91 21.82 -10.65
CA LYS A 139 32.95 22.45 -11.99
C LYS A 139 33.68 21.63 -13.05
N PRO A 140 34.87 21.11 -12.74
CA PRO A 140 35.54 20.21 -13.69
C PRO A 140 34.71 19.00 -14.06
N VAL A 141 34.03 18.42 -13.07
CA VAL A 141 33.19 17.24 -13.31
C VAL A 141 31.95 17.61 -14.16
N MET A 142 31.38 18.79 -13.92
CA MET A 142 30.30 19.28 -14.75
C MET A 142 30.72 19.37 -16.22
N GLU A 143 31.87 19.99 -16.50
CA GLU A 143 32.28 20.15 -17.90
C GLU A 143 32.68 18.81 -18.48
N GLN A 144 33.22 17.91 -17.67
CA GLN A 144 33.45 16.53 -18.11
C GLN A 144 32.19 15.85 -18.67
N TYR A 145 31.01 16.23 -18.18
CA TYR A 145 29.78 15.63 -18.63
C TYR A 145 28.99 16.56 -19.53
N GLY A 146 29.63 17.59 -20.05
CA GLY A 146 29.00 18.43 -21.07
C GLY A 146 28.25 19.63 -20.57
N LEU A 147 28.38 19.95 -19.29
CA LEU A 147 27.76 21.18 -18.80
C LEU A 147 28.68 22.37 -19.00
N ILE A 148 28.09 23.55 -19.03
CA ILE A 148 28.82 24.81 -19.14
C ILE A 148 28.57 25.61 -17.88
N PRO A 149 29.50 25.51 -16.92
CA PRO A 149 29.29 26.06 -15.59
C PRO A 149 28.76 27.50 -15.48
N GLU A 150 29.27 28.44 -16.28
CA GLU A 150 28.78 29.81 -16.15
C GLU A 150 27.26 29.83 -16.32
N GLU A 151 26.80 29.30 -17.44
CA GLU A 151 25.37 29.29 -17.79
C GLU A 151 24.55 28.40 -16.86
N ASP A 152 25.09 27.20 -16.64
CA ASP A 152 24.35 26.15 -15.99
C ASP A 152 24.18 26.37 -14.49
N ILE A 153 25.22 26.88 -13.86
CA ILE A 153 25.14 27.21 -12.44
C ILE A 153 24.16 28.34 -12.19
N CYS A 154 24.12 29.29 -13.11
CA CYS A 154 23.13 30.35 -13.04
C CYS A 154 21.74 29.74 -13.20
N PHE A 155 21.60 28.87 -14.19
CA PHE A 155 20.33 28.22 -14.46
C PHE A 155 19.79 27.51 -13.23
N ILE A 156 20.64 26.70 -12.61
CA ILE A 156 20.31 25.96 -11.42
C ILE A 156 19.92 26.88 -10.27
N LYS A 157 20.70 27.92 -10.02
CA LYS A 157 20.38 28.86 -8.96
C LYS A 157 19.05 29.54 -9.20
N GLU A 158 18.80 29.89 -10.46
CA GLU A 158 17.60 30.58 -10.83
C GLU A 158 16.36 29.72 -10.61
N GLN A 159 16.47 28.44 -10.93
CA GLN A 159 15.39 27.48 -10.71
C GLN A 159 14.99 27.44 -9.23
N ILE A 160 15.97 27.58 -8.34
CA ILE A 160 15.70 27.47 -6.92
C ILE A 160 15.10 28.75 -6.35
N VAL A 161 15.67 29.88 -6.73
CA VAL A 161 15.38 31.11 -6.03
C VAL A 161 14.71 32.18 -6.88
N GLY A 162 14.64 31.97 -8.20
CA GLY A 162 14.12 32.96 -9.10
C GLY A 162 15.22 33.78 -9.75
N PRO A 163 14.84 34.86 -10.44
CA PRO A 163 15.83 35.69 -11.12
C PRO A 163 16.75 36.32 -10.10
N LEU A 164 18.04 36.31 -10.38
CA LEU A 164 19.05 36.82 -9.44
C LEU A 164 19.09 38.36 -9.46
N GLU A 165 18.63 38.98 -10.54
CA GLU A 165 18.27 40.39 -10.53
C GLU A 165 16.92 40.47 -9.84
N LEU A 172 10.14 42.06 -20.44
CA LEU A 172 11.52 41.74 -20.17
C LEU A 172 11.64 40.25 -19.71
N TRP A 173 12.35 39.39 -20.46
CA TRP A 173 12.73 38.03 -19.96
C TRP A 173 13.81 38.17 -18.88
N PRO A 174 13.47 37.88 -17.60
CA PRO A 174 14.42 38.16 -16.52
C PRO A 174 15.44 37.06 -16.21
N TYR A 175 15.40 35.94 -16.93
CA TYR A 175 16.29 34.81 -16.62
C TYR A 175 17.46 34.80 -17.59
N LYS A 176 18.64 34.52 -17.05
CA LYS A 176 19.85 34.41 -17.87
C LYS A 176 20.34 32.98 -18.12
N GLY A 177 19.89 32.01 -17.32
CA GLY A 177 20.39 30.65 -17.46
C GLY A 177 19.87 29.96 -18.70
N ARG A 178 18.66 30.32 -19.12
CA ARG A 178 18.10 29.82 -20.35
C ARG A 178 17.21 30.87 -20.98
N PRO A 179 17.05 30.80 -22.31
CA PRO A 179 16.18 31.72 -23.04
C PRO A 179 14.70 31.36 -22.99
N GLU A 180 13.87 32.26 -23.51
CA GLU A 180 12.40 32.10 -23.46
C GLU A 180 11.84 30.83 -24.07
N ASN A 181 12.53 30.30 -25.07
CA ASN A 181 12.10 29.08 -25.75
C ASN A 181 12.22 27.85 -24.84
N LYS A 182 12.95 27.99 -23.74
CA LYS A 182 13.04 26.96 -22.70
C LYS A 182 12.38 27.40 -21.37
N SER A 183 11.47 28.36 -21.46
CA SER A 183 10.77 28.92 -20.28
C SER A 183 10.13 27.85 -19.41
N PHE A 184 9.56 26.85 -20.05
CA PHE A 184 8.91 25.79 -19.35
C PHE A 184 9.79 25.06 -18.30
N LEU A 185 11.11 25.06 -18.51
CA LEU A 185 12.00 24.38 -17.60
C LEU A 185 12.01 24.99 -16.21
N TYR A 186 11.71 26.28 -16.11
CA TYR A 186 11.65 26.97 -14.84
C TYR A 186 10.38 26.68 -14.05
N GLU A 187 9.49 25.89 -14.60
CA GLU A 187 8.23 25.59 -13.97
C GLU A 187 8.28 24.24 -13.29
N ILE A 188 9.40 23.55 -13.40
CA ILE A 188 9.51 22.15 -12.90
C ILE A 188 9.87 22.03 -11.40
N VAL A 189 10.93 22.71 -11.00
CA VAL A 189 11.47 22.49 -9.64
C VAL A 189 10.85 23.39 -8.60
N SER A 190 10.72 24.65 -8.95
CA SER A 190 10.11 25.59 -8.06
C SER A 190 9.35 26.61 -8.87
N ASN A 191 8.06 26.37 -8.97
CA ASN A 191 7.17 27.05 -9.89
C ASN A 191 6.64 28.30 -9.24
N LYS A 192 7.20 29.43 -9.63
CA LYS A 192 6.88 30.71 -8.98
C LYS A 192 5.53 31.24 -9.42
N ARG A 193 5.02 30.72 -10.53
CA ARG A 193 3.80 31.25 -11.09
C ARG A 193 2.56 30.74 -10.33
N ASN A 194 2.51 29.45 -10.07
CA ASN A 194 1.33 28.84 -9.41
C ASN A 194 1.62 27.78 -8.31
N GLY A 195 2.89 27.43 -8.10
CA GLY A 195 3.24 26.46 -7.11
C GLY A 195 3.07 24.99 -7.45
N ILE A 196 2.71 24.69 -8.69
CA ILE A 196 2.58 23.29 -9.10
C ILE A 196 3.94 22.81 -9.60
N ASP A 197 4.66 22.13 -8.72
CA ASP A 197 6.02 21.64 -8.99
C ASP A 197 6.27 20.33 -8.28
N VAL A 198 7.36 19.70 -8.64
CA VAL A 198 7.69 18.38 -8.16
C VAL A 198 8.09 18.30 -6.68
N ASP A 199 8.40 19.43 -6.07
CA ASP A 199 8.74 19.45 -4.62
C ASP A 199 7.52 19.03 -3.81
N LYS A 200 6.36 19.60 -4.14
CA LYS A 200 5.10 19.20 -3.54
C LYS A 200 4.78 17.75 -3.79
N TRP A 201 5.00 17.29 -5.00
CA TRP A 201 4.63 15.94 -5.33
C TRP A 201 5.43 14.97 -4.51
N ASP A 202 6.74 15.21 -4.32
CA ASP A 202 7.48 14.30 -3.43
C ASP A 202 6.97 14.44 -2.01
N TYR A 203 6.78 15.64 -1.47
CA TYR A 203 6.43 15.68 -0.04
C TYR A 203 5.04 15.14 0.30
N PHE A 204 4.07 15.38 -0.56
CA PHE A 204 2.75 14.74 -0.41
C PHE A 204 2.87 13.25 -0.22
N ALA A 205 3.58 12.60 -1.12
CA ALA A 205 3.68 11.16 -1.08
C ALA A 205 4.55 10.66 0.07
N ARG A 206 5.65 11.35 0.30
CA ARG A 206 6.60 10.91 1.32
C ARG A 206 6.02 11.17 2.71
N ASP A 207 5.49 12.36 2.94
CA ASP A 207 4.94 12.69 4.25
C ASP A 207 3.79 11.76 4.57
N CYS A 208 2.91 11.47 3.59
CA CYS A 208 1.78 10.60 3.86
C CYS A 208 2.20 9.22 4.27
N HIS A 209 3.09 8.66 3.47
CA HIS A 209 3.71 7.34 3.75
C HIS A 209 4.25 7.25 5.20
N HIS A 210 4.77 8.35 5.70
CA HIS A 210 5.41 8.35 7.01
C HIS A 210 4.48 8.71 8.12
N LEU A 211 3.57 9.62 7.85
CA LEU A 211 2.62 10.05 8.85
C LEU A 211 1.59 9.01 9.13
N GLY A 212 1.29 8.19 8.09
CA GLY A 212 0.19 7.24 8.13
C GLY A 212 -1.11 7.88 7.73
N ILE A 213 -1.08 8.83 6.79
CA ILE A 213 -2.32 9.30 6.22
C ILE A 213 -2.23 9.11 4.74
N GLN A 214 -3.35 9.28 4.05
CA GLN A 214 -3.42 8.93 2.66
C GLN A 214 -3.32 10.17 1.73
N ASN A 215 -2.45 10.06 0.73
CA ASN A 215 -2.23 11.11 -0.24
C ASN A 215 -3.21 10.99 -1.39
N ASN A 216 -3.99 12.05 -1.62
CA ASN A 216 -5.00 12.04 -2.67
C ASN A 216 -4.43 12.30 -4.11
N PHE A 217 -3.18 12.79 -4.25
CA PHE A 217 -2.67 13.27 -5.58
C PHE A 217 -1.77 12.38 -6.47
N ASP A 218 -2.23 12.19 -7.71
CA ASP A 218 -1.58 11.32 -8.66
C ASP A 218 -0.64 12.09 -9.60
N TYR A 219 0.61 12.28 -9.18
CA TYR A 219 1.54 13.07 -9.96
C TYR A 219 1.91 12.40 -11.25
N LYS A 220 1.92 11.08 -11.25
CA LYS A 220 2.22 10.34 -12.49
C LYS A 220 1.18 10.58 -13.56
N ARG A 221 -0.08 10.59 -13.18
CA ARG A 221 -1.14 10.92 -14.09
C ARG A 221 -0.88 12.30 -14.66
N PHE A 222 -0.54 13.25 -13.77
CA PHE A 222 -0.44 14.61 -14.19
C PHE A 222 0.67 14.81 -15.21
N ILE A 223 1.77 14.12 -14.97
CA ILE A 223 2.94 14.16 -15.85
C ILE A 223 2.61 13.59 -17.21
N LYS A 224 1.89 12.49 -17.24
CA LYS A 224 1.45 11.98 -18.50
C LYS A 224 0.63 12.94 -19.34
N PHE A 225 -0.15 13.82 -18.73
CA PHE A 225 -1.03 14.70 -19.51
C PHE A 225 -0.42 16.08 -19.65
N ALA A 226 0.86 16.22 -19.34
CA ALA A 226 1.44 17.53 -19.45
C ALA A 226 2.00 17.75 -20.87
N ARG A 227 1.81 18.96 -21.39
CA ARG A 227 2.37 19.37 -22.67
C ARG A 227 2.92 20.79 -22.55
N VAL A 228 3.79 21.15 -23.48
CA VAL A 228 4.25 22.53 -23.55
C VAL A 228 3.51 23.21 -24.67
N CYS A 229 2.95 24.38 -24.37
CA CYS A 229 2.24 25.19 -25.37
C CYS A 229 2.70 26.64 -25.25
N GLU A 230 2.61 27.36 -26.36
CA GLU A 230 2.87 28.79 -26.39
C GLU A 230 1.79 29.54 -25.61
N VAL A 231 2.21 30.38 -24.69
CA VAL A 231 1.32 31.27 -23.97
C VAL A 231 2.06 32.60 -23.92
N ASP A 232 1.46 33.62 -24.54
CA ASP A 232 2.01 34.98 -24.59
C ASP A 232 3.50 34.99 -24.92
N ASN A 233 3.88 34.30 -26.00
CA ASN A 233 5.28 34.25 -26.50
C ASN A 233 6.29 33.60 -25.57
N GLU A 234 5.79 32.85 -24.59
CA GLU A 234 6.59 31.98 -23.76
C GLU A 234 6.11 30.59 -24.06
N LEU A 235 7.01 29.62 -23.97
CA LEU A 235 6.62 28.21 -23.93
C LEU A 235 6.42 27.76 -22.48
N ARG A 236 5.20 27.38 -22.14
CA ARG A 236 4.85 26.97 -20.79
C ARG A 236 4.25 25.59 -20.74
N ILE A 237 4.39 24.98 -19.57
CA ILE A 237 3.81 23.69 -19.33
C ILE A 237 2.33 23.88 -19.20
N CYS A 238 1.58 22.97 -19.81
CA CYS A 238 0.14 23.05 -19.80
C CYS A 238 -0.46 21.72 -19.44
N ALA A 239 -1.53 21.79 -18.67
CA ALA A 239 -2.25 20.61 -18.22
C ALA A 239 -3.47 20.41 -19.05
N ARG A 240 -3.83 19.15 -19.23
CA ARG A 240 -5.01 18.80 -20.01
C ARG A 240 -6.21 19.36 -19.26
N ASP A 241 -7.15 19.94 -19.98
CA ASP A 241 -8.34 20.58 -19.41
C ASP A 241 -9.08 19.76 -18.36
N LYS A 242 -9.25 18.48 -18.61
CA LYS A 242 -9.99 17.66 -17.65
C LYS A 242 -9.26 17.38 -16.31
N GLU A 243 -7.96 17.66 -16.24
CA GLU A 243 -7.24 17.55 -14.99
C GLU A 243 -7.47 18.69 -14.02
N VAL A 244 -8.28 19.68 -14.40
CA VAL A 244 -8.49 20.82 -13.56
C VAL A 244 -9.09 20.48 -12.20
N GLY A 245 -10.00 19.52 -12.14
CA GLY A 245 -10.54 19.06 -10.85
C GLY A 245 -9.44 18.49 -9.95
N ASN A 246 -8.56 17.71 -10.55
CA ASN A 246 -7.45 17.11 -9.85
C ASN A 246 -6.46 18.15 -9.32
N LEU A 247 -6.32 19.28 -10.01
CA LEU A 247 -5.49 20.35 -9.50
C LEU A 247 -6.09 21.04 -8.31
N TYR A 248 -7.37 21.34 -8.38
CA TYR A 248 -8.07 21.83 -7.23
C TYR A 248 -7.87 20.90 -6.03
N ASP A 249 -7.98 19.60 -6.28
CA ASP A 249 -7.83 18.60 -5.25
C ASP A 249 -6.40 18.51 -4.68
N MET A 250 -5.42 18.78 -5.52
CA MET A 250 -4.08 18.87 -5.11
C MET A 250 -3.96 19.90 -3.99
N PHE A 251 -4.53 21.10 -4.19
CA PHE A 251 -4.35 22.16 -3.12
C PHE A 251 -5.26 21.88 -1.93
N HIS A 252 -6.37 21.19 -2.18
CA HIS A 252 -7.18 20.76 -1.06
C HIS A 252 -6.38 19.83 -0.10
N THR A 253 -5.70 18.88 -0.70
CA THR A 253 -4.82 17.96 -0.04
C THR A 253 -3.70 18.67 0.69
N ARG A 254 -3.05 19.61 0.03
CA ARG A 254 -2.08 20.42 0.69
C ARG A 254 -2.67 21.02 1.97
N ASN A 255 -3.85 21.59 1.88
CA ASN A 255 -4.47 22.23 3.02
C ASN A 255 -4.80 21.27 4.17
N SER A 256 -5.27 20.09 3.81
CA SER A 256 -5.51 19.07 4.80
C SER A 256 -4.26 18.64 5.51
N LEU A 257 -3.16 18.53 4.78
CA LEU A 257 -1.92 18.09 5.39
C LEU A 257 -1.43 19.15 6.37
N HIS A 258 -1.62 20.43 6.04
CA HIS A 258 -1.30 21.50 6.95
C HIS A 258 -2.21 21.47 8.19
N ARG A 259 -3.47 21.17 7.99
CA ARG A 259 -4.41 21.14 9.10
C ARG A 259 -4.15 20.03 10.08
N ARG A 260 -3.93 18.84 9.59
CA ARG A 260 -3.82 17.72 10.45
C ARG A 260 -2.38 17.51 10.91
N ALA A 261 -1.41 17.90 10.10
CA ALA A 261 -0.06 17.53 10.41
C ALA A 261 0.92 18.71 10.58
N TYR A 262 1.16 19.48 9.54
CA TYR A 262 2.21 20.44 9.60
C TYR A 262 1.94 21.53 10.62
N GLN A 263 0.68 21.83 10.89
CA GLN A 263 0.28 22.78 11.88
C GLN A 263 -0.45 22.10 13.04
N HIS A 264 -0.21 20.86 13.30
CA HIS A 264 -0.81 20.26 14.45
C HIS A 264 -0.43 21.10 15.68
N LYS A 265 -1.41 21.39 16.52
CA LYS A 265 -1.26 22.33 17.62
C LYS A 265 -0.12 21.95 18.57
N VAL A 266 0.04 20.67 18.86
CA VAL A 266 1.13 20.22 19.67
C VAL A 266 2.47 20.19 18.95
N GLY A 267 2.50 19.82 17.69
CA GLY A 267 3.73 19.88 16.93
C GLY A 267 4.26 21.28 16.90
N ASN A 268 3.37 22.26 16.78
CA ASN A 268 3.77 23.63 16.70
C ASN A 268 4.31 24.14 18.08
N ILE A 269 3.71 23.70 19.17
CA ILE A 269 4.13 24.18 20.46
C ILE A 269 5.46 23.57 20.79
N ILE A 270 5.72 22.36 20.32
CA ILE A 270 7.03 21.79 20.46
C ILE A 270 8.08 22.56 19.68
N ASP A 271 7.75 22.95 18.45
CA ASP A 271 8.64 23.79 17.67
C ASP A 271 8.92 25.12 18.41
N THR A 272 7.89 25.65 19.06
CA THR A 272 8.02 26.85 19.82
C THR A 272 8.95 26.68 21.03
N MET A 273 8.79 25.56 21.72
CA MET A 273 9.62 25.28 22.89
C MET A 273 11.08 25.08 22.49
N ILE A 274 11.29 24.37 21.41
CA ILE A 274 12.62 24.17 20.90
C ILE A 274 13.22 25.52 20.51
N THR A 275 12.42 26.35 19.85
CA THR A 275 12.89 27.65 19.45
C THR A 275 13.34 28.46 20.70
N ASP A 276 12.53 28.44 21.76
CA ASP A 276 12.85 29.11 23.02
C ASP A 276 14.19 28.65 23.58
N ALA A 277 14.39 27.34 23.58
CA ALA A 277 15.63 26.78 24.08
C ALA A 277 16.83 27.22 23.24
N PHE A 278 16.65 27.25 21.91
CA PHE A 278 17.70 27.68 21.04
C PHE A 278 18.06 29.12 21.34
N LEU A 279 17.07 29.98 21.55
CA LEU A 279 17.31 31.37 21.88
C LEU A 279 18.15 31.52 23.17
N LYS A 280 17.84 30.75 24.20
CA LYS A 280 18.57 30.77 25.46
C LYS A 280 19.96 30.18 25.41
N ALA A 281 20.23 29.41 24.36
CA ALA A 281 21.50 28.79 24.19
C ALA A 281 22.36 29.52 23.18
N ASP A 282 21.78 30.45 22.45
CA ASP A 282 22.46 31.08 21.31
C ASP A 282 23.79 31.80 21.66
N ASP A 283 23.86 32.40 22.86
CA ASP A 283 25.11 33.06 23.29
C ASP A 283 26.23 32.07 23.56
N TYR A 284 25.90 30.85 23.95
CA TYR A 284 26.90 29.95 24.51
C TYR A 284 27.33 28.84 23.59
N ILE A 285 26.51 28.51 22.59
CA ILE A 285 26.90 27.49 21.63
C ILE A 285 27.79 28.14 20.60
N GLU A 286 28.91 27.48 20.29
CA GLU A 286 29.80 28.02 19.27
C GLU A 286 30.13 27.01 18.19
N ILE A 287 30.05 27.48 16.95
CA ILE A 287 30.23 26.64 15.81
C ILE A 287 31.33 27.21 14.95
N THR A 288 32.30 26.37 14.66
CA THR A 288 33.49 26.79 13.99
C THR A 288 33.30 26.79 12.51
N GLY A 289 33.49 27.97 11.94
CA GLY A 289 33.33 28.20 10.52
C GLY A 289 34.65 28.35 9.79
N ALA A 290 34.64 29.15 8.73
CA ALA A 290 35.78 29.29 7.87
C ALA A 290 36.95 30.02 8.60
N GLY A 291 38.16 29.48 8.46
CA GLY A 291 39.35 30.03 9.11
C GLY A 291 39.32 30.00 10.63
N GLY A 292 38.72 28.96 11.20
CA GLY A 292 38.62 28.84 12.66
C GLY A 292 37.73 29.88 13.36
N LYS A 293 37.21 30.85 12.61
CA LYS A 293 36.30 31.84 13.17
C LYS A 293 35.04 31.16 13.77
N LYS A 294 34.47 31.78 14.80
CA LYS A 294 33.38 31.15 15.56
C LYS A 294 32.04 31.85 15.41
N TYR A 295 30.98 31.03 15.31
CA TYR A 295 29.65 31.53 15.03
C TYR A 295 28.65 31.00 16.03
N ARG A 296 27.57 31.73 16.16
CA ARG A 296 26.48 31.27 16.95
C ARG A 296 25.45 30.57 16.07
N ILE A 297 24.48 29.93 16.72
CA ILE A 297 23.40 29.27 16.01
C ILE A 297 22.78 30.27 15.04
N SER A 298 22.55 31.49 15.55
CA SER A 298 21.94 32.56 14.77
C SER A 298 22.83 33.21 13.73
N THR A 299 24.13 33.01 13.78
CA THR A 299 25.02 33.67 12.80
C THR A 299 25.68 32.68 11.88
N ALA A 300 25.43 31.39 12.11
CA ALA A 300 25.98 30.36 11.23
C ALA A 300 25.52 30.50 9.79
N ILE A 301 24.39 31.17 9.61
CA ILE A 301 23.87 31.45 8.27
C ILE A 301 24.73 32.42 7.46
N ASP A 302 25.68 33.06 8.13
CA ASP A 302 26.56 34.00 7.45
C ASP A 302 27.80 33.29 6.92
N ASP A 303 28.08 32.08 7.38
CA ASP A 303 29.19 31.30 6.85
C ASP A 303 28.80 29.84 6.57
N MET A 304 28.89 29.46 5.30
CA MET A 304 28.40 28.18 4.83
C MET A 304 29.16 27.00 5.40
N GLU A 305 30.44 27.21 5.68
CA GLU A 305 31.23 26.19 6.34
C GLU A 305 30.67 25.87 7.73
N ALA A 306 30.23 26.91 8.42
CA ALA A 306 29.65 26.72 9.75
C ALA A 306 28.24 26.13 9.60
N TYR A 307 27.49 26.62 8.62
CA TYR A 307 26.10 26.21 8.42
C TYR A 307 26.06 24.73 8.10
N THR A 308 27.05 24.26 7.36
CA THR A 308 27.24 22.84 7.11
C THR A 308 27.17 22.00 8.38
N LYS A 309 27.66 22.54 9.48
CA LYS A 309 27.70 21.82 10.74
C LYS A 309 26.52 22.13 11.66
N LEU A 310 25.55 22.87 11.16
CA LEU A 310 24.36 23.20 11.93
C LEU A 310 23.12 22.31 11.54
N THR A 311 22.80 21.33 12.39
CA THR A 311 21.75 20.38 12.17
C THR A 311 20.97 20.08 13.43
N ASP A 312 20.03 19.12 13.36
CA ASP A 312 19.21 18.74 14.51
C ASP A 312 20.09 18.37 15.72
N ASN A 313 21.33 18.01 15.45
CA ASN A 313 22.34 17.75 16.48
C ASN A 313 22.42 18.80 17.61
N ILE A 314 22.22 20.08 17.32
CA ILE A 314 22.21 21.06 18.37
C ILE A 314 21.17 20.85 19.46
N PHE A 315 20.04 20.27 19.10
CA PHE A 315 19.06 19.92 20.07
C PHE A 315 19.74 19.01 21.12
N LEU A 316 20.43 18.00 20.65
CA LEU A 316 21.00 17.01 21.56
C LEU A 316 22.27 17.52 22.27
N GLU A 317 23.03 18.39 21.61
CA GLU A 317 24.14 19.07 22.25
C GLU A 317 23.63 19.86 23.47
N ILE A 318 22.54 20.58 23.30
CA ILE A 318 21.94 21.27 24.41
C ILE A 318 21.38 20.30 25.45
N LEU A 319 20.68 19.29 25.00
CA LEU A 319 20.02 18.41 25.95
C LEU A 319 21.05 17.73 26.86
N TYR A 320 22.17 17.34 26.26
CA TYR A 320 23.17 16.56 26.96
C TYR A 320 24.24 17.42 27.66
N SER A 321 24.12 18.73 27.58
CA SER A 321 25.14 19.62 28.12
C SER A 321 25.16 19.63 29.66
N THR A 322 26.31 19.99 30.22
CA THR A 322 26.44 20.17 31.71
C THR A 322 26.82 21.58 32.12
N ASP A 323 27.33 22.37 31.18
CA ASP A 323 27.55 23.76 31.41
C ASP A 323 26.34 24.42 32.11
N PRO A 324 26.57 25.06 33.27
CA PRO A 324 25.49 25.83 33.91
C PRO A 324 25.00 27.00 33.09
N LYS A 325 25.80 27.51 32.14
CA LYS A 325 25.33 28.61 31.27
C LYS A 325 24.17 28.18 30.43
N LEU A 326 24.12 26.87 30.13
CA LEU A 326 23.05 26.26 29.30
C LEU A 326 21.91 25.68 30.14
N LYS A 327 21.96 25.80 31.47
CA LYS A 327 20.90 25.24 32.31
C LYS A 327 19.49 25.59 31.84
N ASP A 328 19.26 26.83 31.42
CA ASP A 328 17.90 27.29 31.13
C ASP A 328 17.40 26.59 29.87
N ALA A 329 18.27 26.54 28.87
CA ALA A 329 17.98 25.97 27.59
C ALA A 329 17.76 24.45 27.76
N ARG A 330 18.68 23.80 28.45
CA ARG A 330 18.57 22.39 28.78
C ARG A 330 17.26 22.06 29.51
N GLU A 331 16.83 22.92 30.42
CA GLU A 331 15.59 22.66 31.15
C GLU A 331 14.38 22.62 30.25
N ILE A 332 14.32 23.51 29.28
CA ILE A 332 13.20 23.54 28.37
C ILE A 332 13.10 22.23 27.58
N LEU A 333 14.21 21.78 27.01
CA LEU A 333 14.23 20.53 26.29
C LEU A 333 13.85 19.35 27.18
N LYS A 334 14.23 19.42 28.45
CA LYS A 334 13.93 18.32 29.35
C LYS A 334 12.43 18.27 29.60
N GLN A 335 11.78 19.43 29.60
CA GLN A 335 10.36 19.45 29.77
C GLN A 335 9.66 18.82 28.54
N ILE A 336 10.27 18.95 27.37
CA ILE A 336 9.76 18.24 26.18
C ILE A 336 9.80 16.70 26.37
N GLU A 337 10.92 16.14 26.84
CA GLU A 337 11.01 14.72 27.14
C GLU A 337 10.03 14.22 28.20
N TYR A 338 9.71 15.03 29.20
CA TYR A 338 8.76 14.65 30.25
C TYR A 338 7.33 14.95 29.84
N ARG A 339 7.22 15.53 28.65
CA ARG A 339 5.97 15.91 28.12
C ARG A 339 5.30 16.94 28.98
N ASN A 340 6.09 17.80 29.57
CA ASN A 340 5.56 18.93 30.28
C ASN A 340 5.52 20.11 29.36
N LEU A 341 4.48 20.16 28.52
CA LEU A 341 4.44 21.13 27.47
C LEU A 341 3.59 22.26 27.88
N PHE A 342 3.79 23.40 27.24
CA PHE A 342 2.86 24.51 27.33
C PHE A 342 1.48 24.02 26.91
N LYS A 343 0.43 24.44 27.58
CA LYS A 343 -0.87 23.84 27.39
C LYS A 343 -1.71 24.60 26.38
N TYR A 344 -2.33 23.84 25.47
CA TYR A 344 -3.24 24.36 24.49
C TYR A 344 -4.49 24.83 25.18
N VAL A 345 -4.90 26.05 24.87
CA VAL A 345 -6.08 26.62 25.48
C VAL A 345 -7.25 26.55 24.50
N GLY A 346 -7.04 27.02 23.27
CA GLY A 346 -8.01 26.88 22.21
C GLY A 346 -7.60 27.53 20.90
N GLU A 347 -8.52 27.49 19.94
CA GLU A 347 -8.31 27.97 18.59
C GLU A 347 -9.49 28.83 18.20
N THR A 348 -9.24 29.85 17.39
CA THR A 348 -10.31 30.70 16.90
C THR A 348 -9.87 31.36 15.60
N GLN A 349 -10.81 32.01 14.91
CA GLN A 349 -10.49 32.75 13.68
C GLN A 349 -11.03 34.16 13.74
N PRO A 350 -10.36 35.10 13.06
CA PRO A 350 -10.99 36.40 12.77
C PRO A 350 -12.23 36.33 11.85
N THR A 351 -13.00 37.39 11.86
CA THR A 351 -14.34 37.41 11.25
C THR A 351 -14.40 38.44 10.14
N GLY A 352 -15.13 38.10 9.08
CA GLY A 352 -15.40 39.00 7.96
C GLY A 352 -14.12 39.52 7.33
N GLN A 353 -13.94 40.84 7.37
CA GLN A 353 -12.81 41.49 6.73
C GLN A 353 -11.53 41.40 7.56
N ILE A 354 -11.65 41.17 8.87
CA ILE A 354 -10.52 41.31 9.79
C ILE A 354 -9.31 40.43 9.41
N LYS A 355 -8.15 41.05 9.20
CA LYS A 355 -6.91 40.34 8.87
C LYS A 355 -5.80 40.81 9.81
N ILE A 356 -5.09 39.90 10.45
CA ILE A 356 -4.07 40.25 11.47
C ILE A 356 -2.68 40.31 10.89
N LYS A 357 -1.99 41.43 11.10
CA LYS A 357 -0.68 41.59 10.48
C LYS A 357 0.44 41.16 11.37
N ARG A 358 1.58 40.82 10.76
CA ARG A 358 2.75 40.33 11.45
C ARG A 358 3.24 41.25 12.59
N GLU A 359 3.12 42.56 12.39
CA GLU A 359 3.58 43.52 13.41
C GLU A 359 2.73 43.51 14.69
N ASP A 360 1.48 43.06 14.58
CA ASP A 360 0.60 42.98 15.76
C ASP A 360 0.76 41.67 16.55
N TYR A 361 1.50 40.70 16.04
CA TYR A 361 1.61 39.40 16.71
C TYR A 361 2.12 39.57 18.14
N GLU A 362 3.10 40.46 18.30
CA GLU A 362 3.74 40.65 19.59
C GLU A 362 2.77 41.16 20.65
N SER A 363 1.74 41.89 20.24
CA SER A 363 0.82 42.49 21.19
C SER A 363 -0.37 41.61 21.57
N LEU A 364 -0.47 40.42 20.99
CA LEU A 364 -1.65 39.58 21.21
C LEU A 364 -1.68 38.90 22.58
N PRO A 365 -0.51 38.44 23.08
CA PRO A 365 -0.57 37.88 24.44
C PRO A 365 -0.97 38.96 25.45
N LYS A 366 -0.62 40.22 25.19
CA LYS A 366 -1.05 41.35 26.03
C LYS A 366 -2.57 41.45 26.05
N GLU A 367 -3.20 41.45 24.88
CA GLU A 367 -4.64 41.61 24.80
C GLU A 367 -5.38 40.52 25.55
N VAL A 368 -4.86 39.31 25.53
CA VAL A 368 -5.58 38.16 26.11
C VAL A 368 -5.60 38.31 27.61
N ALA A 369 -4.45 38.64 28.16
CA ALA A 369 -4.30 38.89 29.60
C ALA A 369 -5.17 40.05 30.07
N SER A 370 -5.46 40.99 29.16
CA SER A 370 -6.23 42.20 29.45
C SER A 370 -7.72 41.98 29.42
N ALA A 371 -8.18 40.89 28.82
CA ALA A 371 -9.62 40.65 28.83
C ALA A 371 -10.10 40.43 30.25
N LYS A 372 -11.35 40.75 30.50
CA LYS A 372 -11.90 40.78 31.85
C LYS A 372 -13.12 39.90 31.96
N PRO A 373 -12.88 38.59 32.11
CA PRO A 373 -14.00 37.66 32.24
C PRO A 373 -14.68 37.78 33.60
N LYS A 374 -16.00 37.81 33.61
CA LYS A 374 -16.76 37.87 34.87
C LYS A 374 -16.83 36.48 35.52
N VAL A 375 -15.73 36.00 36.10
CA VAL A 375 -15.73 34.68 36.77
C VAL A 375 -14.78 34.74 37.96
N LEU A 376 -15.08 33.95 39.00
CA LEU A 376 -14.20 33.84 40.15
C LEU A 376 -12.94 33.06 39.77
N LEU A 377 -11.79 33.71 39.92
CA LEU A 377 -10.52 33.11 39.56
C LEU A 377 -9.57 33.12 40.74
N ASP A 378 -9.06 31.94 41.08
CA ASP A 378 -8.08 31.78 42.16
C ASP A 378 -6.74 32.44 41.77
N VAL A 379 -6.30 32.21 40.53
CA VAL A 379 -5.05 32.78 40.01
C VAL A 379 -5.33 33.78 38.90
N LYS A 380 -4.35 34.66 38.69
CA LYS A 380 -4.45 35.75 37.73
C LYS A 380 -3.21 35.71 36.83
N LEU A 381 -3.41 35.82 35.52
CA LEU A 381 -2.35 35.51 34.56
C LEU A 381 -1.88 36.78 33.86
N LYS A 382 -0.60 36.83 33.50
CA LYS A 382 0.01 37.98 32.85
C LYS A 382 0.34 37.69 31.38
N ALA A 383 0.64 38.75 30.63
CA ALA A 383 0.93 38.64 29.20
C ALA A 383 1.92 37.54 28.87
N GLU A 384 3.00 37.51 29.63
CA GLU A 384 4.08 36.53 29.45
C GLU A 384 3.67 35.07 29.72
N ASP A 385 2.52 34.84 30.34
CA ASP A 385 2.00 33.46 30.54
C ASP A 385 1.27 32.92 29.30
N PHE A 386 1.07 33.77 28.29
CA PHE A 386 0.35 33.36 27.11
C PHE A 386 1.23 33.31 25.88
N ILE A 387 0.97 32.29 25.04
CA ILE A 387 1.50 32.24 23.70
C ILE A 387 0.33 32.28 22.72
N VAL A 388 0.50 33.09 21.67
CA VAL A 388 -0.49 33.24 20.63
C VAL A 388 0.15 33.01 19.26
N ASP A 389 -0.25 31.94 18.59
CA ASP A 389 0.36 31.50 17.36
C ASP A 389 -0.68 31.88 16.30
N VAL A 390 -0.29 32.68 15.31
CA VAL A 390 -1.19 33.02 14.23
C VAL A 390 -0.67 32.34 12.98
N ILE A 391 -1.55 31.62 12.31
CA ILE A 391 -1.16 30.80 11.18
C ILE A 391 -2.02 31.14 9.96
N ASN A 392 -1.32 31.47 8.88
CA ASN A 392 -1.95 31.83 7.64
C ASN A 392 -2.07 30.62 6.77
N MET A 393 -3.30 30.18 6.56
CA MET A 393 -3.59 29.06 5.68
C MET A 393 -4.10 29.58 4.33
N ASP A 394 -3.50 29.14 3.24
CA ASP A 394 -3.92 29.52 1.89
C ASP A 394 -3.62 28.46 0.84
N TYR A 395 -3.98 28.74 -0.40
CA TYR A 395 -3.64 27.87 -1.53
C TYR A 395 -2.32 28.28 -2.18
N GLY A 396 -1.43 28.87 -1.36
CA GLY A 396 -0.06 29.14 -1.77
C GLY A 396 0.20 30.47 -2.41
N MET A 397 -0.85 31.27 -2.56
CA MET A 397 -0.76 32.57 -3.21
C MET A 397 -1.67 33.61 -2.52
N GLN A 398 -1.58 33.65 -1.20
CA GLN A 398 -2.42 34.50 -0.37
C GLN A 398 -3.88 34.40 -0.80
N GLU A 399 -4.49 35.53 -1.16
CA GLU A 399 -5.92 35.58 -1.49
C GLU A 399 -6.25 34.97 -2.85
N LYS A 400 -5.22 34.78 -3.68
CA LYS A 400 -5.39 34.33 -5.05
C LYS A 400 -5.66 32.83 -5.24
N ASN A 401 -6.37 32.53 -6.32
CA ASN A 401 -6.63 31.16 -6.75
C ASN A 401 -5.58 30.73 -7.76
N PRO A 402 -4.74 29.74 -7.39
CA PRO A 402 -3.61 29.43 -8.26
C PRO A 402 -4.03 28.81 -9.58
N ILE A 403 -5.24 28.26 -9.62
CA ILE A 403 -5.73 27.66 -10.84
C ILE A 403 -5.99 28.72 -11.91
N ASP A 404 -6.22 29.97 -11.49
CA ASP A 404 -6.30 31.07 -12.45
C ASP A 404 -4.97 31.35 -13.09
N HIS A 405 -3.91 30.76 -12.58
CA HIS A 405 -2.59 30.96 -13.18
C HIS A 405 -2.07 29.70 -13.82
N VAL A 406 -3.00 28.82 -14.20
CA VAL A 406 -2.65 27.60 -14.87
C VAL A 406 -3.15 27.64 -16.29
N SER A 407 -2.34 27.12 -17.20
CA SER A 407 -2.70 27.02 -18.58
C SER A 407 -3.06 25.60 -18.92
N PHE A 408 -4.18 25.45 -19.64
CA PHE A 408 -4.67 24.16 -20.05
C PHE A 408 -4.76 23.99 -21.58
N TYR A 409 -5.04 22.78 -22.03
CA TYR A 409 -5.22 22.46 -23.45
C TYR A 409 -6.27 21.40 -23.56
N CYS A 410 -6.96 21.35 -24.71
N CYS A 410 -6.94 21.35 -24.70
CA CYS A 410 -8.02 20.37 -24.93
CA CYS A 410 -8.01 20.38 -24.94
C CYS A 410 -7.59 19.38 -25.98
C CYS A 410 -7.58 19.37 -25.99
N LYS A 411 -8.22 18.20 -26.00
CA LYS A 411 -7.76 17.12 -26.87
C LYS A 411 -7.93 17.45 -28.35
N THR A 412 -8.95 18.23 -28.70
CA THR A 412 -9.16 18.61 -30.08
C THR A 412 -8.18 19.69 -30.61
N ALA A 413 -7.56 20.50 -29.75
CA ALA A 413 -6.45 21.41 -30.16
C ALA A 413 -5.31 21.42 -29.13
N PRO A 414 -4.44 20.38 -29.19
CA PRO A 414 -3.41 20.15 -28.19
C PRO A 414 -2.38 21.25 -28.10
N ASN A 415 -2.28 22.09 -29.12
CA ASN A 415 -1.27 23.15 -29.14
C ASN A 415 -1.84 24.50 -28.78
N ARG A 416 -3.14 24.56 -28.55
CA ARG A 416 -3.76 25.80 -28.16
C ARG A 416 -4.02 25.86 -26.66
N ALA A 417 -3.30 26.74 -25.97
CA ALA A 417 -3.48 26.93 -24.55
C ALA A 417 -4.79 27.67 -24.26
N ILE A 418 -5.46 27.32 -23.17
CA ILE A 418 -6.65 28.03 -22.72
C ILE A 418 -6.64 28.27 -21.22
N ARG A 419 -7.60 29.04 -20.75
CA ARG A 419 -7.82 29.30 -19.33
C ARG A 419 -9.14 28.71 -18.92
N ILE A 420 -9.26 28.38 -17.65
CA ILE A 420 -10.48 27.84 -17.08
C ILE A 420 -10.72 28.54 -15.74
N THR A 421 -11.93 29.04 -15.55
CA THR A 421 -12.33 29.77 -14.37
C THR A 421 -13.03 28.82 -13.44
N LYS A 422 -13.26 29.31 -12.23
CA LYS A 422 -13.74 28.48 -11.13
C LYS A 422 -15.19 27.97 -11.37
N ASN A 423 -16.05 28.89 -11.76
CA ASN A 423 -17.45 28.55 -12.13
C ASN A 423 -17.55 27.65 -13.37
N GLN A 424 -16.52 27.63 -14.22
CA GLN A 424 -16.45 26.58 -15.25
C GLN A 424 -16.17 25.17 -14.69
N VAL A 425 -15.80 25.02 -13.41
CA VAL A 425 -15.50 23.71 -12.86
C VAL A 425 -16.56 23.20 -11.90
N SER A 426 -16.86 24.00 -10.89
CA SER A 426 -17.75 23.54 -9.80
C SER A 426 -18.17 24.68 -8.89
N GLN A 427 -19.41 24.62 -8.44
CA GLN A 427 -19.95 25.52 -7.44
C GLN A 427 -19.60 25.01 -6.07
N LEU A 428 -19.05 23.80 -5.97
CA LEU A 428 -18.66 23.24 -4.66
C LEU A 428 -17.22 23.56 -4.24
N LEU A 429 -16.56 24.47 -4.95
CA LEU A 429 -15.20 24.82 -4.60
C LEU A 429 -15.23 25.91 -3.54
N PRO A 430 -14.08 26.24 -2.95
CA PRO A 430 -14.02 27.31 -1.97
C PRO A 430 -14.24 28.69 -2.57
N GLU A 431 -14.86 29.60 -1.80
CA GLU A 431 -15.07 30.98 -2.29
C GLU A 431 -13.89 31.84 -1.93
N LYS A 432 -13.20 31.49 -0.84
CA LYS A 432 -11.97 32.17 -0.45
C LYS A 432 -10.81 31.21 -0.48
N PHE A 433 -9.61 31.74 -0.65
CA PHE A 433 -8.40 30.94 -0.77
C PHE A 433 -7.32 31.25 0.28
N ALA A 434 -7.70 32.02 1.30
CA ALA A 434 -6.84 32.34 2.42
C ALA A 434 -7.68 32.57 3.69
N GLU A 435 -7.14 32.19 4.83
CA GLU A 435 -7.81 32.39 6.12
C GLU A 435 -6.74 32.39 7.20
N GLN A 436 -7.10 32.73 8.43
CA GLN A 436 -6.11 32.68 9.52
C GLN A 436 -6.63 31.87 10.69
N LEU A 437 -5.73 31.14 11.32
CA LEU A 437 -6.05 30.42 12.53
C LEU A 437 -5.28 31.01 13.67
N ILE A 438 -5.93 31.11 14.83
CA ILE A 438 -5.28 31.61 16.02
C ILE A 438 -5.33 30.57 17.12
N ARG A 439 -4.16 30.13 17.54
CA ARG A 439 -4.04 29.21 18.66
C ARG A 439 -3.48 29.97 19.85
N VAL A 440 -3.98 29.60 21.02
CA VAL A 440 -3.55 30.17 22.25
C VAL A 440 -3.13 29.06 23.20
N TYR A 441 -1.96 29.24 23.80
CA TYR A 441 -1.44 28.30 24.78
C TYR A 441 -1.06 29.06 26.06
N CYS A 442 -0.99 28.32 27.16
CA CYS A 442 -0.64 28.85 28.45
C CYS A 442 0.64 28.18 28.96
N LYS A 443 1.58 29.00 29.42
CA LYS A 443 2.83 28.48 29.97
C LYS A 443 2.69 27.93 31.38
N LYS A 444 1.60 28.26 32.08
CA LYS A 444 1.40 27.76 33.43
C LYS A 444 0.45 26.60 33.30
N VAL A 445 0.92 25.42 33.68
CA VAL A 445 0.27 24.19 33.27
C VAL A 445 -0.66 23.57 34.30
N ASP A 446 -0.72 24.13 35.50
CA ASP A 446 -1.52 23.53 36.57
C ASP A 446 -2.99 23.72 36.31
N ARG A 447 -3.79 22.91 37.00
CA ARG A 447 -5.23 22.80 36.77
C ARG A 447 -5.94 24.15 36.90
N LYS A 448 -5.56 24.94 37.91
CA LYS A 448 -6.20 26.22 38.15
C LYS A 448 -5.78 27.31 37.16
N SER A 449 -4.50 27.37 36.82
CA SER A 449 -4.02 28.28 35.78
C SER A 449 -4.67 28.00 34.43
N LEU A 450 -4.87 26.72 34.15
CA LEU A 450 -5.43 26.34 32.86
C LEU A 450 -6.89 26.79 32.77
N TYR A 451 -7.64 26.54 33.84
CA TYR A 451 -9.04 26.97 33.88
C TYR A 451 -9.17 28.48 33.65
N ALA A 452 -8.32 29.26 34.31
CA ALA A 452 -8.33 30.70 34.16
C ALA A 452 -8.05 31.10 32.72
N ALA A 453 -7.01 30.50 32.16
CA ALA A 453 -6.59 30.81 30.79
C ALA A 453 -7.73 30.58 29.78
N ARG A 454 -8.52 29.55 30.02
CA ARG A 454 -9.70 29.29 29.17
C ARG A 454 -10.68 30.45 29.20
N GLN A 455 -10.87 31.04 30.38
CA GLN A 455 -11.82 32.15 30.53
C GLN A 455 -11.28 33.43 29.88
N TYR A 456 -10.00 33.74 30.05
CA TYR A 456 -9.44 34.88 29.37
C TYR A 456 -9.58 34.70 27.86
N PHE A 457 -9.26 33.49 27.40
CA PHE A 457 -9.26 33.19 25.98
C PHE A 457 -10.65 33.40 25.36
N VAL A 458 -11.65 32.76 25.94
CA VAL A 458 -12.99 32.88 25.41
C VAL A 458 -13.53 34.32 25.48
N GLN A 459 -13.23 35.02 26.57
CA GLN A 459 -13.62 36.41 26.72
C GLN A 459 -12.97 37.23 25.63
N TRP A 460 -11.68 37.05 25.43
CA TRP A 460 -10.95 37.75 24.39
C TRP A 460 -11.54 37.51 23.00
N CYS A 461 -11.97 36.28 22.74
CA CYS A 461 -12.61 35.96 21.47
C CYS A 461 -13.88 36.76 21.31
N ALA A 462 -14.71 36.76 22.35
CA ALA A 462 -15.94 37.56 22.36
C ALA A 462 -15.63 39.04 22.13
N ASP A 463 -14.67 39.57 22.89
CA ASP A 463 -14.28 40.99 22.77
C ASP A 463 -13.91 41.37 21.32
N ARG A 464 -13.24 40.48 20.62
CA ARG A 464 -12.74 40.82 19.29
C ARG A 464 -13.68 40.37 18.18
N ASN A 465 -14.82 39.80 18.56
CA ASN A 465 -15.82 39.29 17.63
C ASN A 465 -15.26 38.18 16.71
N PHE A 466 -14.42 37.33 17.32
CA PHE A 466 -13.85 36.16 16.65
C PHE A 466 -14.85 35.02 16.68
N THR A 467 -14.50 33.90 16.03
CA THR A 467 -15.37 32.73 16.03
C THR A 467 -15.33 32.05 17.38
N LYS A 468 -16.47 31.50 17.76
CA LYS A 468 -16.63 30.76 18.97
C LYS A 468 -15.82 29.49 18.90
N PRO A 469 -14.88 29.33 19.85
CA PRO A 469 -14.17 28.07 19.92
C PRO A 469 -15.14 26.92 19.94
N GLN A 470 -14.72 25.82 19.35
CA GLN A 470 -15.64 24.71 19.17
C GLN A 470 -16.15 24.19 20.52
N ASP A 471 -15.26 24.19 21.52
CA ASP A 471 -15.58 23.69 22.85
C ASP A 471 -15.92 24.81 23.84
N GLY A 472 -16.17 26.02 23.33
CA GLY A 472 -16.47 27.20 24.15
C GLY A 472 -17.45 26.99 25.30
N ASP A 473 -18.57 26.31 25.00
CA ASP A 473 -19.62 26.10 26.01
C ASP A 473 -19.22 25.10 27.09
N VAL A 474 -18.24 24.24 26.79
CA VAL A 474 -17.72 23.34 27.81
C VAL A 474 -16.62 24.00 28.64
N ILE A 475 -15.66 24.66 28.01
CA ILE A 475 -14.52 25.21 28.76
C ILE A 475 -14.87 26.50 29.52
N ALA A 476 -15.81 27.28 28.99
CA ALA A 476 -16.18 28.59 29.56
C ALA A 476 -17.69 28.82 29.59
N PRO A 477 -18.43 27.97 30.32
CA PRO A 477 -19.90 28.01 30.27
C PRO A 477 -20.48 29.34 30.77
N LEU A 478 -19.76 30.01 31.66
CA LEU A 478 -20.21 31.28 32.19
C LEU A 478 -19.95 32.45 31.23
N ILE A 479 -19.03 32.28 30.28
CA ILE A 479 -18.64 33.37 29.38
C ILE A 479 -19.47 33.39 28.10
N THR A 480 -19.75 32.21 27.55
CA THR A 480 -20.32 32.11 26.20
C THR A 480 -21.73 32.68 26.04
N PRO A 481 -22.58 32.63 27.09
CA PRO A 481 -23.91 33.21 26.96
C PRO A 481 -23.95 34.72 26.68
N GLN A 482 -22.97 35.49 27.15
CA GLN A 482 -22.92 36.94 26.91
C GLN A 482 -22.93 37.33 25.42
N LYS A 483 -22.45 36.45 24.56
CA LYS A 483 -22.32 36.77 23.15
C LYS A 483 -23.56 36.28 22.38
N LYS A 484 -24.25 37.22 21.74
CA LYS A 484 -25.53 37.00 21.06
C LYS A 484 -25.35 36.05 19.88
N GLU A 485 -24.40 36.39 19.02
CA GLU A 485 -24.13 35.64 17.78
C GLU A 485 -23.88 34.15 18.05
N TRP A 486 -23.22 33.86 19.16
CA TRP A 486 -22.93 32.47 19.55
C TRP A 486 -24.17 31.74 20.07
N ASN A 487 -25.11 32.47 20.68
CA ASN A 487 -26.26 31.92 21.45
C ASN A 487 -25.86 31.72 22.91
N ASP B 1 -6.59 8.44 -35.12
CA ASP B 1 -6.26 7.62 -33.92
C ASP B 1 -4.96 8.06 -33.27
N THR B 2 -5.02 8.24 -31.95
CA THR B 2 -3.82 8.40 -31.14
C THR B 2 -3.86 7.46 -29.92
N MET B 3 -2.81 7.61 -29.12
CA MET B 3 -2.56 6.74 -27.98
C MET B 3 -3.68 6.84 -26.91
N LYS B 4 -4.00 5.73 -26.24
CA LYS B 4 -4.88 5.79 -25.05
C LYS B 4 -4.14 5.50 -23.71
N VAL B 5 -4.70 6.06 -22.66
CA VAL B 5 -4.26 5.80 -21.34
C VAL B 5 -5.29 5.01 -20.55
N ILE B 6 -4.81 3.98 -19.88
CA ILE B 6 -5.61 3.24 -18.94
C ILE B 6 -5.02 3.24 -17.54
N ASN B 7 -5.85 3.54 -16.56
CA ASN B 7 -5.46 3.44 -15.18
C ASN B 7 -5.63 2.07 -14.56
N ASP B 8 -4.50 1.45 -14.19
CA ASP B 8 -4.50 0.13 -13.59
C ASP B 8 -4.07 0.27 -12.12
N PRO B 9 -4.73 -0.43 -11.19
CA PRO B 9 -4.32 -0.31 -9.82
C PRO B 9 -2.97 -0.94 -9.53
N ILE B 10 -2.43 -1.78 -10.38
CA ILE B 10 -1.14 -2.36 -10.19
C ILE B 10 -0.08 -1.49 -10.82
N HIS B 11 -0.25 -1.09 -12.09
CA HIS B 11 0.80 -0.39 -12.77
C HIS B 11 0.59 1.11 -12.88
N GLY B 12 -0.50 1.68 -12.38
CA GLY B 12 -0.80 3.07 -12.66
C GLY B 12 -1.22 3.33 -14.13
N HIS B 13 -0.77 4.42 -14.71
CA HIS B 13 -1.14 4.82 -16.06
C HIS B 13 -0.34 4.13 -17.15
N ILE B 14 -1.01 3.28 -17.87
CA ILE B 14 -0.46 2.53 -18.96
C ILE B 14 -0.83 3.20 -20.30
N GLU B 15 0.16 3.53 -21.10
CA GLU B 15 -0.07 4.09 -22.43
C GLU B 15 -0.20 2.98 -23.43
N LEU B 16 -1.25 3.06 -24.25
CA LEU B 16 -1.46 2.11 -25.32
C LEU B 16 -1.39 2.78 -26.66
N HIS B 17 -0.50 2.27 -27.46
CA HIS B 17 -0.42 2.59 -28.86
C HIS B 17 -1.77 2.26 -29.61
N PRO B 18 -2.19 3.10 -30.57
CA PRO B 18 -3.47 2.89 -31.33
C PRO B 18 -3.68 1.51 -31.91
N LEU B 19 -2.64 0.90 -32.42
CA LEU B 19 -2.70 -0.48 -32.91
C LEU B 19 -3.10 -1.46 -31.83
N LEU B 20 -2.50 -1.28 -30.60
CA LEU B 20 -2.89 -2.12 -29.49
C LEU B 20 -4.32 -1.88 -29.10
N VAL B 21 -4.72 -0.62 -29.13
CA VAL B 21 -6.13 -0.30 -28.87
C VAL B 21 -7.09 -1.00 -29.86
N ARG B 22 -6.70 -1.05 -31.13
CA ARG B 22 -7.54 -1.75 -32.16
C ARG B 22 -7.65 -3.24 -31.89
N ILE B 23 -6.56 -3.84 -31.42
CA ILE B 23 -6.60 -5.27 -31.06
C ILE B 23 -7.49 -5.54 -29.85
N ILE B 24 -7.50 -4.59 -28.95
CA ILE B 24 -8.18 -4.75 -27.69
C ILE B 24 -9.67 -4.59 -27.91
N ASP B 25 -10.04 -3.69 -28.78
CA ASP B 25 -11.46 -3.40 -28.96
C ASP B 25 -12.13 -4.35 -29.96
N THR B 26 -12.01 -5.64 -29.65
CA THR B 26 -12.61 -6.71 -30.44
C THR B 26 -13.29 -7.69 -29.50
N PRO B 27 -14.26 -8.42 -30.00
CA PRO B 27 -14.98 -9.40 -29.19
C PRO B 27 -14.11 -10.50 -28.68
N GLN B 28 -13.08 -10.81 -29.43
CA GLN B 28 -12.16 -11.89 -29.06
C GLN B 28 -11.31 -11.49 -27.87
N PHE B 29 -11.00 -10.22 -27.77
CA PHE B 29 -10.17 -9.73 -26.62
C PHE B 29 -11.07 -9.40 -25.44
N GLN B 30 -12.20 -8.73 -25.72
CA GLN B 30 -13.12 -8.28 -24.66
C GLN B 30 -13.75 -9.42 -23.91
N ARG B 31 -13.76 -10.55 -24.57
CA ARG B 31 -14.18 -11.80 -23.99
C ARG B 31 -13.50 -12.06 -22.65
N LEU B 32 -12.24 -11.66 -22.56
CA LEU B 32 -11.45 -11.86 -21.34
C LEU B 32 -12.02 -11.18 -20.10
N ARG B 33 -12.93 -10.24 -20.27
CA ARG B 33 -13.60 -9.62 -19.16
C ARG B 33 -14.48 -10.57 -18.42
N TYR B 34 -14.76 -11.73 -19.01
CA TYR B 34 -15.78 -12.59 -18.46
C TYR B 34 -15.21 -13.90 -18.07
N ILE B 35 -13.90 -13.91 -17.86
CA ILE B 35 -13.20 -15.07 -17.39
C ILE B 35 -12.30 -14.73 -16.20
N LYS B 36 -12.65 -15.25 -15.02
CA LYS B 36 -11.93 -14.98 -13.74
C LYS B 36 -10.55 -15.54 -13.77
N GLN B 37 -9.60 -14.69 -13.47
CA GLN B 37 -8.21 -15.13 -13.43
C GLN B 37 -8.02 -16.40 -12.62
N LEU B 38 -8.62 -16.49 -11.44
CA LEU B 38 -8.34 -17.56 -10.47
C LEU B 38 -9.47 -18.54 -10.30
N GLY B 39 -10.48 -18.46 -11.18
CA GLY B 39 -11.57 -19.45 -11.22
C GLY B 39 -12.32 -19.65 -9.91
N GLY B 40 -12.26 -20.88 -9.39
CA GLY B 40 -12.87 -21.18 -8.09
C GLY B 40 -12.27 -20.46 -6.89
N GLY B 41 -11.07 -19.89 -7.03
CA GLY B 41 -10.45 -19.14 -5.95
C GLY B 41 -11.30 -18.01 -5.44
N TYR B 42 -12.14 -17.41 -6.32
CA TYR B 42 -12.99 -16.26 -5.93
C TYR B 42 -13.98 -16.71 -4.88
N TYR B 43 -14.27 -17.98 -4.84
CA TYR B 43 -15.22 -18.55 -3.87
C TYR B 43 -14.56 -18.82 -2.51
N VAL B 44 -13.24 -18.63 -2.45
CA VAL B 44 -12.50 -18.74 -1.16
C VAL B 44 -11.90 -17.38 -0.75
N PHE B 45 -11.39 -16.63 -1.72
CA PHE B 45 -10.87 -15.31 -1.53
C PHE B 45 -11.74 -14.28 -2.26
N PRO B 46 -12.57 -13.56 -1.54
CA PRO B 46 -13.55 -12.73 -2.24
C PRO B 46 -13.01 -11.46 -2.84
N GLY B 47 -11.76 -11.10 -2.53
CA GLY B 47 -11.10 -10.05 -3.28
C GLY B 47 -10.70 -10.46 -4.70
N ALA B 48 -10.63 -11.78 -4.99
CA ALA B 48 -10.16 -12.28 -6.28
C ALA B 48 -11.25 -12.33 -7.36
N SER B 49 -11.83 -11.18 -7.59
CA SER B 49 -12.85 -10.96 -8.58
C SER B 49 -12.23 -10.64 -9.97
N HIS B 50 -10.93 -10.38 -10.00
CA HIS B 50 -10.25 -9.99 -11.21
C HIS B 50 -10.35 -10.99 -12.36
N ASN B 51 -10.38 -10.47 -13.57
CA ASN B 51 -10.48 -11.27 -14.79
C ASN B 51 -9.24 -11.22 -15.65
N ARG B 52 -9.16 -12.10 -16.62
CA ARG B 52 -8.00 -12.21 -17.49
C ARG B 52 -7.72 -10.97 -18.28
N PHE B 53 -8.74 -10.22 -18.55
CA PHE B 53 -8.62 -9.01 -19.32
C PHE B 53 -7.57 -8.02 -18.70
N GLU B 54 -7.80 -7.58 -17.46
CA GLU B 54 -6.90 -6.61 -16.80
C GLU B 54 -5.48 -7.23 -16.60
N HIS B 55 -5.41 -8.55 -16.43
CA HIS B 55 -4.12 -9.22 -16.39
C HIS B 55 -3.37 -9.09 -17.72
N SER B 56 -4.10 -9.27 -18.83
CA SER B 56 -3.50 -9.16 -20.13
C SER B 56 -2.97 -7.78 -20.39
N LEU B 57 -3.72 -6.77 -19.98
CA LEU B 57 -3.23 -5.42 -20.18
C LEU B 57 -1.88 -5.29 -19.45
N GLY B 58 -1.80 -5.85 -18.23
CA GLY B 58 -0.64 -5.69 -17.44
C GLY B 58 0.55 -6.38 -18.04
N VAL B 59 0.33 -7.56 -18.58
CA VAL B 59 1.41 -8.30 -19.21
C VAL B 59 1.94 -7.57 -20.44
N GLY B 60 1.04 -7.00 -21.24
CA GLY B 60 1.45 -6.22 -22.41
C GLY B 60 2.25 -4.98 -21.99
N TYR B 61 1.80 -4.31 -20.95
CA TYR B 61 2.53 -3.15 -20.47
C TYR B 61 3.96 -3.53 -20.04
N LEU B 62 4.07 -4.57 -19.24
CA LEU B 62 5.35 -4.98 -18.72
C LEU B 62 6.28 -5.48 -19.81
N ALA B 63 5.72 -6.14 -20.83
CA ALA B 63 6.51 -6.56 -21.95
C ALA B 63 7.13 -5.35 -22.60
N GLY B 64 6.34 -4.31 -22.77
CA GLY B 64 6.83 -3.03 -23.31
C GLY B 64 7.89 -2.36 -22.47
N CYS B 65 7.71 -2.36 -21.17
CA CYS B 65 8.74 -1.80 -20.28
C CYS B 65 10.07 -2.51 -20.45
N LEU B 66 10.08 -3.82 -20.40
CA LEU B 66 11.33 -4.51 -20.46
C LEU B 66 12.06 -4.28 -21.79
N VAL B 67 11.33 -4.45 -22.93
CA VAL B 67 11.96 -4.25 -24.20
C VAL B 67 12.42 -2.80 -24.38
N HIS B 68 11.63 -1.81 -23.97
CA HIS B 68 12.14 -0.41 -23.96
C HIS B 68 13.42 -0.27 -23.17
N ALA B 69 13.46 -0.85 -21.96
CA ALA B 69 14.59 -0.66 -21.06
C ALA B 69 15.88 -1.22 -21.66
N LEU B 70 15.77 -2.38 -22.32
CA LEU B 70 16.92 -2.99 -22.96
C LEU B 70 17.44 -2.09 -24.08
N GLY B 71 16.51 -1.60 -24.89
CA GLY B 71 16.82 -0.74 -26.00
C GLY B 71 17.45 0.56 -25.58
N GLU B 72 16.96 1.15 -24.51
CA GLU B 72 17.58 2.38 -23.98
C GLU B 72 18.98 2.14 -23.52
N LYS B 73 19.19 1.08 -22.73
CA LYS B 73 20.51 0.77 -22.19
C LYS B 73 21.46 0.32 -23.29
N GLN B 74 20.96 -0.40 -24.31
CA GLN B 74 21.85 -0.98 -25.31
C GLN B 74 21.34 -0.75 -26.73
N PRO B 75 21.55 0.45 -27.29
CA PRO B 75 21.14 0.78 -28.68
C PRO B 75 21.77 -0.12 -29.71
N GLU B 76 22.96 -0.63 -29.43
CA GLU B 76 23.64 -1.57 -30.34
C GLU B 76 22.79 -2.77 -30.70
N LEU B 77 21.79 -3.08 -29.89
CA LEU B 77 20.88 -4.20 -30.15
C LEU B 77 19.93 -3.94 -31.33
N GLN B 78 19.74 -2.68 -31.69
CA GLN B 78 18.92 -2.32 -32.85
C GLN B 78 17.47 -2.72 -32.66
N ILE B 79 16.93 -2.55 -31.48
CA ILE B 79 15.54 -2.85 -31.25
C ILE B 79 14.74 -1.74 -31.95
N SER B 80 13.79 -2.12 -32.83
CA SER B 80 12.99 -1.14 -33.54
C SER B 80 11.66 -0.93 -32.85
N GLU B 81 10.98 0.16 -33.17
CA GLU B 81 9.57 0.33 -32.78
C GLU B 81 8.72 -0.88 -33.22
N ARG B 82 9.05 -1.43 -34.37
CA ARG B 82 8.35 -2.60 -34.82
C ARG B 82 8.49 -3.79 -33.85
N ASP B 83 9.71 -3.99 -33.38
CA ASP B 83 10.00 -5.04 -32.37
C ASP B 83 9.19 -4.83 -31.10
N VAL B 84 9.15 -3.57 -30.66
CA VAL B 84 8.42 -3.22 -29.46
C VAL B 84 6.94 -3.57 -29.59
N LEU B 85 6.33 -3.20 -30.72
CA LEU B 85 4.91 -3.43 -30.87
C LEU B 85 4.61 -4.90 -30.91
N CYS B 86 5.49 -5.67 -31.54
CA CYS B 86 5.25 -7.10 -31.68
C CYS B 86 5.36 -7.78 -30.33
N VAL B 87 6.27 -7.29 -29.49
CA VAL B 87 6.40 -7.80 -28.11
C VAL B 87 5.22 -7.40 -27.21
N GLN B 88 4.82 -6.16 -27.28
CA GLN B 88 3.59 -5.78 -26.61
C GLN B 88 2.36 -6.58 -27.05
N ILE B 89 2.21 -6.83 -28.35
CA ILE B 89 1.03 -7.58 -28.81
C ILE B 89 1.02 -8.98 -28.29
N ALA B 90 2.16 -9.61 -28.36
CA ALA B 90 2.31 -10.93 -27.79
C ALA B 90 1.95 -10.93 -26.29
N GLY B 91 2.36 -9.88 -25.61
CA GLY B 91 2.10 -9.78 -24.17
C GLY B 91 0.61 -9.70 -23.91
N LEU B 92 -0.07 -8.80 -24.62
CA LEU B 92 -1.55 -8.71 -24.54
C LEU B 92 -2.28 -9.97 -24.87
N CYS B 93 -1.73 -10.71 -25.83
CA CYS B 93 -2.49 -11.77 -26.46
C CYS B 93 -2.24 -13.17 -25.95
N ARG B 94 -1.29 -13.33 -25.04
CA ARG B 94 -0.95 -14.65 -24.56
C ARG B 94 -1.97 -15.24 -23.64
N ASN B 95 -2.93 -14.48 -23.16
CA ASN B 95 -4.04 -15.06 -22.41
C ASN B 95 -5.35 -15.31 -23.21
N LEU B 96 -5.34 -15.05 -24.51
CA LEU B 96 -6.60 -15.14 -25.30
C LEU B 96 -7.24 -16.50 -25.30
N GLY B 97 -6.46 -17.55 -25.17
CA GLY B 97 -6.95 -18.91 -25.24
C GLY B 97 -7.55 -19.54 -23.99
N HIS B 98 -7.61 -18.79 -22.90
CA HIS B 98 -8.16 -19.33 -21.68
C HIS B 98 -9.67 -19.54 -21.86
N GLY B 99 -10.18 -20.52 -21.15
CA GLY B 99 -11.57 -20.78 -21.15
C GLY B 99 -12.17 -20.55 -19.81
N PRO B 100 -13.48 -20.89 -19.66
CA PRO B 100 -14.19 -20.67 -18.40
C PRO B 100 -13.38 -21.08 -17.17
N PHE B 101 -13.33 -20.17 -16.20
CA PHE B 101 -12.56 -20.34 -14.94
C PHE B 101 -11.10 -20.64 -15.16
N SER B 102 -10.55 -20.18 -16.26
CA SER B 102 -9.13 -20.26 -16.52
C SER B 102 -8.58 -21.68 -16.42
N HIS B 103 -7.69 -21.95 -15.45
CA HIS B 103 -7.03 -23.24 -15.39
C HIS B 103 -7.92 -24.43 -15.10
N MET B 104 -9.08 -24.17 -14.55
CA MET B 104 -10.07 -25.22 -14.45
C MET B 104 -10.36 -25.88 -15.81
N PHE B 105 -10.39 -25.07 -16.87
CA PHE B 105 -10.81 -25.50 -18.16
C PHE B 105 -9.81 -26.42 -18.84
N ASP B 106 -8.59 -25.96 -19.04
CA ASP B 106 -7.55 -26.78 -19.66
C ASP B 106 -6.86 -27.72 -18.64
N GLY B 107 -6.95 -27.41 -17.37
CA GLY B 107 -6.39 -28.30 -16.38
C GLY B 107 -7.28 -29.44 -15.92
N ARG B 108 -8.58 -29.22 -15.84
CA ARG B 108 -9.48 -30.26 -15.34
C ARG B 108 -10.47 -30.76 -16.38
N PHE B 109 -11.16 -29.84 -17.05
CA PHE B 109 -12.36 -30.18 -17.85
C PHE B 109 -12.01 -30.82 -19.20
N ILE B 110 -11.17 -30.15 -19.98
CA ILE B 110 -10.79 -30.65 -21.26
C ILE B 110 -10.09 -32.03 -21.16
N PRO B 111 -9.12 -32.18 -20.26
CA PRO B 111 -8.51 -33.49 -20.07
C PRO B 111 -9.52 -34.59 -19.75
N LEU B 112 -10.55 -34.30 -18.95
CA LEU B 112 -11.57 -35.29 -18.71
C LEU B 112 -12.57 -35.45 -19.87
N ALA B 113 -12.97 -34.38 -20.53
CA ALA B 113 -14.02 -34.50 -21.59
C ALA B 113 -13.45 -34.97 -22.94
N ARG B 114 -12.18 -34.68 -23.21
CA ARG B 114 -11.54 -35.04 -24.47
C ARG B 114 -10.10 -35.45 -24.24
N PRO B 115 -9.93 -36.64 -23.62
CA PRO B 115 -8.63 -37.14 -23.24
C PRO B 115 -7.69 -37.34 -24.41
N GLU B 116 -8.23 -37.59 -25.60
CA GLU B 116 -7.40 -37.82 -26.79
C GLU B 116 -6.70 -36.55 -27.28
N VAL B 117 -7.33 -35.39 -27.07
CA VAL B 117 -6.78 -34.15 -27.59
C VAL B 117 -5.70 -33.74 -26.64
N LYS B 118 -4.71 -33.03 -27.17
CA LYS B 118 -3.74 -32.37 -26.31
C LYS B 118 -3.94 -30.86 -26.51
N TRP B 119 -4.39 -30.16 -25.47
CA TRP B 119 -4.88 -28.80 -25.61
C TRP B 119 -4.29 -27.99 -24.48
N THR B 120 -3.83 -26.82 -24.84
CA THR B 120 -3.39 -25.92 -23.88
C THR B 120 -3.95 -24.57 -24.23
N HIS B 121 -4.05 -23.73 -23.21
CA HIS B 121 -4.50 -22.37 -23.40
C HIS B 121 -3.55 -21.66 -24.35
N GLU B 122 -2.28 -22.07 -24.37
CA GLU B 122 -1.31 -21.47 -25.27
C GLU B 122 -1.70 -21.67 -26.71
N GLN B 123 -2.12 -22.91 -27.00
CA GLN B 123 -2.55 -23.23 -28.33
C GLN B 123 -3.77 -22.42 -28.66
N GLY B 124 -4.71 -22.39 -27.74
CA GLY B 124 -5.92 -21.58 -27.90
C GLY B 124 -5.63 -20.12 -28.16
N SER B 125 -4.59 -19.57 -27.52
CA SER B 125 -4.26 -18.17 -27.67
C SER B 125 -3.81 -17.85 -29.10
N VAL B 126 -3.02 -18.74 -29.65
CA VAL B 126 -2.61 -18.67 -31.06
C VAL B 126 -3.80 -18.69 -32.05
N MET B 127 -4.67 -19.66 -31.86
CA MET B 127 -5.87 -19.77 -32.73
C MET B 127 -6.77 -18.57 -32.56
N MET B 128 -6.98 -18.13 -31.32
CA MET B 128 -7.84 -16.99 -31.08
C MET B 128 -7.25 -15.74 -31.70
N PHE B 129 -5.94 -15.65 -31.62
CA PHE B 129 -5.26 -14.51 -32.17
C PHE B 129 -5.46 -14.44 -33.70
N GLU B 130 -5.22 -15.56 -34.38
CA GLU B 130 -5.47 -15.66 -35.83
C GLU B 130 -6.91 -15.21 -36.15
N HIS B 131 -7.87 -15.81 -35.45
CA HIS B 131 -9.25 -15.44 -35.62
C HIS B 131 -9.49 -13.95 -35.42
N LEU B 132 -8.89 -13.39 -34.36
CA LEU B 132 -9.03 -12.01 -34.02
C LEU B 132 -8.52 -11.15 -35.16
N ILE B 133 -7.34 -11.48 -35.68
CA ILE B 133 -6.71 -10.71 -36.74
C ILE B 133 -7.61 -10.72 -38.02
N ASN B 134 -8.06 -11.90 -38.42
CA ASN B 134 -8.81 -12.07 -39.65
C ASN B 134 -10.23 -11.54 -39.58
N SER B 135 -10.95 -11.82 -38.50
CA SER B 135 -12.29 -11.29 -38.29
C SER B 135 -12.33 -9.78 -38.21
N ASN B 136 -11.23 -9.11 -37.97
CA ASN B 136 -11.35 -7.69 -37.68
C ASN B 136 -10.56 -6.79 -38.60
N GLY B 137 -9.99 -7.34 -39.68
CA GLY B 137 -9.18 -6.54 -40.58
C GLY B 137 -7.99 -5.86 -39.95
N ILE B 138 -7.25 -6.59 -39.11
CA ILE B 138 -6.12 -5.97 -38.38
C ILE B 138 -4.89 -5.80 -39.26
N LYS B 139 -4.67 -6.75 -40.18
CA LYS B 139 -3.48 -6.73 -41.06
C LYS B 139 -3.23 -5.38 -41.74
N PRO B 140 -4.27 -4.75 -42.31
CA PRO B 140 -4.09 -3.42 -42.89
C PRO B 140 -3.59 -2.40 -41.87
N VAL B 141 -4.15 -2.47 -40.67
CA VAL B 141 -3.77 -1.55 -39.61
C VAL B 141 -2.32 -1.81 -39.19
N MET B 142 -1.92 -3.07 -39.16
CA MET B 142 -0.53 -3.42 -38.81
C MET B 142 0.42 -2.78 -39.79
N GLU B 143 0.16 -2.93 -41.09
CA GLU B 143 1.08 -2.38 -42.09
C GLU B 143 0.99 -0.86 -42.10
N GLN B 144 -0.17 -0.29 -41.81
CA GLN B 144 -0.27 1.15 -41.57
C GLN B 144 0.71 1.69 -40.52
N TYR B 145 1.07 0.86 -39.54
CA TYR B 145 2.00 1.30 -38.48
C TYR B 145 3.39 0.70 -38.64
N GLY B 146 3.68 0.18 -39.82
CA GLY B 146 5.04 -0.28 -40.10
C GLY B 146 5.32 -1.73 -39.77
N LEU B 147 4.30 -2.52 -39.46
CA LEU B 147 4.54 -3.95 -39.28
C LEU B 147 4.48 -4.67 -40.60
N ILE B 148 5.13 -5.84 -40.65
CA ILE B 148 5.10 -6.74 -41.82
C ILE B 148 4.40 -8.05 -41.41
N PRO B 149 3.11 -8.13 -41.66
CA PRO B 149 2.30 -9.24 -41.19
C PRO B 149 2.87 -10.65 -41.34
N GLU B 150 3.46 -11.00 -42.48
CA GLU B 150 3.93 -12.37 -42.62
C GLU B 150 4.92 -12.70 -41.52
N GLU B 151 5.93 -11.86 -41.42
CA GLU B 151 6.99 -12.03 -40.42
C GLU B 151 6.48 -11.85 -38.99
N ASP B 152 5.74 -10.77 -38.80
CA ASP B 152 5.41 -10.29 -37.48
C ASP B 152 4.36 -11.16 -36.82
N ILE B 153 3.39 -11.64 -37.59
CA ILE B 153 2.37 -12.53 -37.05
C ILE B 153 3.00 -13.82 -36.62
N CYS B 154 4.00 -14.27 -37.37
CA CYS B 154 4.70 -15.47 -37.01
C CYS B 154 5.42 -15.19 -35.70
N PHE B 155 6.09 -14.05 -35.65
CA PHE B 155 6.89 -13.66 -34.48
C PHE B 155 6.03 -13.69 -33.22
N ILE B 156 4.86 -13.07 -33.31
CA ILE B 156 3.91 -12.99 -32.21
C ILE B 156 3.45 -14.37 -31.77
N LYS B 157 3.07 -15.19 -32.72
CA LYS B 157 2.62 -16.52 -32.40
C LYS B 157 3.73 -17.28 -31.69
N GLU B 158 4.94 -17.11 -32.20
CA GLU B 158 6.06 -17.88 -31.69
C GLU B 158 6.40 -17.51 -30.25
N GLN B 159 6.26 -16.23 -29.94
CA GLN B 159 6.44 -15.75 -28.59
C GLN B 159 5.49 -16.41 -27.64
N ILE B 160 4.27 -16.63 -28.07
CA ILE B 160 3.28 -17.20 -27.20
C ILE B 160 3.47 -18.71 -27.04
N VAL B 161 3.72 -19.44 -28.14
CA VAL B 161 3.63 -20.89 -28.11
C VAL B 161 4.93 -21.62 -28.40
N GLY B 162 5.95 -20.90 -28.81
CA GLY B 162 7.20 -21.53 -29.23
C GLY B 162 7.28 -21.71 -30.72
N PRO B 163 8.28 -22.48 -31.18
CA PRO B 163 8.47 -22.68 -32.62
C PRO B 163 7.29 -23.44 -33.17
N LEU B 164 6.77 -22.99 -34.31
CA LEU B 164 5.59 -23.59 -34.92
C LEU B 164 5.92 -24.91 -35.62
N GLU B 165 7.19 -25.10 -36.00
CA GLU B 165 7.71 -26.44 -36.28
C GLU B 165 7.92 -27.08 -34.91
N LEU B 172 19.92 -25.76 -33.94
CA LEU B 172 19.92 -24.58 -34.81
C LEU B 172 18.58 -23.80 -34.79
N TRP B 173 18.71 -22.55 -35.18
CA TRP B 173 17.71 -21.54 -34.87
C TRP B 173 16.33 -21.97 -35.38
N PRO B 174 15.47 -22.42 -34.46
CA PRO B 174 14.15 -22.91 -34.86
C PRO B 174 13.09 -21.83 -35.09
N TYR B 175 13.42 -20.57 -34.90
CA TYR B 175 12.42 -19.52 -35.01
C TYR B 175 12.54 -18.81 -36.36
N LYS B 176 11.40 -18.49 -36.94
CA LYS B 176 11.34 -17.77 -38.20
C LYS B 176 10.91 -16.31 -38.09
N GLY B 177 10.33 -15.89 -36.97
CA GLY B 177 9.84 -14.52 -36.85
C GLY B 177 10.98 -13.53 -36.68
N ARG B 178 12.06 -13.94 -36.04
CA ARG B 178 13.24 -13.10 -35.88
C ARG B 178 14.49 -13.97 -35.86
N PRO B 179 15.62 -13.37 -36.24
CA PRO B 179 16.88 -14.10 -36.30
C PRO B 179 17.57 -14.18 -34.96
N GLU B 180 18.65 -14.94 -34.90
CA GLU B 180 19.40 -15.15 -33.66
C GLU B 180 19.90 -13.90 -32.93
N ASN B 181 20.18 -12.85 -33.69
CA ASN B 181 20.66 -11.59 -33.10
C ASN B 181 19.58 -10.87 -32.28
N LYS B 182 18.32 -11.29 -32.47
CA LYS B 182 17.18 -10.82 -31.69
C LYS B 182 16.59 -11.92 -30.80
N SER B 183 17.42 -12.92 -30.48
CA SER B 183 17.02 -14.06 -29.64
C SER B 183 16.42 -13.66 -28.31
N PHE B 184 17.01 -12.63 -27.69
CA PHE B 184 16.55 -12.14 -26.43
C PHE B 184 15.08 -11.72 -26.38
N LEU B 185 14.51 -11.33 -27.52
CA LEU B 185 13.12 -10.93 -27.54
C LEU B 185 12.18 -12.05 -27.18
N TYR B 186 12.58 -13.29 -27.42
CA TYR B 186 11.73 -14.45 -27.16
C TYR B 186 11.74 -14.85 -25.71
N GLU B 187 12.50 -14.12 -24.91
CA GLU B 187 12.59 -14.42 -23.51
C GLU B 187 11.69 -13.51 -22.68
N ILE B 188 10.98 -12.58 -23.32
CA ILE B 188 10.22 -11.57 -22.60
C ILE B 188 8.81 -12.05 -22.17
N VAL B 189 8.04 -12.56 -23.13
CA VAL B 189 6.61 -12.77 -22.90
C VAL B 189 6.36 -14.13 -22.33
N SER B 190 7.03 -15.11 -22.88
CA SER B 190 6.87 -16.45 -22.42
C SER B 190 8.17 -17.17 -22.60
N ASN B 191 8.93 -17.19 -21.51
CA ASN B 191 10.30 -17.65 -21.49
C ASN B 191 10.37 -19.15 -21.33
N LYS B 192 10.61 -19.84 -22.44
CA LYS B 192 10.59 -21.30 -22.47
C LYS B 192 11.83 -21.89 -21.80
N ARG B 193 12.89 -21.09 -21.65
CA ARG B 193 14.15 -21.58 -21.14
C ARG B 193 14.15 -21.73 -19.60
N ASN B 194 13.67 -20.72 -18.89
CA ASN B 194 13.64 -20.76 -17.42
C ASN B 194 12.37 -20.23 -16.73
N GLY B 195 11.40 -19.70 -17.50
CA GLY B 195 10.13 -19.25 -16.96
C GLY B 195 10.16 -17.85 -16.37
N ILE B 196 11.30 -17.14 -16.46
CA ILE B 196 11.36 -15.80 -15.93
C ILE B 196 10.87 -14.85 -17.02
N ASP B 197 9.60 -14.45 -16.93
CA ASP B 197 8.95 -13.59 -17.91
C ASP B 197 7.92 -12.68 -17.24
N VAL B 198 7.46 -11.72 -18.00
CA VAL B 198 6.57 -10.70 -17.52
C VAL B 198 5.16 -11.16 -17.18
N ASP B 199 4.73 -12.33 -17.65
CA ASP B 199 3.46 -12.86 -17.28
C ASP B 199 3.38 -13.13 -15.78
N LYS B 200 4.37 -13.83 -15.25
CA LYS B 200 4.52 -14.04 -13.78
C LYS B 200 4.54 -12.77 -13.02
N TRP B 201 5.27 -11.79 -13.52
CA TRP B 201 5.41 -10.58 -12.78
C TRP B 201 4.07 -9.93 -12.63
N ASP B 202 3.26 -9.86 -13.72
CA ASP B 202 1.98 -9.24 -13.52
C ASP B 202 1.14 -10.06 -12.59
N TYR B 203 1.08 -11.39 -12.74
CA TYR B 203 0.13 -12.12 -11.88
C TYR B 203 0.49 -12.17 -10.40
N PHE B 204 1.78 -12.21 -10.09
CA PHE B 204 2.24 -12.04 -8.69
C PHE B 204 1.63 -10.80 -8.08
N ALA B 205 1.79 -9.69 -8.75
CA ALA B 205 1.43 -8.40 -8.18
C ALA B 205 -0.06 -8.24 -8.18
N ARG B 206 -0.71 -8.71 -9.26
CA ARG B 206 -2.14 -8.51 -9.37
C ARG B 206 -2.89 -9.47 -8.45
N ASP B 207 -2.52 -10.74 -8.46
CA ASP B 207 -3.15 -11.68 -7.57
C ASP B 207 -2.97 -11.28 -6.08
N CYS B 208 -1.76 -10.82 -5.69
CA CYS B 208 -1.53 -10.42 -4.27
C CYS B 208 -2.40 -9.28 -3.83
N HIS B 209 -2.48 -8.27 -4.69
CA HIS B 209 -3.35 -7.10 -4.52
C HIS B 209 -4.80 -7.48 -4.29
N HIS B 210 -5.25 -8.55 -4.95
CA HIS B 210 -6.62 -8.91 -4.85
C HIS B 210 -6.90 -9.94 -3.80
N LEU B 211 -5.95 -10.84 -3.62
CA LEU B 211 -6.12 -11.88 -2.63
C LEU B 211 -6.05 -11.33 -1.27
N GLY B 212 -5.28 -10.26 -1.14
CA GLY B 212 -4.90 -9.75 0.18
C GLY B 212 -3.71 -10.49 0.75
N ILE B 213 -2.74 -10.89 -0.06
CA ILE B 213 -1.47 -11.32 0.47
C ILE B 213 -0.39 -10.49 -0.14
N GLN B 214 0.81 -10.60 0.40
CA GLN B 214 1.89 -9.72 0.03
C GLN B 214 2.90 -10.36 -0.95
N ASN B 215 3.18 -9.63 -2.02
CA ASN B 215 4.06 -10.10 -3.09
C ASN B 215 5.49 -9.75 -2.75
N ASN B 216 6.34 -10.76 -2.69
CA ASN B 216 7.73 -10.56 -2.33
C ASN B 216 8.62 -10.03 -3.53
N PHE B 217 8.16 -10.15 -4.81
CA PHE B 217 9.04 -9.89 -5.99
C PHE B 217 9.06 -8.50 -6.72
N ASP B 218 10.24 -7.88 -6.75
CA ASP B 218 10.44 -6.56 -7.30
C ASP B 218 10.87 -6.60 -8.77
N TYR B 219 9.88 -6.67 -9.68
CA TYR B 219 10.18 -6.79 -11.13
C TYR B 219 10.81 -5.57 -11.69
N LYS B 220 10.48 -4.41 -11.15
CA LYS B 220 11.14 -3.18 -11.59
C LYS B 220 12.60 -3.21 -11.32
N ARG B 221 12.96 -3.70 -10.15
CA ARG B 221 14.39 -3.79 -9.84
C ARG B 221 15.02 -4.67 -10.89
N PHE B 222 14.37 -5.79 -11.14
CA PHE B 222 14.98 -6.79 -12.00
C PHE B 222 15.23 -6.26 -13.41
N ILE B 223 14.26 -5.52 -13.91
CA ILE B 223 14.34 -4.90 -15.21
C ILE B 223 15.50 -3.92 -15.25
N LYS B 224 15.63 -3.10 -14.24
CA LYS B 224 16.77 -2.19 -14.20
C LYS B 224 18.14 -2.85 -14.24
N PHE B 225 18.27 -4.06 -13.75
CA PHE B 225 19.53 -4.74 -13.82
C PHE B 225 19.64 -5.74 -14.97
N ALA B 226 18.73 -5.68 -15.92
CA ALA B 226 18.79 -6.64 -16.99
C ALA B 226 19.65 -6.11 -18.17
N ARG B 227 20.44 -6.99 -18.76
CA ARG B 227 21.25 -6.65 -19.93
C ARG B 227 21.19 -7.80 -20.92
N VAL B 228 21.59 -7.54 -22.16
CA VAL B 228 21.71 -8.61 -23.13
C VAL B 228 23.17 -8.91 -23.31
N CYS B 229 23.53 -10.19 -23.25
CA CYS B 229 24.89 -10.64 -23.45
C CYS B 229 24.91 -11.87 -24.35
N GLU B 230 26.03 -12.07 -25.03
CA GLU B 230 26.22 -13.24 -25.86
C GLU B 230 26.36 -14.47 -25.01
N VAL B 231 25.57 -15.50 -25.29
CA VAL B 231 25.69 -16.79 -24.66
C VAL B 231 25.55 -17.81 -25.79
N ASP B 232 26.61 -18.60 -26.00
CA ASP B 232 26.66 -19.66 -27.04
C ASP B 232 26.10 -19.17 -28.36
N ASN B 233 26.61 -18.04 -28.84
CA ASN B 233 26.23 -17.46 -30.16
C ASN B 233 24.77 -17.04 -30.30
N GLU B 234 24.08 -16.91 -29.18
CA GLU B 234 22.80 -16.28 -29.10
C GLU B 234 23.00 -15.04 -28.23
N LEU B 235 22.18 -14.02 -28.50
CA LEU B 235 22.04 -12.90 -27.61
C LEU B 235 20.88 -13.13 -26.63
N ARG B 236 21.20 -13.19 -25.34
CA ARG B 236 20.24 -13.50 -24.30
C ARG B 236 20.18 -12.47 -23.21
N ILE B 237 19.01 -12.40 -22.60
CA ILE B 237 18.84 -11.52 -21.46
C ILE B 237 19.66 -12.08 -20.31
N CYS B 238 20.35 -11.20 -19.60
CA CYS B 238 21.15 -11.61 -18.45
C CYS B 238 20.83 -10.76 -17.26
N ALA B 239 20.81 -11.40 -16.11
CA ALA B 239 20.60 -10.73 -14.83
C ALA B 239 21.96 -10.44 -14.16
N ARG B 240 22.00 -9.34 -13.41
CA ARG B 240 23.15 -9.01 -12.65
C ARG B 240 23.35 -10.11 -11.62
N ASP B 241 24.60 -10.52 -11.42
CA ASP B 241 24.96 -11.60 -10.48
C ASP B 241 24.28 -11.52 -9.10
N LYS B 242 24.25 -10.34 -8.52
CA LYS B 242 23.73 -10.23 -7.17
C LYS B 242 22.22 -10.37 -7.05
N GLU B 243 21.51 -10.35 -8.17
CA GLU B 243 20.10 -10.60 -8.15
C GLU B 243 19.75 -12.08 -8.06
N VAL B 244 20.72 -12.96 -8.02
CA VAL B 244 20.43 -14.38 -7.97
C VAL B 244 19.60 -14.80 -6.77
N GLY B 245 19.85 -14.22 -5.58
CA GLY B 245 19.03 -14.51 -4.42
C GLY B 245 17.55 -14.13 -4.66
N ASN B 246 17.34 -12.97 -5.28
CA ASN B 246 16.02 -12.47 -5.60
C ASN B 246 15.29 -13.36 -6.62
N LEU B 247 16.04 -14.01 -7.51
CA LEU B 247 15.43 -15.00 -8.42
C LEU B 247 14.98 -16.26 -7.73
N TYR B 248 15.84 -16.83 -6.89
CA TYR B 248 15.41 -17.91 -6.02
C TYR B 248 14.13 -17.55 -5.27
N ASP B 249 14.08 -16.34 -4.74
CA ASP B 249 12.94 -15.89 -3.99
C ASP B 249 11.69 -15.75 -4.84
N MET B 250 11.88 -15.38 -6.09
CA MET B 250 10.82 -15.27 -7.01
C MET B 250 10.07 -16.64 -7.12
N PHE B 251 10.81 -17.73 -7.26
CA PHE B 251 10.15 -19.03 -7.38
C PHE B 251 9.63 -19.52 -6.04
N HIS B 252 10.25 -19.09 -4.94
CA HIS B 252 9.73 -19.42 -3.62
C HIS B 252 8.33 -18.80 -3.47
N THR B 253 8.22 -17.52 -3.85
CA THR B 253 6.96 -16.80 -3.88
C THR B 253 5.92 -17.50 -4.77
N ARG B 254 6.32 -17.87 -6.00
CA ARG B 254 5.41 -18.64 -6.85
C ARG B 254 4.84 -19.85 -6.14
N ASN B 255 5.71 -20.62 -5.50
CA ASN B 255 5.31 -21.77 -4.73
C ASN B 255 4.38 -21.47 -3.53
N SER B 256 4.64 -20.38 -2.79
CA SER B 256 3.74 -19.98 -1.73
C SER B 256 2.38 -19.57 -2.22
N LEU B 257 2.33 -18.84 -3.31
CA LEU B 257 1.04 -18.46 -3.87
C LEU B 257 0.22 -19.70 -4.27
N HIS B 258 0.88 -20.70 -4.79
CA HIS B 258 0.23 -21.96 -5.14
C HIS B 258 -0.24 -22.70 -3.90
N ARG B 259 0.57 -22.63 -2.84
CA ARG B 259 0.22 -23.32 -1.62
C ARG B 259 -0.95 -22.73 -0.91
N ARG B 260 -0.99 -21.45 -0.83
CA ARG B 260 -2.02 -20.80 -0.05
C ARG B 260 -3.25 -20.48 -0.91
N ALA B 261 -3.07 -20.23 -2.19
CA ALA B 261 -4.17 -19.72 -2.98
C ALA B 261 -4.55 -20.61 -4.20
N TYR B 262 -3.68 -20.77 -5.16
CA TYR B 262 -4.06 -21.34 -6.37
C TYR B 262 -4.46 -22.81 -6.22
N GLN B 263 -3.90 -23.50 -5.23
CA GLN B 263 -4.24 -24.85 -4.89
C GLN B 263 -4.88 -24.93 -3.50
N HIS B 264 -5.50 -23.87 -3.02
CA HIS B 264 -6.27 -23.99 -1.78
C HIS B 264 -7.25 -25.15 -1.92
N LYS B 265 -7.32 -26.00 -0.91
CA LYS B 265 -8.02 -27.27 -0.98
C LYS B 265 -9.51 -27.09 -1.31
N VAL B 266 -10.12 -26.04 -0.77
CA VAL B 266 -11.48 -25.75 -1.08
C VAL B 266 -11.64 -25.13 -2.47
N GLY B 267 -10.75 -24.23 -2.83
CA GLY B 267 -10.82 -23.65 -4.17
C GLY B 267 -10.77 -24.76 -5.20
N ASN B 268 -9.93 -25.76 -4.95
CA ASN B 268 -9.80 -26.82 -5.90
C ASN B 268 -11.04 -27.73 -5.96
N ILE B 269 -11.69 -27.95 -4.83
CA ILE B 269 -12.84 -28.83 -4.81
C ILE B 269 -14.00 -28.12 -5.47
N ILE B 270 -14.06 -26.81 -5.36
CA ILE B 270 -15.04 -26.04 -6.13
C ILE B 270 -14.79 -26.14 -7.61
N ASP B 271 -13.54 -26.02 -8.02
CA ASP B 271 -13.20 -26.22 -9.43
C ASP B 271 -13.64 -27.63 -9.91
N THR B 272 -13.45 -28.62 -9.05
CA THR B 272 -13.82 -29.97 -9.35
C THR B 272 -15.31 -30.13 -9.47
N MET B 273 -16.06 -29.50 -8.58
CA MET B 273 -17.53 -29.58 -8.64
C MET B 273 -18.07 -28.89 -9.92
N ILE B 274 -17.49 -27.75 -10.24
CA ILE B 274 -17.87 -27.04 -11.44
C ILE B 274 -17.55 -27.93 -12.66
N THR B 275 -16.38 -28.55 -12.64
CA THR B 275 -15.99 -29.37 -13.74
C THR B 275 -17.01 -30.49 -13.92
N ASP B 276 -17.41 -31.12 -12.82
CA ASP B 276 -18.42 -32.19 -12.85
C ASP B 276 -19.70 -31.75 -13.47
N ALA B 277 -20.15 -30.57 -13.08
CA ALA B 277 -21.38 -30.00 -13.61
C ALA B 277 -21.26 -29.74 -15.10
N PHE B 278 -20.11 -29.26 -15.54
CA PHE B 278 -19.88 -29.02 -16.95
C PHE B 278 -19.94 -30.31 -17.72
N LEU B 279 -19.32 -31.38 -17.21
CA LEU B 279 -19.37 -32.68 -17.85
C LEU B 279 -20.82 -33.19 -18.02
N LYS B 280 -21.66 -33.03 -17.01
CA LYS B 280 -23.07 -33.44 -17.07
C LYS B 280 -23.96 -32.56 -17.96
N ALA B 281 -23.47 -31.38 -18.25
CA ALA B 281 -24.19 -30.47 -19.08
C ALA B 281 -23.69 -30.50 -20.54
N ASP B 282 -22.55 -31.12 -20.77
CA ASP B 282 -21.87 -30.99 -22.04
C ASP B 282 -22.71 -31.49 -23.28
N ASP B 283 -23.52 -32.52 -23.08
CA ASP B 283 -24.42 -33.02 -24.14
C ASP B 283 -25.54 -32.05 -24.49
N TYR B 284 -25.98 -31.22 -23.55
CA TYR B 284 -27.17 -30.43 -23.73
C TYR B 284 -26.97 -28.95 -23.99
N ILE B 285 -25.82 -28.42 -23.65
CA ILE B 285 -25.54 -27.02 -23.92
C ILE B 285 -25.07 -26.94 -25.34
N GLU B 286 -25.58 -25.94 -26.03
CA GLU B 286 -25.14 -25.72 -27.39
C GLU B 286 -24.71 -24.29 -27.63
N ILE B 287 -23.56 -24.16 -28.29
CA ILE B 287 -22.99 -22.88 -28.57
C ILE B 287 -22.84 -22.74 -30.05
N THR B 288 -23.35 -21.64 -30.57
CA THR B 288 -23.39 -21.40 -31.97
C THR B 288 -22.11 -20.79 -32.45
N GLY B 289 -21.51 -21.51 -33.41
CA GLY B 289 -20.23 -21.15 -33.99
C GLY B 289 -20.38 -20.61 -35.39
N ALA B 290 -19.35 -20.82 -36.18
CA ALA B 290 -19.30 -20.26 -37.49
C ALA B 290 -20.40 -20.91 -38.44
N GLY B 291 -21.10 -20.06 -39.19
CA GLY B 291 -22.18 -20.49 -40.11
C GLY B 291 -23.35 -21.15 -39.39
N GLY B 292 -23.66 -20.67 -38.17
CA GLY B 292 -24.77 -21.25 -37.38
C GLY B 292 -24.56 -22.66 -36.83
N LYS B 293 -23.45 -23.29 -37.21
CA LYS B 293 -23.14 -24.62 -36.73
C LYS B 293 -23.06 -24.64 -35.20
N LYS B 294 -23.39 -25.79 -34.61
CA LYS B 294 -23.52 -25.88 -33.16
C LYS B 294 -22.45 -26.74 -32.47
N TYR B 295 -21.98 -26.29 -31.33
CA TYR B 295 -20.87 -26.95 -30.62
C TYR B 295 -21.23 -27.20 -29.20
N ARG B 296 -20.50 -28.12 -28.59
CA ARG B 296 -20.63 -28.32 -27.17
C ARG B 296 -19.52 -27.53 -26.43
N ILE B 297 -19.66 -27.50 -25.12
CA ILE B 297 -18.64 -26.88 -24.25
C ILE B 297 -17.27 -27.47 -24.57
N SER B 298 -17.23 -28.80 -24.71
CA SER B 298 -16.01 -29.52 -25.02
C SER B 298 -15.53 -29.41 -26.46
N THR B 299 -16.38 -28.99 -27.39
CA THR B 299 -15.94 -28.89 -28.79
C THR B 299 -15.82 -27.46 -29.28
N ALA B 300 -16.20 -26.50 -28.44
CA ALA B 300 -16.07 -25.08 -28.80
C ALA B 300 -14.64 -24.71 -29.09
N ILE B 301 -13.69 -25.47 -28.55
CA ILE B 301 -12.29 -25.25 -28.83
C ILE B 301 -11.88 -25.54 -30.26
N ASP B 302 -12.77 -26.15 -31.02
CA ASP B 302 -12.50 -26.42 -32.45
C ASP B 302 -12.97 -25.31 -33.39
N ASP B 303 -13.80 -24.39 -32.89
CA ASP B 303 -14.26 -23.24 -33.68
C ASP B 303 -14.18 -21.95 -32.86
N MET B 304 -13.33 -21.06 -33.33
CA MET B 304 -12.97 -19.89 -32.57
C MET B 304 -14.14 -18.91 -32.42
N GLU B 305 -15.02 -18.91 -33.40
CA GLU B 305 -16.25 -18.12 -33.31
C GLU B 305 -17.15 -18.60 -32.15
N ALA B 306 -17.21 -19.91 -31.96
CA ALA B 306 -17.93 -20.44 -30.80
C ALA B 306 -17.14 -20.18 -29.46
N TYR B 307 -15.82 -20.38 -29.50
CA TYR B 307 -15.00 -20.28 -28.34
C TYR B 307 -15.09 -18.81 -27.79
N THR B 308 -15.19 -17.84 -28.71
CA THR B 308 -15.47 -16.46 -28.39
C THR B 308 -16.63 -16.28 -27.41
N LYS B 309 -17.63 -17.13 -27.52
CA LYS B 309 -18.79 -17.02 -26.69
C LYS B 309 -18.76 -17.95 -25.50
N LEU B 310 -17.62 -18.62 -25.29
CA LEU B 310 -17.48 -19.55 -24.16
C LEU B 310 -16.73 -18.95 -22.98
N THR B 311 -17.47 -18.54 -21.95
CA THR B 311 -16.93 -17.83 -20.81
C THR B 311 -17.52 -18.32 -19.52
N ASP B 312 -17.19 -17.66 -18.39
CA ASP B 312 -17.78 -18.00 -17.10
C ASP B 312 -19.34 -18.03 -17.15
N ASN B 313 -19.92 -17.28 -18.08
CA ASN B 313 -21.36 -17.27 -18.31
C ASN B 313 -22.03 -18.67 -18.37
N ILE B 314 -21.37 -19.70 -18.86
CA ILE B 314 -21.98 -21.01 -18.83
C ILE B 314 -22.30 -21.55 -17.47
N PHE B 315 -21.54 -21.14 -16.49
CA PHE B 315 -21.85 -21.45 -15.10
C PHE B 315 -23.26 -20.96 -14.79
N LEU B 316 -23.56 -19.72 -15.13
CA LEU B 316 -24.85 -19.14 -14.81
C LEU B 316 -25.98 -19.60 -15.76
N GLU B 317 -25.64 -19.90 -17.00
CA GLU B 317 -26.59 -20.52 -17.92
C GLU B 317 -27.06 -21.86 -17.31
N ILE B 318 -26.13 -22.65 -16.80
CA ILE B 318 -26.51 -23.90 -16.16
C ILE B 318 -27.28 -23.67 -14.87
N LEU B 319 -26.82 -22.72 -14.09
CA LEU B 319 -27.43 -22.50 -12.79
C LEU B 319 -28.88 -22.04 -12.93
N TYR B 320 -29.13 -21.18 -13.91
CA TYR B 320 -30.43 -20.61 -14.10
C TYR B 320 -31.34 -21.41 -15.08
N SER B 321 -30.88 -22.54 -15.56
CA SER B 321 -31.67 -23.33 -16.54
C SER B 321 -32.91 -24.00 -15.90
N THR B 322 -33.88 -24.30 -16.74
CA THR B 322 -35.08 -25.10 -16.34
C THR B 322 -35.23 -26.43 -17.07
N ASP B 323 -34.53 -26.58 -18.18
CA ASP B 323 -34.49 -27.85 -18.86
C ASP B 323 -34.25 -28.99 -17.86
N PRO B 324 -35.14 -30.00 -17.81
CA PRO B 324 -34.88 -31.18 -16.99
C PRO B 324 -33.67 -32.00 -17.43
N LYS B 325 -33.24 -31.89 -18.68
CA LYS B 325 -32.01 -32.55 -19.12
C LYS B 325 -30.77 -32.04 -18.34
N LEU B 326 -30.85 -30.79 -17.87
CA LEU B 326 -29.76 -30.13 -17.11
C LEU B 326 -29.94 -30.24 -15.60
N LYS B 327 -30.99 -30.91 -15.16
CA LYS B 327 -31.23 -31.05 -13.73
C LYS B 327 -29.99 -31.47 -12.93
N ASP B 328 -29.23 -32.43 -13.44
CA ASP B 328 -28.12 -33.00 -12.68
C ASP B 328 -27.01 -31.99 -12.52
N ALA B 329 -26.70 -31.31 -13.62
CA ALA B 329 -25.70 -30.30 -13.66
C ALA B 329 -26.11 -29.11 -12.76
N ARG B 330 -27.32 -28.62 -12.92
CA ARG B 330 -27.85 -27.56 -12.12
C ARG B 330 -27.77 -27.90 -10.64
N GLU B 331 -28.02 -29.14 -10.28
CA GLU B 331 -28.03 -29.49 -8.86
C GLU B 331 -26.66 -29.36 -8.24
N ILE B 332 -25.64 -29.74 -8.97
CA ILE B 332 -24.29 -29.62 -8.48
C ILE B 332 -23.94 -28.15 -8.17
N LEU B 333 -24.21 -27.26 -9.11
CA LEU B 333 -23.98 -25.84 -8.90
C LEU B 333 -24.80 -25.28 -7.77
N LYS B 334 -25.99 -25.79 -7.57
CA LYS B 334 -26.79 -25.32 -6.47
C LYS B 334 -26.19 -25.71 -5.14
N GLN B 335 -25.56 -26.89 -5.11
CA GLN B 335 -24.86 -27.31 -3.88
C GLN B 335 -23.66 -26.36 -3.56
N ILE B 336 -23.04 -25.83 -4.59
CA ILE B 336 -22.00 -24.84 -4.41
C ILE B 336 -22.55 -23.59 -3.73
N GLU B 337 -23.67 -23.05 -4.19
CA GLU B 337 -24.27 -21.89 -3.55
C GLU B 337 -24.68 -22.12 -2.12
N TYR B 338 -25.10 -23.33 -1.80
CA TYR B 338 -25.50 -23.63 -0.41
C TYR B 338 -24.27 -23.97 0.46
N ARG B 339 -23.12 -24.05 -0.19
CA ARG B 339 -21.91 -24.45 0.42
C ARG B 339 -21.97 -25.88 0.88
N ASN B 340 -22.74 -26.70 0.17
CA ASN B 340 -22.75 -28.11 0.48
C ASN B 340 -21.70 -28.77 -0.40
N LEU B 341 -20.45 -28.67 0.03
CA LEU B 341 -19.35 -29.10 -0.80
C LEU B 341 -18.91 -30.49 -0.39
N PHE B 342 -18.25 -31.17 -1.32
CA PHE B 342 -17.56 -32.41 -0.99
C PHE B 342 -16.56 -32.12 0.14
N LYS B 343 -16.39 -33.03 1.10
CA LYS B 343 -15.60 -32.74 2.30
C LYS B 343 -14.15 -33.15 2.15
N TYR B 344 -13.26 -32.27 2.59
CA TYR B 344 -11.84 -32.52 2.66
C TYR B 344 -11.56 -33.54 3.76
N VAL B 345 -10.76 -34.53 3.41
CA VAL B 345 -10.43 -35.59 4.34
C VAL B 345 -9.04 -35.41 4.84
N GLY B 346 -8.09 -35.20 3.93
CA GLY B 346 -6.73 -34.83 4.30
C GLY B 346 -5.78 -34.70 3.13
N GLU B 347 -4.51 -34.49 3.47
CA GLU B 347 -3.43 -34.27 2.51
C GLU B 347 -2.25 -35.15 2.87
N THR B 348 -1.51 -35.60 1.88
CA THR B 348 -0.30 -36.38 2.13
C THR B 348 0.66 -36.25 0.93
N GLN B 349 1.88 -36.75 1.08
CA GLN B 349 2.82 -36.80 -0.03
C GLN B 349 3.43 -38.19 -0.23
N PRO B 350 3.79 -38.52 -1.48
CA PRO B 350 4.66 -39.68 -1.70
C PRO B 350 6.06 -39.56 -1.09
N THR B 351 6.76 -40.68 -1.00
CA THR B 351 8.01 -40.81 -0.28
C THR B 351 9.16 -41.26 -1.19
N GLY B 352 10.33 -40.71 -0.93
CA GLY B 352 11.55 -41.07 -1.63
C GLY B 352 11.43 -40.91 -3.13
N GLN B 353 11.58 -42.01 -3.84
CA GLN B 353 11.60 -41.99 -5.30
C GLN B 353 10.20 -41.91 -5.90
N ILE B 354 9.17 -42.29 -5.13
CA ILE B 354 7.82 -42.53 -5.68
C ILE B 354 7.23 -41.30 -6.39
N LYS B 355 6.90 -41.45 -7.66
CA LYS B 355 6.29 -40.39 -8.44
C LYS B 355 4.99 -40.93 -9.08
N ILE B 356 3.87 -40.25 -8.93
CA ILE B 356 2.58 -40.71 -9.43
C ILE B 356 2.23 -40.16 -10.81
N LYS B 357 1.91 -41.05 -11.78
CA LYS B 357 1.69 -40.58 -13.13
C LYS B 357 0.23 -40.29 -13.42
N ARG B 358 0.00 -39.44 -14.40
CA ARG B 358 -1.36 -39.04 -14.81
C ARG B 358 -2.31 -40.22 -15.11
N GLU B 359 -1.81 -41.30 -15.72
CA GLU B 359 -2.65 -42.45 -16.05
C GLU B 359 -3.14 -43.24 -14.81
N ASP B 360 -2.45 -43.09 -13.69
CA ASP B 360 -2.88 -43.76 -12.47
C ASP B 360 -3.92 -42.98 -11.68
N TYR B 361 -4.19 -41.72 -12.05
CA TYR B 361 -5.07 -40.88 -11.25
C TYR B 361 -6.43 -41.53 -11.09
N GLU B 362 -6.91 -42.15 -12.17
CA GLU B 362 -8.23 -42.76 -12.19
C GLU B 362 -8.38 -43.91 -11.19
N SER B 363 -7.30 -44.61 -10.92
CA SER B 363 -7.34 -45.75 -10.03
C SER B 363 -7.17 -45.44 -8.53
N LEU B 364 -6.92 -44.18 -8.17
CA LEU B 364 -6.62 -43.86 -6.78
C LEU B 364 -7.84 -43.88 -5.85
N PRO B 365 -8.99 -43.38 -6.32
CA PRO B 365 -10.14 -43.52 -5.44
C PRO B 365 -10.44 -45.01 -5.14
N LYS B 366 -10.13 -45.89 -6.11
CA LYS B 366 -10.28 -47.36 -5.92
C LYS B 366 -9.42 -47.85 -4.77
N GLU B 367 -8.14 -47.48 -4.81
CA GLU B 367 -7.21 -47.92 -3.75
C GLU B 367 -7.60 -47.47 -2.36
N VAL B 368 -8.19 -46.30 -2.24
CA VAL B 368 -8.53 -45.75 -0.93
C VAL B 368 -9.66 -46.55 -0.32
N ALA B 369 -10.68 -46.80 -1.13
CA ALA B 369 -11.84 -47.61 -0.72
C ALA B 369 -11.45 -49.05 -0.39
N SER B 370 -10.36 -49.51 -0.98
CA SER B 370 -9.83 -50.87 -0.77
C SER B 370 -9.04 -51.03 0.50
N ALA B 371 -8.54 -49.94 1.08
CA ALA B 371 -7.77 -50.07 2.32
C ALA B 371 -8.67 -50.63 3.41
N LYS B 372 -8.06 -51.32 4.38
CA LYS B 372 -8.80 -52.07 5.37
C LYS B 372 -8.36 -51.65 6.76
N PRO B 373 -8.93 -50.53 7.21
CA PRO B 373 -8.59 -50.07 8.54
C PRO B 373 -9.23 -50.94 9.62
N LYS B 374 -8.48 -51.29 10.66
CA LYS B 374 -9.01 -52.08 11.78
C LYS B 374 -9.79 -51.17 12.73
N VAL B 375 -10.98 -50.73 12.34
CA VAL B 375 -11.83 -49.91 13.21
C VAL B 375 -13.29 -50.26 12.98
N LEU B 376 -14.11 -50.13 14.01
CA LEU B 376 -15.55 -50.31 13.88
C LEU B 376 -16.15 -49.16 13.07
N LEU B 377 -16.77 -49.50 11.95
CA LEU B 377 -17.39 -48.52 11.06
C LEU B 377 -18.86 -48.81 10.82
N ASP B 378 -19.71 -47.81 11.10
CA ASP B 378 -21.16 -47.91 10.88
C ASP B 378 -21.48 -47.96 9.38
N VAL B 379 -20.81 -47.11 8.60
CA VAL B 379 -20.99 -47.07 7.14
C VAL B 379 -19.72 -47.52 6.42
N LYS B 380 -19.90 -47.95 5.17
CA LYS B 380 -18.84 -48.48 4.34
C LYS B 380 -18.86 -47.74 3.00
N LEU B 381 -17.69 -47.31 2.53
CA LEU B 381 -17.65 -46.36 1.42
C LEU B 381 -17.05 -47.01 0.20
N LYS B 382 -17.50 -46.57 -0.98
CA LYS B 382 -17.06 -47.14 -2.25
C LYS B 382 -16.14 -46.18 -3.02
N ALA B 383 -15.46 -46.70 -4.05
CA ALA B 383 -14.54 -45.92 -4.86
C ALA B 383 -15.12 -44.57 -5.29
N GLU B 384 -16.34 -44.61 -5.78
CA GLU B 384 -17.04 -43.44 -6.28
C GLU B 384 -17.40 -42.39 -5.21
N ASP B 385 -17.28 -42.76 -3.94
CA ASP B 385 -17.47 -41.78 -2.84
C ASP B 385 -16.21 -40.92 -2.56
N PHE B 386 -15.10 -41.24 -3.22
CA PHE B 386 -13.81 -40.56 -2.95
C PHE B 386 -13.33 -39.76 -4.14
N ILE B 387 -12.77 -38.58 -3.85
CA ILE B 387 -12.03 -37.84 -4.83
C ILE B 387 -10.60 -37.71 -4.39
N VAL B 388 -9.70 -37.90 -5.35
CA VAL B 388 -8.28 -37.82 -5.10
C VAL B 388 -7.63 -36.87 -6.09
N ASP B 389 -7.12 -35.75 -5.57
CA ASP B 389 -6.59 -34.68 -6.39
C ASP B 389 -5.08 -34.82 -6.20
N VAL B 390 -4.34 -34.99 -7.28
CA VAL B 390 -2.89 -35.01 -7.22
C VAL B 390 -2.36 -33.73 -7.84
N ILE B 391 -1.47 -33.06 -7.14
CA ILE B 391 -0.98 -31.76 -7.56
C ILE B 391 0.54 -31.73 -7.58
N ASN B 392 1.07 -31.36 -8.73
CA ASN B 392 2.48 -31.32 -8.95
C ASN B 392 2.94 -29.92 -8.67
N MET B 393 3.72 -29.76 -7.61
CA MET B 393 4.36 -28.52 -7.27
C MET B 393 5.82 -28.57 -7.71
N ASP B 394 6.26 -27.57 -8.45
CA ASP B 394 7.67 -27.43 -8.81
C ASP B 394 8.11 -25.97 -8.98
N TYR B 395 9.36 -25.77 -9.34
CA TYR B 395 9.85 -24.47 -9.75
C TYR B 395 9.72 -24.20 -11.26
N GLY B 396 8.74 -24.84 -11.88
CA GLY B 396 8.36 -24.58 -13.28
C GLY B 396 9.08 -25.39 -14.32
N MET B 397 9.97 -26.28 -13.88
CA MET B 397 10.74 -27.14 -14.79
C MET B 397 10.92 -28.55 -14.22
N GLN B 398 9.83 -29.13 -13.77
CA GLN B 398 9.84 -30.44 -13.11
C GLN B 398 10.98 -30.52 -12.10
N GLU B 399 11.88 -31.51 -12.23
CA GLU B 399 12.96 -31.75 -11.25
C GLU B 399 14.03 -30.71 -11.31
N LYS B 400 14.08 -29.95 -12.39
CA LYS B 400 15.18 -29.02 -12.65
C LYS B 400 15.12 -27.68 -11.86
N ASN B 401 16.31 -27.15 -11.60
CA ASN B 401 16.49 -25.84 -10.96
C ASN B 401 16.61 -24.77 -12.04
N PRO B 402 15.58 -23.94 -12.16
CA PRO B 402 15.57 -23.02 -13.29
C PRO B 402 16.72 -22.00 -13.23
N ILE B 403 17.30 -21.79 -12.06
CA ILE B 403 18.43 -20.85 -11.93
C ILE B 403 19.69 -21.38 -12.63
N ASP B 404 19.80 -22.69 -12.80
CA ASP B 404 20.84 -23.24 -13.62
C ASP B 404 20.65 -22.92 -15.09
N HIS B 405 19.51 -22.36 -15.47
CA HIS B 405 19.31 -21.94 -16.82
C HIS B 405 19.20 -20.45 -16.98
N VAL B 406 19.78 -19.76 -16.02
CA VAL B 406 19.85 -18.30 -16.04
C VAL B 406 21.28 -17.85 -16.26
N SER B 407 21.43 -16.81 -17.06
CA SER B 407 22.70 -16.25 -17.35
C SER B 407 22.84 -14.95 -16.61
N PHE B 408 24.00 -14.79 -15.95
CA PHE B 408 24.30 -13.60 -15.19
C PHE B 408 25.48 -12.81 -15.77
N TYR B 409 25.68 -11.61 -15.26
CA TYR B 409 26.86 -10.80 -15.56
C TYR B 409 27.28 -10.06 -14.29
N CYS B 410 28.55 -9.67 -14.22
N CYS B 410 28.54 -9.66 -14.23
CA CYS B 410 29.08 -8.98 -13.05
CA CYS B 410 29.09 -8.97 -13.08
C CYS B 410 29.45 -7.54 -13.41
C CYS B 410 29.44 -7.53 -13.41
N LYS B 411 29.52 -6.66 -12.41
CA LYS B 411 29.71 -5.23 -12.67
C LYS B 411 31.06 -4.89 -13.30
N THR B 412 32.10 -5.68 -12.98
CA THR B 412 33.42 -5.46 -13.60
C THR B 412 33.53 -5.96 -15.08
N ALA B 413 32.68 -6.87 -15.55
CA ALA B 413 32.63 -7.26 -17.00
C ALA B 413 31.18 -7.44 -17.48
N PRO B 414 30.51 -6.30 -17.75
CA PRO B 414 29.08 -6.28 -18.02
C PRO B 414 28.68 -7.03 -19.25
N ASN B 415 29.64 -7.32 -20.14
CA ASN B 415 29.36 -8.04 -21.38
C ASN B 415 29.68 -9.52 -21.36
N ARG B 416 30.22 -9.97 -20.25
CA ARG B 416 30.57 -11.35 -20.13
C ARG B 416 29.54 -12.10 -19.31
N ALA B 417 28.82 -13.01 -19.96
CA ALA B 417 27.85 -13.84 -19.28
C ALA B 417 28.54 -14.92 -18.44
N ILE B 418 27.97 -15.22 -17.27
CA ILE B 418 28.47 -16.30 -16.41
C ILE B 418 27.30 -17.13 -15.89
N ARG B 419 27.64 -18.24 -15.27
CA ARG B 419 26.69 -19.14 -14.61
C ARG B 419 26.97 -19.09 -13.12
N ILE B 420 25.95 -19.38 -12.32
CA ILE B 420 26.06 -19.44 -10.89
C ILE B 420 25.32 -20.69 -10.45
N THR B 421 25.99 -21.51 -9.63
CA THR B 421 25.44 -22.74 -9.13
C THR B 421 24.80 -22.50 -7.77
N LYS B 422 24.05 -23.49 -7.31
CA LYS B 422 23.27 -23.37 -6.10
C LYS B 422 24.14 -23.18 -4.83
N ASN B 423 25.16 -24.02 -4.70
CA ASN B 423 26.15 -23.93 -3.59
C ASN B 423 26.97 -22.65 -3.63
N GLN B 424 27.05 -21.98 -4.79
CA GLN B 424 27.60 -20.60 -4.79
C GLN B 424 26.70 -19.55 -4.17
N VAL B 425 25.46 -19.90 -3.83
CA VAL B 425 24.53 -18.90 -3.31
C VAL B 425 24.23 -19.11 -1.84
N SER B 426 23.78 -20.31 -1.50
CA SER B 426 23.31 -20.57 -0.14
C SER B 426 23.07 -22.05 0.08
N GLN B 427 23.39 -22.50 1.28
CA GLN B 427 23.06 -23.83 1.75
C GLN B 427 21.64 -23.88 2.29
N LEU B 428 20.99 -22.74 2.42
CA LEU B 428 19.63 -22.68 2.94
C LEU B 428 18.56 -22.80 1.83
N LEU B 429 18.96 -23.15 0.62
CA LEU B 429 18.03 -23.27 -0.45
C LEU B 429 17.47 -24.68 -0.46
N PRO B 430 16.46 -24.94 -1.31
CA PRO B 430 15.88 -26.31 -1.40
C PRO B 430 16.83 -27.31 -2.06
N GLU B 431 16.79 -28.57 -1.63
CA GLU B 431 17.58 -29.62 -2.29
C GLU B 431 16.82 -30.22 -3.44
N LYS B 432 15.49 -30.19 -3.39
CA LYS B 432 14.65 -30.64 -4.50
C LYS B 432 13.76 -29.51 -5.00
N PHE B 433 13.38 -29.61 -6.26
CA PHE B 433 12.62 -28.57 -6.93
C PHE B 433 11.26 -29.03 -7.46
N ALA B 434 10.84 -30.23 -7.06
CA ALA B 434 9.55 -30.80 -7.46
C ALA B 434 9.06 -31.78 -6.38
N GLU B 435 7.75 -31.81 -6.17
CA GLU B 435 7.13 -32.66 -5.20
C GLU B 435 5.69 -32.82 -5.60
N GLN B 436 4.97 -33.73 -4.97
CA GLN B 436 3.56 -33.88 -5.25
C GLN B 436 2.77 -33.80 -3.97
N LEU B 437 1.60 -33.20 -4.07
CA LEU B 437 0.65 -33.20 -2.98
C LEU B 437 -0.55 -34.07 -3.37
N ILE B 438 -1.08 -34.81 -2.41
CA ILE B 438 -2.29 -35.61 -2.61
C ILE B 438 -3.38 -35.22 -1.64
N ARG B 439 -4.49 -34.75 -2.18
CA ARG B 439 -5.64 -34.39 -1.37
C ARG B 439 -6.74 -35.40 -1.63
N VAL B 440 -7.48 -35.70 -0.58
CA VAL B 440 -8.55 -36.64 -0.64
C VAL B 440 -9.78 -36.00 -0.05
N TYR B 441 -10.89 -36.15 -0.78
CA TYR B 441 -12.18 -35.62 -0.36
C TYR B 441 -13.21 -36.73 -0.41
N CYS B 442 -14.28 -36.55 0.35
CA CYS B 442 -15.38 -37.49 0.40
C CYS B 442 -16.69 -36.85 -0.11
N LYS B 443 -17.39 -37.53 -1.02
CA LYS B 443 -18.67 -37.03 -1.55
C LYS B 443 -19.84 -37.22 -0.59
N LYS B 444 -19.69 -38.06 0.42
CA LYS B 444 -20.73 -38.25 1.42
C LYS B 444 -20.34 -37.41 2.62
N VAL B 445 -21.19 -36.44 2.95
CA VAL B 445 -20.79 -35.35 3.83
C VAL B 445 -21.20 -35.50 5.29
N ASP B 446 -21.99 -36.52 5.62
CA ASP B 446 -22.50 -36.67 7.00
C ASP B 446 -21.41 -37.08 7.96
N ARG B 447 -21.69 -36.90 9.25
CA ARG B 447 -20.70 -37.07 10.32
C ARG B 447 -20.06 -38.46 10.33
N LYS B 448 -20.89 -39.48 10.14
CA LYS B 448 -20.40 -40.85 10.16
C LYS B 448 -19.62 -41.26 8.90
N SER B 449 -20.09 -40.85 7.73
CA SER B 449 -19.34 -41.07 6.48
C SER B 449 -17.97 -40.41 6.55
N LEU B 450 -17.92 -39.21 7.13
CA LEU B 450 -16.69 -38.45 7.17
C LEU B 450 -15.67 -39.17 8.05
N TYR B 451 -16.12 -39.61 9.23
CA TYR B 451 -15.27 -40.34 10.15
C TYR B 451 -14.65 -41.58 9.48
N ALA B 452 -15.48 -42.33 8.75
CA ALA B 452 -15.01 -43.52 8.05
C ALA B 452 -13.96 -43.17 7.02
N ALA B 453 -14.26 -42.14 6.23
CA ALA B 453 -13.34 -41.69 5.19
C ALA B 453 -11.93 -41.33 5.75
N ARG B 454 -11.92 -40.73 6.92
CA ARG B 454 -10.67 -40.44 7.58
C ARG B 454 -9.84 -41.71 7.83
N GLN B 455 -10.52 -42.78 8.22
CA GLN B 455 -9.83 -44.03 8.54
C GLN B 455 -9.32 -44.70 7.27
N TYR B 456 -10.12 -44.71 6.23
CA TYR B 456 -9.65 -45.28 4.96
C TYR B 456 -8.42 -44.49 4.49
N PHE B 457 -8.53 -43.18 4.58
CA PHE B 457 -7.48 -42.28 4.12
C PHE B 457 -6.16 -42.53 4.82
N VAL B 458 -6.20 -42.49 6.14
CA VAL B 458 -4.95 -42.68 6.90
C VAL B 458 -4.37 -44.09 6.71
N GLN B 459 -5.23 -45.09 6.62
CA GLN B 459 -4.78 -46.46 6.39
C GLN B 459 -4.10 -46.54 5.03
N TRP B 460 -4.76 -45.99 4.01
CA TRP B 460 -4.19 -45.94 2.67
C TRP B 460 -2.81 -45.28 2.64
N CYS B 461 -2.64 -44.20 3.42
CA CYS B 461 -1.37 -43.52 3.51
C CYS B 461 -0.32 -44.45 4.08
N ALA B 462 -0.66 -45.11 5.18
CA ALA B 462 0.22 -46.12 5.77
C ALA B 462 0.54 -47.24 4.76
N ASP B 463 -0.47 -47.80 4.13
CA ASP B 463 -0.24 -48.86 3.12
C ASP B 463 0.74 -48.47 2.01
N ARG B 464 0.70 -47.21 1.58
CA ARG B 464 1.52 -46.80 0.46
C ARG B 464 2.82 -46.14 0.91
N ASN B 465 3.02 -46.09 2.22
CA ASN B 465 4.23 -45.53 2.77
C ASN B 465 4.39 -44.03 2.45
N PHE B 466 3.24 -43.36 2.45
CA PHE B 466 3.18 -41.91 2.27
C PHE B 466 3.46 -41.20 3.56
N THR B 467 3.51 -39.88 3.51
CA THR B 467 3.72 -39.08 4.73
C THR B 467 2.47 -39.07 5.58
N LYS B 468 2.68 -39.06 6.87
CA LYS B 468 1.64 -38.96 7.85
C LYS B 468 0.93 -37.63 7.74
N PRO B 469 -0.38 -37.65 7.50
CA PRO B 469 -1.15 -36.43 7.57
C PRO B 469 -0.90 -35.66 8.89
N GLN B 470 -0.96 -34.36 8.82
CA GLN B 470 -0.51 -33.55 9.95
C GLN B 470 -1.40 -33.82 11.15
N ASP B 471 -2.69 -34.07 10.87
CA ASP B 471 -3.66 -34.27 11.93
C ASP B 471 -3.96 -35.75 12.12
N GLY B 472 -3.10 -36.61 11.57
CA GLY B 472 -3.30 -38.06 11.63
C GLY B 472 -3.68 -38.63 12.98
N ASP B 473 -2.95 -38.21 14.02
CA ASP B 473 -3.21 -38.71 15.36
C ASP B 473 -4.52 -38.23 15.97
N VAL B 474 -5.08 -37.13 15.47
CA VAL B 474 -6.41 -36.68 15.92
C VAL B 474 -7.54 -37.33 15.13
N ILE B 475 -7.43 -37.38 13.81
CA ILE B 475 -8.54 -37.92 13.00
C ILE B 475 -8.62 -39.46 13.03
N ALA B 476 -7.47 -40.13 13.19
CA ALA B 476 -7.40 -41.58 13.14
C ALA B 476 -6.45 -42.12 14.22
N PRO B 477 -6.78 -41.86 15.50
CA PRO B 477 -5.91 -42.28 16.60
C PRO B 477 -5.65 -43.80 16.67
N LEU B 478 -6.60 -44.60 16.20
CA LEU B 478 -6.45 -46.05 16.23
C LEU B 478 -5.58 -46.56 15.08
N ILE B 479 -5.42 -45.78 14.02
CA ILE B 479 -4.70 -46.23 12.84
C ILE B 479 -3.21 -45.88 12.91
N THR B 480 -2.89 -44.68 13.40
CA THR B 480 -1.54 -44.14 13.30
C THR B 480 -0.44 -44.89 14.07
N PRO B 481 -0.79 -45.49 15.22
CA PRO B 481 0.23 -46.28 15.93
C PRO B 481 0.81 -47.50 15.18
N GLN B 482 0.06 -48.14 14.31
CA GLN B 482 0.56 -49.28 13.53
C GLN B 482 1.82 -48.97 12.71
N LYS B 483 2.01 -47.71 12.34
CA LYS B 483 3.09 -47.34 11.43
C LYS B 483 4.28 -46.89 12.25
N LYS B 484 5.39 -47.60 12.06
CA LYS B 484 6.60 -47.42 12.85
C LYS B 484 7.19 -46.02 12.59
N GLU B 485 7.40 -45.70 11.32
CA GLU B 485 8.05 -44.46 10.89
C GLU B 485 7.37 -43.23 11.46
N TRP B 486 6.04 -43.30 11.59
CA TRP B 486 5.27 -42.21 12.18
C TRP B 486 5.43 -42.10 13.71
N ASN B 487 5.67 -43.23 14.40
CA ASN B 487 5.63 -43.37 15.88
C ASN B 487 4.24 -43.74 16.41
N ASP C 1 -21.42 -26.20 14.05
CA ASP C 1 -21.06 -24.90 13.41
C ASP C 1 -20.28 -24.01 14.35
N THR C 2 -19.16 -23.50 13.85
CA THR C 2 -18.42 -22.43 14.50
C THR C 2 -18.10 -21.31 13.51
N MET C 3 -17.37 -20.32 14.03
CA MET C 3 -17.07 -19.10 13.32
C MET C 3 -16.19 -19.36 12.06
N LYS C 4 -16.39 -18.58 10.99
CA LYS C 4 -15.48 -18.63 9.86
C LYS C 4 -14.64 -17.35 9.67
N VAL C 5 -13.46 -17.54 9.10
CA VAL C 5 -12.57 -16.44 8.76
C VAL C 5 -12.44 -16.24 7.26
N ILE C 6 -12.67 -15.01 6.83
CA ILE C 6 -12.47 -14.65 5.45
C ILE C 6 -11.35 -13.60 5.32
N ASN C 7 -10.42 -13.83 4.41
CA ASN C 7 -9.43 -12.83 4.05
C ASN C 7 -9.93 -11.84 2.99
N ASP C 8 -10.03 -10.58 3.38
CA ASP C 8 -10.43 -9.50 2.49
C ASP C 8 -9.23 -8.57 2.26
N PRO C 9 -9.00 -8.16 1.00
CA PRO C 9 -7.84 -7.33 0.79
C PRO C 9 -7.99 -5.97 1.41
N ILE C 10 -9.20 -5.53 1.74
CA ILE C 10 -9.37 -4.23 2.35
C ILE C 10 -9.25 -4.33 3.84
N HIS C 11 -9.94 -5.28 4.45
CA HIS C 11 -10.03 -5.33 5.89
C HIS C 11 -9.22 -6.44 6.52
N GLY C 12 -8.50 -7.24 5.74
CA GLY C 12 -7.77 -8.39 6.34
C GLY C 12 -8.73 -9.50 6.76
N HIS C 13 -8.44 -10.14 7.89
CA HIS C 13 -9.20 -11.29 8.37
C HIS C 13 -10.46 -10.93 9.11
N ILE C 14 -11.57 -11.25 8.50
CA ILE C 14 -12.88 -10.96 9.02
C ILE C 14 -13.46 -12.23 9.63
N GLU C 15 -13.83 -12.17 10.90
CA GLU C 15 -14.51 -13.28 11.55
C GLU C 15 -15.98 -13.19 11.30
N LEU C 16 -16.56 -14.30 10.90
CA LEU C 16 -18.01 -14.39 10.74
C LEU C 16 -18.60 -15.40 11.69
N HIS C 17 -19.55 -14.92 12.47
CA HIS C 17 -20.42 -15.76 13.29
C HIS C 17 -21.24 -16.77 12.45
N PRO C 18 -21.49 -17.99 12.97
CA PRO C 18 -22.14 -19.06 12.18
C PRO C 18 -23.46 -18.70 11.62
N LEU C 19 -24.24 -17.91 12.34
CA LEU C 19 -25.50 -17.36 11.83
C LEU C 19 -25.32 -16.51 10.56
N LEU C 20 -24.29 -15.67 10.57
CA LEU C 20 -23.97 -14.86 9.40
C LEU C 20 -23.55 -15.75 8.25
N VAL C 21 -22.77 -16.78 8.54
CA VAL C 21 -22.37 -17.74 7.53
C VAL C 21 -23.60 -18.39 6.89
N ARG C 22 -24.59 -18.74 7.70
CA ARG C 22 -25.82 -19.35 7.17
C ARG C 22 -26.58 -18.40 6.26
N ILE C 23 -26.59 -17.12 6.61
CA ILE C 23 -27.24 -16.12 5.76
C ILE C 23 -26.52 -15.94 4.43
N ILE C 24 -25.19 -16.03 4.50
CA ILE C 24 -24.35 -15.80 3.35
C ILE C 24 -24.44 -16.97 2.37
N ASP C 25 -24.53 -18.19 2.88
CA ASP C 25 -24.51 -19.36 2.03
C ASP C 25 -25.95 -19.71 1.51
N THR C 26 -26.54 -18.73 0.84
CA THR C 26 -27.84 -18.85 0.22
C THR C 26 -27.77 -18.25 -1.17
N PRO C 27 -28.61 -18.74 -2.08
CA PRO C 27 -28.67 -18.19 -3.43
C PRO C 27 -28.94 -16.70 -3.47
N GLN C 28 -29.68 -16.20 -2.49
CA GLN C 28 -30.12 -14.82 -2.51
C GLN C 28 -28.94 -13.92 -2.20
N PHE C 29 -28.00 -14.43 -1.39
CA PHE C 29 -26.83 -13.67 -1.02
C PHE C 29 -25.72 -13.87 -2.04
N GLN C 30 -25.52 -15.12 -2.46
CA GLN C 30 -24.47 -15.47 -3.40
C GLN C 30 -24.66 -14.83 -4.75
N ARG C 31 -25.90 -14.51 -5.03
CA ARG C 31 -26.30 -13.75 -6.22
C ARG C 31 -25.42 -12.51 -6.41
N LEU C 32 -25.05 -11.89 -5.30
CA LEU C 32 -24.24 -10.67 -5.31
C LEU C 32 -22.83 -10.82 -5.87
N ARG C 33 -22.35 -12.04 -6.01
CA ARG C 33 -21.16 -12.31 -6.75
C ARG C 33 -21.25 -11.97 -8.21
N TYR C 34 -22.46 -11.80 -8.76
CA TYR C 34 -22.62 -11.64 -10.21
C TYR C 34 -23.19 -10.27 -10.57
N ILE C 35 -23.06 -9.32 -9.68
CA ILE C 35 -23.43 -7.94 -9.91
C ILE C 35 -22.22 -7.01 -9.57
N LYS C 36 -21.62 -6.38 -10.59
CA LYS C 36 -20.53 -5.44 -10.47
C LYS C 36 -20.90 -4.22 -9.66
N GLN C 37 -20.04 -3.94 -8.66
CA GLN C 37 -20.24 -2.78 -7.80
C GLN C 37 -20.43 -1.49 -8.61
N LEU C 38 -19.61 -1.25 -9.60
CA LEU C 38 -19.58 0.03 -10.30
C LEU C 38 -20.20 -0.03 -11.73
N GLY C 39 -20.85 -1.15 -12.09
CA GLY C 39 -21.52 -1.31 -13.40
C GLY C 39 -20.59 -1.04 -14.58
N GLY C 40 -20.95 -0.03 -15.37
CA GLY C 40 -20.20 0.33 -16.60
C GLY C 40 -18.82 0.90 -16.28
N GLY C 41 -18.55 1.26 -15.02
CA GLY C 41 -17.24 1.76 -14.64
C GLY C 41 -16.10 0.82 -14.95
N TYR C 42 -16.41 -0.49 -14.92
CA TYR C 42 -15.42 -1.52 -15.23
C TYR C 42 -14.92 -1.39 -16.64
N TYR C 43 -15.76 -0.85 -17.53
CA TYR C 43 -15.41 -0.68 -18.94
C TYR C 43 -14.53 0.57 -19.13
N VAL C 44 -14.31 1.35 -18.06
CA VAL C 44 -13.35 2.47 -18.08
C VAL C 44 -12.15 2.22 -17.20
N PHE C 45 -12.42 1.65 -16.04
CA PHE C 45 -11.38 1.34 -15.03
C PHE C 45 -11.30 -0.18 -14.90
N PRO C 46 -10.33 -0.79 -15.51
CA PRO C 46 -10.37 -2.24 -15.59
C PRO C 46 -9.99 -2.94 -14.34
N GLY C 47 -9.54 -2.21 -13.34
CA GLY C 47 -9.40 -2.81 -12.05
C GLY C 47 -10.73 -3.03 -11.34
N ALA C 48 -11.78 -2.31 -11.77
CA ALA C 48 -13.04 -2.31 -11.01
C ALA C 48 -13.92 -3.47 -11.43
N SER C 49 -13.36 -4.65 -11.21
CA SER C 49 -13.99 -5.93 -11.44
C SER C 49 -14.83 -6.36 -10.23
N HIS C 50 -14.64 -5.71 -9.09
CA HIS C 50 -15.33 -6.10 -7.87
C HIS C 50 -16.84 -6.09 -7.89
N ASN C 51 -17.43 -7.01 -7.15
CA ASN C 51 -18.86 -7.20 -7.12
C ASN C 51 -19.47 -6.89 -5.77
N ARG C 52 -20.77 -6.76 -5.72
CA ARG C 52 -21.50 -6.33 -4.53
C ARG C 52 -21.32 -7.28 -3.38
N PHE C 53 -21.04 -8.53 -3.69
CA PHE C 53 -20.82 -9.53 -2.66
C PHE C 53 -19.72 -9.13 -1.61
N GLU C 54 -18.49 -8.92 -2.10
CA GLU C 54 -17.35 -8.60 -1.24
C GLU C 54 -17.59 -7.27 -0.55
N HIS C 55 -18.29 -6.35 -1.22
CA HIS C 55 -18.62 -5.11 -0.58
C HIS C 55 -19.54 -5.35 0.62
N SER C 56 -20.55 -6.20 0.46
CA SER C 56 -21.46 -6.53 1.53
C SER C 56 -20.79 -7.18 2.71
N LEU C 57 -19.84 -8.07 2.45
CA LEU C 57 -19.03 -8.59 3.56
C LEU C 57 -18.37 -7.46 4.31
N GLY C 58 -17.82 -6.51 3.60
CA GLY C 58 -17.04 -5.44 4.25
C GLY C 58 -17.92 -4.55 5.08
N VAL C 59 -19.13 -4.27 4.56
CA VAL C 59 -20.08 -3.46 5.27
C VAL C 59 -20.51 -4.15 6.58
N GLY C 60 -20.78 -5.44 6.50
CA GLY C 60 -21.16 -6.19 7.70
C GLY C 60 -20.02 -6.22 8.73
N TYR C 61 -18.81 -6.42 8.27
CA TYR C 61 -17.67 -6.40 9.17
C TYR C 61 -17.56 -5.05 9.88
N LEU C 62 -17.63 -3.97 9.13
CA LEU C 62 -17.46 -2.65 9.72
C LEU C 62 -18.59 -2.31 10.65
N ALA C 63 -19.78 -2.79 10.35
CA ALA C 63 -20.92 -2.55 11.22
C ALA C 63 -20.64 -3.17 12.57
N GLY C 64 -20.11 -4.38 12.54
CA GLY C 64 -19.68 -5.07 13.74
C GLY C 64 -18.61 -4.34 14.50
N CYS C 65 -17.62 -3.79 13.80
CA CYS C 65 -16.53 -3.09 14.48
C CYS C 65 -17.03 -1.90 15.23
N LEU C 66 -17.87 -1.11 14.60
CA LEU C 66 -18.34 0.10 15.25
C LEU C 66 -19.19 -0.22 16.47
N VAL C 67 -20.14 -1.14 16.33
CA VAL C 67 -20.99 -1.50 17.46
C VAL C 67 -20.18 -2.17 18.59
N HIS C 68 -19.24 -3.07 18.29
CA HIS C 68 -18.36 -3.57 19.33
C HIS C 68 -17.63 -2.45 20.03
N ALA C 69 -17.07 -1.52 19.27
CA ALA C 69 -16.23 -0.46 19.83
C ALA C 69 -17.02 0.40 20.79
N LEU C 70 -18.24 0.76 20.42
CA LEU C 70 -19.08 1.54 21.31
C LEU C 70 -19.36 0.80 22.62
N GLY C 71 -19.70 -0.48 22.50
CA GLY C 71 -20.00 -1.33 23.64
C GLY C 71 -18.83 -1.48 24.57
N GLU C 72 -17.62 -1.62 24.02
CA GLU C 72 -16.44 -1.75 24.84
C GLU C 72 -16.20 -0.47 25.60
N LYS C 73 -16.29 0.66 24.91
CA LYS C 73 -16.02 1.95 25.52
C LYS C 73 -17.13 2.33 26.50
N GLN C 74 -18.36 1.95 26.24
CA GLN C 74 -19.48 2.40 27.05
C GLN C 74 -20.45 1.26 27.38
N PRO C 75 -20.09 0.40 28.36
CA PRO C 75 -20.94 -0.72 28.82
C PRO C 75 -22.31 -0.26 29.30
N GLU C 76 -22.39 0.95 29.83
CA GLU C 76 -23.67 1.51 30.28
C GLU C 76 -24.73 1.51 29.22
N LEU C 77 -24.34 1.42 27.96
CA LEU C 77 -25.30 1.37 26.85
C LEU C 77 -26.08 0.06 26.77
N GLN C 78 -25.55 -1.00 27.39
CA GLN C 78 -26.22 -2.29 27.42
C GLN C 78 -26.38 -2.89 26.05
N ILE C 79 -25.36 -2.77 25.21
CA ILE C 79 -25.42 -3.39 23.89
C ILE C 79 -25.25 -4.90 24.10
N SER C 80 -26.19 -5.69 23.60
CA SER C 80 -26.13 -7.15 23.77
C SER C 80 -25.53 -7.82 22.54
N GLU C 81 -25.09 -9.07 22.69
CA GLU C 81 -24.70 -9.87 21.53
C GLU C 81 -25.80 -9.88 20.49
N ARG C 82 -27.03 -9.92 20.96
CA ARG C 82 -28.14 -9.90 20.07
C ARG C 82 -28.15 -8.64 19.17
N ASP C 83 -27.88 -7.49 19.80
CA ASP C 83 -27.80 -6.21 19.09
C ASP C 83 -26.70 -6.25 18.03
N VAL C 84 -25.57 -6.83 18.41
CA VAL C 84 -24.43 -6.91 17.52
C VAL C 84 -24.82 -7.71 16.28
N LEU C 85 -25.46 -8.86 16.48
CA LEU C 85 -25.75 -9.73 15.34
C LEU C 85 -26.74 -9.07 14.42
N CYS C 86 -27.69 -8.36 14.99
CA CYS C 86 -28.69 -7.71 14.19
C CYS C 86 -28.10 -6.60 13.34
N VAL C 87 -27.13 -5.90 13.88
CA VAL C 87 -26.46 -4.85 13.15
C VAL C 87 -25.56 -5.41 12.04
N GLN C 88 -24.81 -6.45 12.36
CA GLN C 88 -24.03 -7.11 11.34
C GLN C 88 -24.90 -7.62 10.22
N ILE C 89 -26.05 -8.21 10.54
CA ILE C 89 -26.92 -8.77 9.50
C ILE C 89 -27.44 -7.69 8.59
N ALA C 90 -27.88 -6.60 9.18
CA ALA C 90 -28.30 -5.44 8.42
C ALA C 90 -27.19 -4.97 7.49
N GLY C 91 -25.97 -4.99 8.00
CA GLY C 91 -24.85 -4.53 7.21
C GLY C 91 -24.60 -5.40 6.03
N LEU C 92 -24.52 -6.69 6.26
CA LEU C 92 -24.41 -7.64 5.15
C LEU C 92 -25.53 -7.50 4.13
N CYS C 93 -26.71 -7.19 4.61
CA CYS C 93 -27.92 -7.40 3.79
C CYS C 93 -28.45 -6.16 3.11
N ARG C 94 -27.84 -5.00 3.35
CA ARG C 94 -28.34 -3.79 2.73
C ARG C 94 -28.06 -3.66 1.25
N ASN C 95 -27.20 -4.52 0.69
CA ASN C 95 -27.03 -4.50 -0.77
C ASN C 95 -27.86 -5.57 -1.55
N LEU C 96 -28.68 -6.35 -0.86
CA LEU C 96 -29.34 -7.49 -1.48
C LEU C 96 -30.23 -7.14 -2.65
N GLY C 97 -30.80 -5.94 -2.63
CA GLY C 97 -31.77 -5.51 -3.64
C GLY C 97 -31.24 -4.93 -4.93
N HIS C 98 -29.91 -4.86 -5.06
CA HIS C 98 -29.32 -4.32 -6.29
C HIS C 98 -29.59 -5.24 -7.46
N GLY C 99 -29.70 -4.65 -8.64
CA GLY C 99 -29.94 -5.42 -9.86
C GLY C 99 -28.78 -5.29 -10.77
N PRO C 100 -28.89 -5.81 -11.99
CA PRO C 100 -27.82 -5.81 -12.95
C PRO C 100 -27.14 -4.45 -13.05
N PHE C 101 -25.82 -4.47 -12.96
CA PHE C 101 -24.98 -3.26 -13.02
C PHE C 101 -25.32 -2.22 -11.97
N SER C 102 -25.83 -2.69 -10.84
CA SER C 102 -26.03 -1.86 -9.66
C SER C 102 -26.90 -0.63 -9.95
N HIS C 103 -26.35 0.56 -9.87
CA HIS C 103 -27.13 1.79 -10.01
C HIS C 103 -27.68 2.06 -11.40
N MET C 104 -27.14 1.41 -12.41
CA MET C 104 -27.71 1.43 -13.72
C MET C 104 -29.17 0.97 -13.68
N PHE C 105 -29.45 -0.06 -12.86
CA PHE C 105 -30.73 -0.72 -12.87
C PHE C 105 -31.87 0.12 -12.28
N ASP C 106 -31.70 0.58 -11.06
CA ASP C 106 -32.72 1.42 -10.44
C ASP C 106 -32.57 2.89 -10.84
N GLY C 107 -31.36 3.29 -11.23
CA GLY C 107 -31.15 4.68 -11.63
C GLY C 107 -31.53 5.00 -13.06
N ARG C 108 -31.36 4.07 -13.97
CA ARG C 108 -31.65 4.33 -15.38
C ARG C 108 -32.76 3.47 -15.96
N PHE C 109 -32.66 2.15 -15.77
CA PHE C 109 -33.50 1.21 -16.49
C PHE C 109 -34.94 1.16 -15.99
N ILE C 110 -35.12 0.91 -14.69
CA ILE C 110 -36.47 0.79 -14.15
C ILE C 110 -37.30 2.07 -14.35
N PRO C 111 -36.71 3.23 -14.05
CA PRO C 111 -37.42 4.46 -14.34
C PRO C 111 -37.90 4.59 -15.77
N LEU C 112 -37.08 4.17 -16.73
CA LEU C 112 -37.52 4.20 -18.13
C LEU C 112 -38.46 3.08 -18.53
N ALA C 113 -38.26 1.87 -18.02
CA ALA C 113 -39.12 0.74 -18.40
C ALA C 113 -40.48 0.69 -17.68
N ARG C 114 -40.53 1.21 -16.46
CA ARG C 114 -41.75 1.20 -15.65
C ARG C 114 -41.86 2.49 -14.89
N PRO C 115 -42.20 3.58 -15.62
CA PRO C 115 -42.26 4.94 -15.03
C PRO C 115 -43.33 5.09 -13.97
N GLU C 116 -44.39 4.28 -14.04
CA GLU C 116 -45.46 4.31 -13.04
C GLU C 116 -45.03 3.77 -11.65
N VAL C 117 -44.11 2.80 -11.62
CA VAL C 117 -43.66 2.22 -10.33
C VAL C 117 -42.65 3.13 -9.70
N LYS C 118 -42.60 3.09 -8.38
CA LYS C 118 -41.54 3.75 -7.66
C LYS C 118 -40.71 2.66 -6.98
N TRP C 119 -39.43 2.52 -7.34
CA TRP C 119 -38.62 1.35 -6.91
C TRP C 119 -37.22 1.75 -6.53
N THR C 120 -36.71 1.18 -5.47
CA THR C 120 -35.33 1.46 -5.05
C THR C 120 -34.69 0.16 -4.65
N HIS C 121 -33.37 0.12 -4.78
CA HIS C 121 -32.60 -1.03 -4.32
C HIS C 121 -32.85 -1.26 -2.81
N GLU C 122 -33.10 -0.20 -2.04
CA GLU C 122 -33.35 -0.36 -0.58
C GLU C 122 -34.61 -1.18 -0.34
N GLN C 123 -35.64 -0.88 -1.13
CA GLN C 123 -36.87 -1.62 -1.06
C GLN C 123 -36.61 -3.05 -1.45
N GLY C 124 -35.92 -3.25 -2.57
CA GLY C 124 -35.52 -4.59 -3.01
C GLY C 124 -34.74 -5.37 -1.94
N SER C 125 -33.89 -4.68 -1.17
CA SER C 125 -33.06 -5.37 -0.17
C SER C 125 -33.95 -5.95 0.94
N VAL C 126 -34.93 -5.18 1.36
CA VAL C 126 -35.93 -5.65 2.31
C VAL C 126 -36.71 -6.89 1.81
N MET C 127 -37.23 -6.81 0.60
CA MET C 127 -37.95 -7.92 0.03
C MET C 127 -37.06 -9.14 -0.14
N MET C 128 -35.82 -8.92 -0.61
CA MET C 128 -34.89 -10.04 -0.83
C MET C 128 -34.53 -10.69 0.45
N PHE C 129 -34.43 -9.87 1.48
CA PHE C 129 -34.10 -10.38 2.78
C PHE C 129 -35.22 -11.28 3.32
N GLU C 130 -36.44 -10.79 3.27
CA GLU C 130 -37.62 -11.60 3.62
C GLU C 130 -37.62 -12.94 2.87
N HIS C 131 -37.47 -12.87 1.55
CA HIS C 131 -37.39 -14.07 0.71
C HIS C 131 -36.23 -15.00 1.16
N LEU C 132 -35.08 -14.41 1.45
CA LEU C 132 -33.92 -15.16 1.90
C LEU C 132 -34.22 -15.91 3.20
N ILE C 133 -34.79 -15.21 4.17
CA ILE C 133 -35.09 -15.78 5.48
C ILE C 133 -36.09 -16.95 5.33
N ASN C 134 -37.14 -16.71 4.59
CA ASN C 134 -38.22 -17.71 4.45
C ASN C 134 -37.85 -18.91 3.59
N SER C 135 -37.22 -18.67 2.45
CA SER C 135 -36.76 -19.75 1.59
C SER C 135 -35.71 -20.65 2.24
N ASN C 136 -35.06 -20.21 3.31
CA ASN C 136 -33.91 -20.98 3.79
C ASN C 136 -33.99 -21.40 5.24
N GLY C 137 -35.15 -21.23 5.87
CA GLY C 137 -35.34 -21.65 7.26
C GLY C 137 -34.38 -21.00 8.19
N ILE C 138 -34.23 -19.69 8.06
CA ILE C 138 -33.27 -18.98 8.92
C ILE C 138 -33.82 -18.71 10.32
N LYS C 139 -35.12 -18.44 10.43
CA LYS C 139 -35.76 -18.12 11.71
C LYS C 139 -35.42 -19.08 12.83
N PRO C 140 -35.46 -20.40 12.57
CA PRO C 140 -35.02 -21.34 13.62
C PRO C 140 -33.59 -21.12 14.06
N VAL C 141 -32.72 -20.83 13.09
CA VAL C 141 -31.29 -20.64 13.37
C VAL C 141 -31.10 -19.34 14.15
N MET C 142 -31.87 -18.32 13.83
CA MET C 142 -31.84 -17.07 14.59
C MET C 142 -32.16 -17.31 16.06
N GLU C 143 -33.25 -18.01 16.33
CA GLU C 143 -33.62 -18.23 17.73
C GLU C 143 -32.64 -19.18 18.41
N GLN C 144 -32.07 -20.12 17.66
CA GLN C 144 -30.98 -20.95 18.20
C GLN C 144 -29.83 -20.14 18.73
N TYR C 145 -29.61 -18.96 18.19
CA TYR C 145 -28.51 -18.08 18.66
C TYR C 145 -29.01 -16.92 19.47
N GLY C 146 -30.24 -17.00 19.97
CA GLY C 146 -30.74 -16.00 20.92
C GLY C 146 -31.44 -14.81 20.30
N LEU C 147 -31.75 -14.85 19.01
CA LEU C 147 -32.50 -13.75 18.43
C LEU C 147 -33.98 -13.99 18.61
N ILE C 148 -34.75 -12.90 18.57
CA ILE C 148 -36.22 -12.94 18.61
C ILE C 148 -36.77 -12.42 17.28
N PRO C 149 -37.08 -13.35 16.34
CA PRO C 149 -37.41 -12.98 14.99
C PRO C 149 -38.42 -11.86 14.79
N GLU C 150 -39.49 -11.81 15.57
CA GLU C 150 -40.49 -10.76 15.33
C GLU C 150 -39.83 -9.40 15.45
N GLU C 151 -39.18 -9.18 16.59
CA GLU C 151 -38.51 -7.91 16.90
C GLU C 151 -37.32 -7.65 16.00
N ASP C 152 -36.50 -8.68 15.88
CA ASP C 152 -35.18 -8.56 15.27
C ASP C 152 -35.26 -8.40 13.74
N ILE C 153 -36.17 -9.12 13.10
CA ILE C 153 -36.36 -8.98 11.67
C ILE C 153 -36.88 -7.61 11.34
N CYS C 154 -37.72 -7.07 12.20
CA CYS C 154 -38.20 -5.71 12.03
C CYS C 154 -37.02 -4.75 12.17
N PHE C 155 -36.24 -4.96 13.21
CA PHE C 155 -35.07 -4.13 13.48
C PHE C 155 -34.14 -4.06 12.25
N ILE C 156 -33.84 -5.22 11.69
CA ILE C 156 -32.96 -5.33 10.56
C ILE C 156 -33.52 -4.59 9.36
N LYS C 157 -34.79 -4.84 9.07
CA LYS C 157 -35.44 -4.19 7.93
C LYS C 157 -35.41 -2.68 8.10
N GLU C 158 -35.63 -2.24 9.33
CA GLU C 158 -35.70 -0.81 9.64
C GLU C 158 -34.35 -0.14 9.43
N GLN C 159 -33.28 -0.83 9.79
CA GLN C 159 -31.92 -0.32 9.60
C GLN C 159 -31.64 -0.08 8.13
N ILE C 160 -32.19 -0.92 7.27
CA ILE C 160 -31.93 -0.82 5.84
C ILE C 160 -32.75 0.26 5.20
N VAL C 161 -34.04 0.30 5.51
CA VAL C 161 -34.98 1.11 4.74
C VAL C 161 -35.64 2.25 5.51
N GLY C 162 -35.47 2.28 6.83
CA GLY C 162 -36.16 3.26 7.66
C GLY C 162 -37.42 2.70 8.29
N PRO C 163 -38.25 3.57 8.89
CA PRO C 163 -39.48 3.11 9.54
C PRO C 163 -40.40 2.53 8.53
N LEU C 164 -40.98 1.38 8.85
CA LEU C 164 -41.87 0.67 7.93
C LEU C 164 -43.27 1.32 7.87
N GLU C 165 -43.66 2.04 8.92
CA GLU C 165 -44.83 2.93 8.87
C GLU C 165 -44.43 4.14 8.01
N LEU C 172 -42.92 11.55 18.29
CA LEU C 172 -43.24 10.14 18.10
C LEU C 172 -41.95 9.36 17.71
N TRP C 173 -41.47 8.42 18.54
CA TRP C 173 -40.40 7.45 18.14
C TRP C 173 -40.99 6.50 17.11
N PRO C 174 -40.54 6.59 15.83
CA PRO C 174 -41.17 5.80 14.77
C PRO C 174 -40.66 4.37 14.59
N TYR C 175 -39.68 3.96 15.37
CA TYR C 175 -39.09 2.63 15.14
C TYR C 175 -39.67 1.63 16.13
N LYS C 176 -39.96 0.41 15.64
CA LYS C 176 -40.46 -0.66 16.48
C LYS C 176 -39.43 -1.76 16.80
N GLY C 177 -38.33 -1.84 16.07
CA GLY C 177 -37.34 -2.89 16.32
C GLY C 177 -36.55 -2.68 17.59
N ARG C 178 -36.32 -1.42 17.96
CA ARG C 178 -35.64 -1.07 19.21
C ARG C 178 -36.17 0.27 19.76
N PRO C 179 -36.14 0.44 21.06
CA PRO C 179 -36.54 1.69 21.71
C PRO C 179 -35.50 2.83 21.64
N GLU C 180 -35.91 4.01 22.08
CA GLU C 180 -35.10 5.23 21.99
C GLU C 180 -33.72 5.19 22.66
N ASN C 181 -33.62 4.39 23.70
CA ASN C 181 -32.36 4.22 24.41
C ASN C 181 -31.30 3.50 23.58
N LYS C 182 -31.73 2.85 22.49
CA LYS C 182 -30.83 2.20 21.53
C LYS C 182 -30.86 2.92 20.16
N SER C 183 -31.27 4.18 20.16
CA SER C 183 -31.38 4.97 18.94
C SER C 183 -30.11 4.97 18.11
N PHE C 184 -28.98 5.01 18.78
CA PHE C 184 -27.68 5.07 18.12
C PHE C 184 -27.40 3.90 17.18
N LEU C 185 -28.05 2.75 17.41
CA LEU C 185 -27.86 1.60 16.55
C LEU C 185 -28.37 1.79 15.13
N TYR C 186 -29.35 2.66 14.95
CA TYR C 186 -29.88 2.96 13.64
C TYR C 186 -29.03 3.92 12.85
N GLU C 187 -27.94 4.39 13.45
CA GLU C 187 -27.04 5.31 12.78
C GLU C 187 -25.85 4.57 12.15
N ILE C 188 -25.76 3.26 12.31
CA ILE C 188 -24.56 2.51 11.90
C ILE C 188 -24.56 2.07 10.42
N VAL C 189 -25.63 1.40 10.00
CA VAL C 189 -25.63 0.75 8.70
C VAL C 189 -26.09 1.68 7.62
N SER C 190 -27.14 2.43 7.90
CA SER C 190 -27.67 3.35 6.94
C SER C 190 -28.23 4.52 7.68
N ASN C 191 -27.42 5.56 7.75
CA ASN C 191 -27.67 6.71 8.59
C ASN C 191 -28.49 7.72 7.87
N LYS C 192 -29.77 7.76 8.22
CA LYS C 192 -30.73 8.60 7.48
C LYS C 192 -30.57 10.06 7.85
N ARG C 193 -29.94 10.33 8.96
CA ARG C 193 -29.84 11.68 9.47
C ARG C 193 -28.80 12.48 8.70
N ASN C 194 -27.62 11.91 8.51
CA ASN C 194 -26.50 12.64 7.87
C ASN C 194 -25.65 11.83 6.85
N GLY C 195 -25.92 10.54 6.71
CA GLY C 195 -25.22 9.72 5.72
C GLY C 195 -23.86 9.21 6.15
N ILE C 196 -23.47 9.44 7.40
CA ILE C 196 -22.18 8.94 7.88
C ILE C 196 -22.40 7.55 8.45
N ASP C 197 -22.07 6.56 7.64
CA ASP C 197 -22.32 5.15 7.97
C ASP C 197 -21.25 4.27 7.32
N VAL C 198 -21.23 3.03 7.76
CA VAL C 198 -20.21 2.10 7.38
C VAL C 198 -20.27 1.65 5.91
N ASP C 199 -21.39 1.87 5.23
CA ASP C 199 -21.52 1.50 3.81
C ASP C 199 -20.52 2.33 2.99
N LYS C 200 -20.50 3.63 3.25
CA LYS C 200 -19.54 4.54 2.63
C LYS C 200 -18.11 4.15 2.94
N TRP C 201 -17.88 3.81 4.17
CA TRP C 201 -16.52 3.54 4.54
C TRP C 201 -16.01 2.35 3.79
N ASP C 202 -16.84 1.31 3.59
CA ASP C 202 -16.33 0.19 2.83
C ASP C 202 -16.12 0.60 1.40
N TYR C 203 -17.10 1.26 0.76
CA TYR C 203 -16.92 1.51 -0.65
C TYR C 203 -15.79 2.50 -0.99
N PHE C 204 -15.57 3.52 -0.17
CA PHE C 204 -14.39 4.39 -0.35
C PHE C 204 -13.13 3.59 -0.47
N ALA C 205 -12.90 2.71 0.50
CA ALA C 205 -11.65 1.95 0.55
C ALA C 205 -11.56 0.88 -0.50
N ARG C 206 -12.68 0.20 -0.75
CA ARG C 206 -12.70 -0.86 -1.70
C ARG C 206 -12.59 -0.28 -3.13
N ASP C 207 -13.42 0.70 -3.46
CA ASP C 207 -13.45 1.26 -4.85
C ASP C 207 -12.07 1.86 -5.13
N CYS C 208 -11.47 2.55 -4.14
CA CYS C 208 -10.11 3.12 -4.38
C CYS C 208 -9.05 2.07 -4.68
N HIS C 209 -9.03 1.03 -3.87
CA HIS C 209 -8.15 -0.12 -4.05
C HIS C 209 -8.25 -0.74 -5.47
N HIS C 210 -9.45 -0.72 -6.03
CA HIS C 210 -9.68 -1.36 -7.31
C HIS C 210 -9.53 -0.40 -8.47
N LEU C 211 -9.96 0.85 -8.26
CA LEU C 211 -9.89 1.85 -9.31
C LEU C 211 -8.48 2.27 -9.57
N GLY C 212 -7.65 2.20 -8.53
CA GLY C 212 -6.32 2.76 -8.56
C GLY C 212 -6.31 4.23 -8.20
N ILE C 213 -7.17 4.70 -7.31
CA ILE C 213 -7.03 6.04 -6.81
C ILE C 213 -6.98 5.97 -5.31
N GLN C 214 -6.65 7.08 -4.68
CA GLN C 214 -6.31 7.05 -3.28
C GLN C 214 -7.43 7.60 -2.39
N ASN C 215 -7.77 6.81 -1.38
CA ASN C 215 -8.85 7.14 -0.46
C ASN C 215 -8.33 7.99 0.65
N ASN C 216 -8.91 9.16 0.82
CA ASN C 216 -8.47 10.10 1.82
C ASN C 216 -9.01 9.81 3.27
N PHE C 217 -10.06 8.96 3.41
CA PHE C 217 -10.77 8.79 4.73
C PHE C 217 -10.40 7.64 5.72
N ASP C 218 -10.00 8.02 6.94
CA ASP C 218 -9.59 7.07 7.95
C ASP C 218 -10.78 6.68 8.88
N TYR C 219 -11.54 5.68 8.49
CA TYR C 219 -12.69 5.22 9.26
C TYR C 219 -12.27 4.62 10.59
N LYS C 220 -11.13 3.96 10.64
CA LYS C 220 -10.68 3.41 11.90
C LYS C 220 -10.44 4.49 12.94
N ARG C 221 -9.83 5.60 12.51
CA ARG C 221 -9.65 6.74 13.39
C ARG C 221 -11.00 7.19 13.88
N PHE C 222 -11.94 7.29 12.97
CA PHE C 222 -13.23 7.85 13.33
C PHE C 222 -13.93 6.99 14.36
N ILE C 223 -13.86 5.69 14.18
CA ILE C 223 -14.47 4.74 15.09
C ILE C 223 -13.85 4.87 16.46
N LYS C 224 -12.55 4.99 16.53
CA LYS C 224 -11.93 5.19 17.81
C LYS C 224 -12.39 6.42 18.57
N PHE C 225 -12.82 7.46 17.88
CA PHE C 225 -13.22 8.66 18.55
C PHE C 225 -14.71 8.77 18.65
N ALA C 226 -15.42 7.69 18.40
CA ALA C 226 -16.88 7.78 18.43
C ALA C 226 -17.41 7.43 19.80
N ARG C 227 -18.41 8.18 20.24
CA ARG C 227 -19.07 7.96 21.53
C ARG C 227 -20.58 8.10 21.34
N VAL C 228 -21.35 7.59 22.27
CA VAL C 228 -22.76 7.87 22.32
C VAL C 228 -23.05 8.92 23.38
N CYS C 229 -23.80 9.95 23.01
CA CYS C 229 -24.23 11.01 23.94
C CYS C 229 -25.72 11.31 23.75
N GLU C 230 -26.36 11.79 24.81
CA GLU C 230 -27.74 12.21 24.74
C GLU C 230 -27.86 13.46 23.89
N VAL C 231 -28.78 13.43 22.93
CA VAL C 231 -29.11 14.60 22.13
C VAL C 231 -30.63 14.56 22.01
N ASP C 232 -31.27 15.61 22.54
CA ASP C 232 -32.74 15.77 22.49
C ASP C 232 -33.46 14.48 22.85
N ASN C 233 -33.10 13.90 23.99
CA ASN C 233 -33.75 12.68 24.54
C ASN C 233 -33.62 11.44 23.67
N GLU C 234 -32.69 11.48 22.73
CA GLU C 234 -32.23 10.30 22.02
C GLU C 234 -30.79 10.09 22.42
N LEU C 235 -30.36 8.84 22.42
CA LEU C 235 -28.94 8.50 22.46
C LEU C 235 -28.39 8.38 21.04
N ARG C 236 -27.46 9.26 20.68
CA ARG C 236 -26.87 9.30 19.36
C ARG C 236 -25.36 9.15 19.35
N ILE C 237 -24.86 8.67 18.22
CA ILE C 237 -23.42 8.58 18.01
C ILE C 237 -22.87 9.98 17.86
N CYS C 238 -21.75 10.25 18.51
CA CYS C 238 -21.12 11.56 18.45
C CYS C 238 -19.66 11.42 18.11
N ALA C 239 -19.18 12.37 17.33
CA ALA C 239 -17.78 12.44 16.94
C ALA C 239 -17.04 13.44 17.80
N ARG C 240 -15.78 13.17 18.03
CA ARG C 240 -14.93 14.10 18.76
C ARG C 240 -14.79 15.37 17.94
N ASP C 241 -14.87 16.51 18.61
CA ASP C 241 -14.90 17.81 17.94
C ASP C 241 -13.85 17.97 16.85
N LYS C 242 -12.66 17.55 17.14
CA LYS C 242 -11.56 17.82 16.22
C LYS C 242 -11.59 17.00 14.94
N GLU C 243 -12.44 15.99 14.91
CA GLU C 243 -12.65 15.22 13.71
C GLU C 243 -13.52 15.93 12.68
N VAL C 244 -14.02 17.11 12.98
CA VAL C 244 -14.93 17.78 12.07
C VAL C 244 -14.32 18.05 10.69
N GLY C 245 -13.04 18.41 10.65
CA GLY C 245 -12.36 18.62 9.38
C GLY C 245 -12.36 17.35 8.55
N ASN C 246 -12.07 16.23 9.22
CA ASN C 246 -12.00 14.94 8.59
C ASN C 246 -13.38 14.53 8.05
N LEU C 247 -14.46 14.97 8.67
CA LEU C 247 -15.82 14.72 8.14
C LEU C 247 -16.12 15.53 6.91
N TYR C 248 -15.76 16.80 6.93
CA TYR C 248 -15.85 17.59 5.71
C TYR C 248 -15.07 16.94 4.56
N ASP C 249 -13.86 16.48 4.86
CA ASP C 249 -13.03 15.83 3.89
C ASP C 249 -13.64 14.51 3.38
N MET C 250 -14.36 13.81 4.25
CA MET C 250 -15.03 12.59 3.86
C MET C 250 -15.98 12.89 2.71
N PHE C 251 -16.80 13.93 2.81
CA PHE C 251 -17.75 14.23 1.71
C PHE C 251 -17.06 14.85 0.50
N HIS C 252 -15.93 15.52 0.73
CA HIS C 252 -15.13 15.98 -0.39
C HIS C 252 -14.64 14.78 -1.26
N THR C 253 -14.10 13.78 -0.58
CA THR C 253 -13.68 12.55 -1.18
C THR C 253 -14.84 11.86 -1.89
N ARG C 254 -15.98 11.75 -1.25
CA ARG C 254 -17.16 11.21 -1.94
C ARG C 254 -17.44 11.91 -3.27
N ASN C 255 -17.43 13.22 -3.26
CA ASN C 255 -17.64 14.01 -4.44
C ASN C 255 -16.56 13.80 -5.51
N SER C 256 -15.30 13.67 -5.12
CA SER C 256 -14.22 13.40 -6.06
C SER C 256 -14.39 12.08 -6.68
N LEU C 257 -14.81 11.08 -5.92
CA LEU C 257 -14.99 9.73 -6.49
C LEU C 257 -16.13 9.72 -7.54
N HIS C 258 -17.18 10.47 -7.27
CA HIS C 258 -18.23 10.66 -8.19
C HIS C 258 -17.75 11.41 -9.47
N ARG C 259 -16.95 12.43 -9.28
CA ARG C 259 -16.45 13.20 -10.41
C ARG C 259 -15.51 12.43 -11.30
N ARG C 260 -14.56 11.71 -10.73
CA ARG C 260 -13.57 11.02 -11.51
C ARG C 260 -14.01 9.61 -11.92
N ALA C 261 -14.85 8.96 -11.11
CA ALA C 261 -15.16 7.59 -11.39
C ALA C 261 -16.62 7.27 -11.60
N TYR C 262 -17.45 7.43 -10.59
CA TYR C 262 -18.79 6.90 -10.66
C TYR C 262 -19.62 7.58 -11.76
N GLN C 263 -19.30 8.83 -12.10
CA GLN C 263 -19.96 9.60 -13.17
C GLN C 263 -18.96 9.91 -14.28
N HIS C 264 -17.92 9.12 -14.44
CA HIS C 264 -17.06 9.32 -15.58
C HIS C 264 -17.97 9.32 -16.83
N LYS C 265 -17.74 10.28 -17.71
CA LYS C 265 -18.62 10.52 -18.90
C LYS C 265 -18.78 9.30 -19.78
N VAL C 266 -17.70 8.54 -19.95
CA VAL C 266 -17.77 7.30 -20.77
C VAL C 266 -18.43 6.16 -20.00
N GLY C 267 -18.12 6.04 -18.71
CA GLY C 267 -18.79 5.01 -17.92
C GLY C 267 -20.30 5.19 -17.99
N ASN C 268 -20.74 6.44 -17.93
CA ASN C 268 -22.15 6.71 -17.93
C ASN C 268 -22.79 6.42 -19.33
N ILE C 269 -22.08 6.68 -20.40
CA ILE C 269 -22.63 6.47 -21.72
C ILE C 269 -22.72 4.97 -21.99
N ILE C 270 -21.79 4.21 -21.41
CA ILE C 270 -21.91 2.77 -21.48
C ILE C 270 -23.12 2.25 -20.73
N ASP C 271 -23.35 2.78 -19.54
CA ASP C 271 -24.54 2.42 -18.76
C ASP C 271 -25.78 2.76 -19.57
N THR C 272 -25.75 3.87 -20.28
CA THR C 272 -26.87 4.29 -21.10
C THR C 272 -27.10 3.33 -22.28
N MET C 273 -26.03 2.94 -22.93
CA MET C 273 -26.14 2.03 -24.05
C MET C 273 -26.67 0.66 -23.57
N ILE C 274 -26.19 0.23 -22.41
CA ILE C 274 -26.64 -1.06 -21.86
C ILE C 274 -28.11 -0.95 -21.52
N THR C 275 -28.48 0.18 -20.95
CA THR C 275 -29.87 0.39 -20.60
C THR C 275 -30.75 0.32 -21.86
N ASP C 276 -30.34 0.97 -22.95
CA ASP C 276 -31.08 0.92 -24.22
C ASP C 276 -31.24 -0.50 -24.68
N ALA C 277 -30.18 -1.28 -24.61
CA ALA C 277 -30.23 -2.68 -25.04
C ALA C 277 -31.21 -3.48 -24.18
N PHE C 278 -31.24 -3.21 -22.89
CA PHE C 278 -32.13 -3.92 -22.01
C PHE C 278 -33.57 -3.60 -22.38
N LEU C 279 -33.85 -2.33 -22.67
CA LEU C 279 -35.17 -1.90 -23.07
C LEU C 279 -35.65 -2.62 -24.33
N LYS C 280 -34.79 -2.75 -25.32
CA LYS C 280 -35.11 -3.46 -26.54
C LYS C 280 -35.26 -4.97 -26.40
N ALA C 281 -34.74 -5.51 -25.34
CA ALA C 281 -34.80 -6.93 -25.11
C ALA C 281 -35.93 -7.30 -24.16
N ASP C 282 -36.48 -6.30 -23.47
CA ASP C 282 -37.35 -6.55 -22.33
C ASP C 282 -38.62 -7.38 -22.71
N ASP C 283 -39.14 -7.20 -23.92
CA ASP C 283 -40.27 -7.99 -24.38
C ASP C 283 -39.94 -9.47 -24.61
N TYR C 284 -38.69 -9.78 -24.91
CA TYR C 284 -38.35 -11.12 -25.35
C TYR C 284 -37.62 -11.98 -24.35
N ILE C 285 -36.97 -11.39 -23.35
CA ILE C 285 -36.30 -12.17 -22.36
C ILE C 285 -37.34 -12.60 -21.35
N GLU C 286 -37.29 -13.87 -20.97
CA GLU C 286 -38.19 -14.36 -19.91
C GLU C 286 -37.46 -15.07 -18.77
N ILE C 287 -37.86 -14.73 -17.57
CA ILE C 287 -37.21 -15.20 -16.39
C ILE C 287 -38.24 -15.89 -15.54
N THR C 288 -37.96 -17.13 -15.19
CA THR C 288 -38.90 -17.96 -14.50
C THR C 288 -38.84 -17.71 -13.02
N GLY C 289 -40.01 -17.31 -12.50
CA GLY C 289 -40.19 -16.98 -11.10
C GLY C 289 -40.98 -18.04 -10.37
N ALA C 290 -41.69 -17.62 -9.34
CA ALA C 290 -42.35 -18.54 -8.44
C ALA C 290 -43.50 -19.26 -9.17
N GLY C 291 -43.59 -20.58 -8.95
CA GLY C 291 -44.60 -21.43 -9.60
C GLY C 291 -44.51 -21.47 -11.11
N GLY C 292 -43.30 -21.44 -11.64
CA GLY C 292 -43.08 -21.48 -13.10
C GLY C 292 -43.57 -20.25 -13.87
N LYS C 293 -44.23 -19.31 -13.19
CA LYS C 293 -44.66 -18.07 -13.80
C LYS C 293 -43.48 -17.30 -14.42
N LYS C 294 -43.75 -16.55 -15.49
CA LYS C 294 -42.70 -15.91 -16.24
C LYS C 294 -42.70 -14.39 -16.16
N TYR C 295 -41.51 -13.81 -16.07
CA TYR C 295 -41.35 -12.38 -15.87
C TYR C 295 -40.43 -11.79 -16.90
N ARG C 296 -40.52 -10.48 -17.06
CA ARG C 296 -39.56 -9.78 -17.88
C ARG C 296 -38.48 -9.18 -16.99
N ILE C 297 -37.43 -8.67 -17.63
CA ILE C 297 -36.37 -7.98 -16.92
C ILE C 297 -37.00 -6.93 -16.02
N SER C 298 -37.93 -6.18 -16.60
CA SER C 298 -38.61 -5.10 -15.91
C SER C 298 -39.62 -5.53 -14.88
N THR C 299 -40.07 -6.78 -14.88
CA THR C 299 -41.09 -7.21 -13.90
C THR C 299 -40.53 -8.20 -12.91
N ALA C 300 -39.26 -8.59 -13.07
CA ALA C 300 -38.62 -9.51 -12.11
C ALA C 300 -38.57 -8.94 -10.72
N ILE C 301 -38.67 -7.63 -10.60
CA ILE C 301 -38.70 -6.97 -9.30
C ILE C 301 -39.99 -7.22 -8.51
N ASP C 302 -40.98 -7.78 -9.16
CA ASP C 302 -42.21 -8.10 -8.49
C ASP C 302 -42.18 -9.49 -7.90
N ASP C 303 -41.22 -10.33 -8.27
CA ASP C 303 -41.06 -11.67 -7.69
C ASP C 303 -39.60 -12.00 -7.34
N MET C 304 -39.37 -12.24 -6.06
CA MET C 304 -38.02 -12.36 -5.54
C MET C 304 -37.32 -13.61 -6.01
N GLU C 305 -38.09 -14.65 -6.27
CA GLU C 305 -37.56 -15.85 -6.88
C GLU C 305 -36.98 -15.59 -8.28
N ALA C 306 -37.67 -14.74 -9.04
CA ALA C 306 -37.16 -14.35 -10.36
C ALA C 306 -36.00 -13.39 -10.24
N TYR C 307 -36.11 -12.44 -9.30
CA TYR C 307 -35.10 -11.41 -9.11
C TYR C 307 -33.76 -12.05 -8.70
N THR C 308 -33.83 -13.12 -7.91
CA THR C 308 -32.68 -13.93 -7.57
C THR C 308 -31.85 -14.29 -8.79
N LYS C 309 -32.51 -14.55 -9.90
CA LYS C 309 -31.85 -14.98 -11.13
C LYS C 309 -31.57 -13.83 -12.11
N LEU C 310 -31.82 -12.60 -11.67
CA LEU C 310 -31.53 -11.43 -12.48
C LEU C 310 -30.19 -10.74 -12.10
N THR C 311 -29.15 -10.98 -12.90
CA THR C 311 -27.83 -10.47 -12.62
C THR C 311 -27.16 -9.95 -13.87
N ASP C 312 -25.88 -9.57 -13.77
CA ASP C 312 -25.11 -9.08 -14.92
C ASP C 312 -25.15 -10.09 -16.09
N ASN C 313 -25.39 -11.36 -15.76
CA ASN C 313 -25.60 -12.42 -16.78
C ASN C 313 -26.53 -12.09 -17.94
N ILE C 314 -27.59 -11.30 -17.72
CA ILE C 314 -28.44 -10.92 -18.88
C ILE C 314 -27.74 -10.14 -19.96
N PHE C 315 -26.70 -9.39 -19.57
CA PHE C 315 -25.86 -8.72 -20.53
C PHE C 315 -25.33 -9.77 -21.52
N LEU C 316 -24.80 -10.85 -20.98
CA LEU C 316 -24.19 -11.85 -21.81
C LEU C 316 -25.23 -12.74 -22.50
N GLU C 317 -26.38 -12.96 -21.88
CA GLU C 317 -27.45 -13.69 -22.51
C GLU C 317 -27.89 -12.96 -23.80
N ILE C 318 -28.00 -11.64 -23.71
CA ILE C 318 -28.32 -10.86 -24.88
C ILE C 318 -27.16 -10.85 -25.87
N LEU C 319 -25.93 -10.70 -25.37
CA LEU C 319 -24.79 -10.58 -26.27
C LEU C 319 -24.58 -11.85 -27.07
N TYR C 320 -24.79 -12.98 -26.42
CA TYR C 320 -24.60 -14.29 -27.06
C TYR C 320 -25.89 -14.85 -27.74
N SER C 321 -27.00 -14.14 -27.73
CA SER C 321 -28.27 -14.66 -28.31
C SER C 321 -28.23 -14.78 -29.84
N THR C 322 -29.09 -15.62 -30.39
CA THR C 322 -29.30 -15.75 -31.86
C THR C 322 -30.71 -15.47 -32.33
N ASP C 323 -31.66 -15.46 -31.42
CA ASP C 323 -33.02 -15.05 -31.74
C ASP C 323 -33.01 -13.74 -32.53
N PRO C 324 -33.69 -13.69 -33.70
CA PRO C 324 -33.77 -12.44 -34.45
C PRO C 324 -34.58 -11.36 -33.75
N LYS C 325 -35.44 -11.74 -32.80
CA LYS C 325 -36.18 -10.76 -32.03
C LYS C 325 -35.26 -9.91 -31.19
N LEU C 326 -34.10 -10.46 -30.82
CA LEU C 326 -33.10 -9.78 -30.00
C LEU C 326 -32.02 -9.11 -30.84
N LYS C 327 -32.11 -9.19 -32.17
CA LYS C 327 -31.09 -8.57 -33.01
C LYS C 327 -30.72 -7.11 -32.60
N ASP C 328 -31.71 -6.30 -32.24
CA ASP C 328 -31.51 -4.86 -32.02
C ASP C 328 -30.71 -4.66 -30.77
N ALA C 329 -31.12 -5.39 -29.74
CA ALA C 329 -30.51 -5.32 -28.45
C ALA C 329 -29.06 -5.84 -28.55
N ARG C 330 -28.89 -7.01 -29.16
CA ARG C 330 -27.58 -7.61 -29.40
C ARG C 330 -26.65 -6.66 -30.15
N GLU C 331 -27.18 -5.93 -31.11
CA GLU C 331 -26.33 -5.03 -31.88
C GLU C 331 -25.77 -3.91 -31.04
N ILE C 332 -26.58 -3.37 -30.15
CA ILE C 332 -26.10 -2.32 -29.29
C ILE C 332 -24.91 -2.81 -28.45
N LEU C 333 -25.03 -3.98 -27.82
CA LEU C 333 -23.96 -4.54 -26.99
C LEU C 333 -22.72 -4.85 -27.79
N LYS C 334 -22.91 -5.22 -29.04
CA LYS C 334 -21.77 -5.47 -29.89
C LYS C 334 -21.01 -4.18 -30.20
N GLN C 335 -21.73 -3.07 -30.31
CA GLN C 335 -21.06 -1.78 -30.52
C GLN C 335 -20.22 -1.39 -29.28
N ILE C 336 -20.66 -1.79 -28.10
CA ILE C 336 -19.88 -1.62 -26.90
C ILE C 336 -18.53 -2.38 -27.00
N GLU C 337 -18.55 -3.65 -27.40
CA GLU C 337 -17.31 -4.41 -27.60
C GLU C 337 -16.38 -3.86 -28.66
N TYR C 338 -16.91 -3.25 -29.70
CA TYR C 338 -16.06 -2.64 -30.73
C TYR C 338 -15.65 -1.23 -30.33
N ARG C 339 -16.18 -0.78 -29.21
CA ARG C 339 -15.93 0.56 -28.70
C ARG C 339 -16.49 1.60 -29.68
N ASN C 340 -17.58 1.24 -30.38
CA ASN C 340 -18.25 2.22 -31.19
C ASN C 340 -19.33 2.83 -30.31
N LEU C 341 -18.93 3.79 -29.49
CA LEU C 341 -19.84 4.39 -28.52
C LEU C 341 -20.39 5.71 -29.03
N PHE C 342 -21.53 6.09 -28.46
CA PHE C 342 -22.04 7.44 -28.67
C PHE C 342 -20.95 8.43 -28.27
N LYS C 343 -20.81 9.54 -28.99
CA LYS C 343 -19.70 10.49 -28.73
C LYS C 343 -20.08 11.59 -27.75
N TYR C 344 -19.17 11.85 -26.84
CA TYR C 344 -19.25 12.95 -25.91
C TYR C 344 -19.04 14.26 -26.63
N VAL C 345 -19.92 15.20 -26.34
CA VAL C 345 -19.87 16.48 -26.99
C VAL C 345 -19.27 17.49 -26.03
N GLY C 346 -19.83 17.54 -24.81
CA GLY C 346 -19.32 18.41 -23.77
C GLY C 346 -20.15 18.36 -22.50
N GLU C 347 -19.75 19.22 -21.57
CA GLU C 347 -20.36 19.30 -20.26
C GLU C 347 -20.63 20.76 -19.94
N THR C 348 -21.68 21.03 -19.16
CA THR C 348 -21.95 22.40 -18.71
C THR C 348 -22.75 22.35 -17.40
N GLN C 349 -22.91 23.51 -16.76
CA GLN C 349 -23.80 23.61 -15.59
C GLN C 349 -24.83 24.74 -15.70
N PRO C 350 -25.97 24.59 -15.02
CA PRO C 350 -26.89 25.73 -14.85
C PRO C 350 -26.31 26.84 -13.97
N THR C 351 -26.93 28.01 -14.03
CA THR C 351 -26.39 29.23 -13.46
C THR C 351 -27.33 29.79 -12.39
N GLY C 352 -26.71 30.34 -11.34
CA GLY C 352 -27.44 31.01 -10.27
C GLY C 352 -28.48 30.12 -9.62
N GLN C 353 -29.73 30.54 -9.70
CA GLN C 353 -30.83 29.81 -9.07
C GLN C 353 -31.27 28.59 -9.87
N ILE C 354 -30.98 28.55 -11.18
CA ILE C 354 -31.60 27.59 -12.09
C ILE C 354 -31.38 26.13 -11.67
N LYS C 355 -32.48 25.39 -11.50
CA LYS C 355 -32.42 23.98 -11.13
C LYS C 355 -33.31 23.18 -12.08
N ILE C 356 -32.79 22.11 -12.67
CA ILE C 356 -33.51 21.34 -13.68
C ILE C 356 -34.24 20.14 -13.10
N LYS C 357 -35.54 20.03 -13.38
CA LYS C 357 -36.33 18.97 -12.76
C LYS C 357 -36.42 17.73 -13.63
N ARG C 358 -36.67 16.61 -12.98
CA ARG C 358 -36.75 15.30 -13.63
C ARG C 358 -37.72 15.26 -14.80
N GLU C 359 -38.85 15.96 -14.67
CA GLU C 359 -39.88 15.95 -15.74
C GLU C 359 -39.42 16.65 -17.01
N ASP C 360 -38.44 17.55 -16.90
CA ASP C 360 -37.92 18.24 -18.07
C ASP C 360 -36.83 17.46 -18.81
N TYR C 361 -36.33 16.38 -18.24
CA TYR C 361 -35.17 15.67 -18.83
C TYR C 361 -35.49 15.23 -20.25
N GLU C 362 -36.70 14.75 -20.45
CA GLU C 362 -37.11 14.24 -21.75
C GLU C 362 -37.04 15.30 -22.84
N SER C 363 -37.26 16.56 -22.48
CA SER C 363 -37.33 17.63 -23.47
C SER C 363 -35.99 18.25 -23.84
N LEU C 364 -34.89 17.83 -23.17
CA LEU C 364 -33.60 18.51 -23.36
C LEU C 364 -32.89 18.19 -24.66
N PRO C 365 -32.85 16.90 -25.05
CA PRO C 365 -32.40 16.69 -26.42
C PRO C 365 -33.18 17.54 -27.49
N LYS C 366 -34.48 17.79 -27.29
CA LYS C 366 -35.28 18.62 -28.22
C LYS C 366 -34.68 20.01 -28.28
N GLU C 367 -34.43 20.60 -27.11
CA GLU C 367 -33.95 21.97 -27.07
C GLU C 367 -32.62 22.13 -27.76
N VAL C 368 -31.78 21.11 -27.68
CA VAL C 368 -30.43 21.22 -28.21
C VAL C 368 -30.50 21.26 -29.72
N ALA C 369 -31.28 20.35 -30.27
CA ALA C 369 -31.52 20.28 -31.73
C ALA C 369 -32.18 21.54 -32.28
N SER C 370 -32.91 22.25 -31.42
CA SER C 370 -33.63 23.47 -31.77
C SER C 370 -32.74 24.69 -31.79
N ALA C 371 -31.59 24.65 -31.12
CA ALA C 371 -30.72 25.83 -31.11
C ALA C 371 -30.25 26.11 -32.54
N LYS C 372 -29.97 27.37 -32.81
CA LYS C 372 -29.71 27.83 -34.17
C LYS C 372 -28.37 28.52 -34.24
N PRO C 373 -27.31 27.72 -34.34
CA PRO C 373 -25.99 28.32 -34.41
C PRO C 373 -25.76 28.94 -35.79
N LYS C 374 -25.18 30.15 -35.82
CA LYS C 374 -24.83 30.81 -37.08
C LYS C 374 -23.54 30.24 -37.67
N VAL C 375 -23.57 29.02 -38.21
CA VAL C 375 -22.38 28.41 -38.82
C VAL C 375 -22.82 27.56 -39.99
N LEU C 376 -21.96 27.46 -41.01
CA LEU C 376 -22.24 26.56 -42.13
C LEU C 376 -22.10 25.10 -41.71
N LEU C 377 -23.19 24.35 -41.84
CA LEU C 377 -23.24 22.94 -41.45
C LEU C 377 -23.65 22.04 -42.61
N ASP C 378 -22.82 21.05 -42.91
CA ASP C 378 -23.10 20.07 -43.97
C ASP C 378 -24.28 19.18 -43.57
N VAL C 379 -24.29 18.73 -42.31
CA VAL C 379 -25.35 17.87 -41.78
C VAL C 379 -26.13 18.61 -40.70
N LYS C 380 -27.35 18.12 -40.48
CA LYS C 380 -28.31 18.75 -39.59
C LYS C 380 -28.83 17.64 -38.70
N LEU C 381 -28.91 17.91 -37.41
CA LEU C 381 -29.15 16.86 -36.45
C LEU C 381 -30.50 17.05 -35.79
N LYS C 382 -31.13 15.94 -35.45
CA LYS C 382 -32.46 15.94 -34.84
C LYS C 382 -32.42 15.57 -33.36
N ALA C 383 -33.52 15.82 -32.67
CA ALA C 383 -33.63 15.55 -31.24
C ALA C 383 -33.09 14.18 -30.87
N GLU C 384 -33.52 13.18 -31.62
CA GLU C 384 -33.16 11.79 -31.40
C GLU C 384 -31.65 11.48 -31.58
N ASP C 385 -30.91 12.40 -32.17
CA ASP C 385 -29.46 12.23 -32.32
C ASP C 385 -28.66 12.65 -31.06
N PHE C 386 -29.35 13.23 -30.07
CA PHE C 386 -28.71 13.74 -28.91
C PHE C 386 -29.13 12.99 -27.66
N ILE C 387 -28.14 12.80 -26.77
CA ILE C 387 -28.40 12.35 -25.42
C ILE C 387 -27.93 13.39 -24.43
N VAL C 388 -28.75 13.63 -23.42
CA VAL C 388 -28.51 14.63 -22.44
C VAL C 388 -28.68 14.00 -21.07
N ASP C 389 -27.54 13.92 -20.36
CA ASP C 389 -27.48 13.26 -19.07
C ASP C 389 -27.40 14.38 -18.06
N VAL C 390 -28.34 14.42 -17.12
CA VAL C 390 -28.28 15.42 -16.05
C VAL C 390 -27.93 14.71 -14.76
N ILE C 391 -26.93 15.21 -14.07
CA ILE C 391 -26.39 14.54 -12.88
C ILE C 391 -26.36 15.49 -11.70
N ASN C 392 -26.99 15.05 -10.61
CA ASN C 392 -27.10 15.82 -9.40
C ASN C 392 -26.00 15.42 -8.49
N MET C 393 -25.06 16.33 -8.28
CA MET C 393 -23.98 16.18 -7.32
C MET C 393 -24.28 16.94 -6.03
N ASP C 394 -24.21 16.25 -4.90
CA ASP C 394 -24.38 16.89 -3.60
C ASP C 394 -23.59 16.20 -2.49
N TYR C 395 -23.69 16.75 -1.27
CA TYR C 395 -23.07 16.12 -0.06
C TYR C 395 -24.08 15.16 0.62
N GLY C 396 -24.98 14.59 -0.20
CA GLY C 396 -25.89 13.53 0.25
C GLY C 396 -27.21 13.98 0.84
N MET C 397 -27.42 15.29 0.93
CA MET C 397 -28.64 15.86 1.48
C MET C 397 -29.14 17.08 0.69
N GLN C 398 -29.17 16.93 -0.62
CA GLN C 398 -29.53 18.03 -1.52
C GLN C 398 -28.78 19.30 -1.14
N GLU C 399 -29.50 20.40 -0.88
CA GLU C 399 -28.89 21.71 -0.62
C GLU C 399 -28.23 21.79 0.75
N LYS C 400 -28.55 20.84 1.63
CA LYS C 400 -28.09 20.88 3.03
C LYS C 400 -26.65 20.41 3.31
N ASN C 401 -26.07 20.99 4.37
CA ASN C 401 -24.76 20.62 4.87
C ASN C 401 -24.91 19.54 5.92
N PRO C 402 -24.47 18.31 5.59
CA PRO C 402 -24.73 17.21 6.51
C PRO C 402 -24.01 17.36 7.84
N ILE C 403 -22.97 18.18 7.87
CA ILE C 403 -22.21 18.40 9.12
C ILE C 403 -23.05 19.18 10.14
N ASP C 404 -24.03 19.94 9.66
CA ASP C 404 -24.95 20.60 10.58
C ASP C 404 -25.86 19.59 11.23
N HIS C 405 -25.86 18.35 10.75
CA HIS C 405 -26.66 17.30 11.38
C HIS C 405 -25.81 16.28 12.11
N VAL C 406 -24.61 16.70 12.50
CA VAL C 406 -23.71 15.86 13.24
C VAL C 406 -23.49 16.42 14.66
N SER C 407 -23.42 15.51 15.62
CA SER C 407 -23.23 15.86 16.99
C SER C 407 -21.82 15.50 17.41
N PHE C 408 -21.18 16.45 18.08
CA PHE C 408 -19.82 16.31 18.55
C PHE C 408 -19.69 16.35 20.07
N TYR C 409 -18.50 16.02 20.57
CA TYR C 409 -18.17 16.13 21.98
C TYR C 409 -16.75 16.57 22.12
N CYS C 410 -16.43 17.21 23.25
N CYS C 410 -16.43 17.19 23.25
CA CYS C 410 -15.07 17.70 23.49
CA CYS C 410 -15.08 17.68 23.51
C CYS C 410 -14.40 16.88 24.60
C CYS C 410 -14.40 16.87 24.59
N LYS C 411 -13.07 16.89 24.64
CA LYS C 411 -12.34 16.02 25.58
C LYS C 411 -12.58 16.37 27.04
N THR C 412 -12.82 17.66 27.34
CA THR C 412 -13.08 18.06 28.73
C THR C 412 -14.51 17.71 29.22
N ALA C 413 -15.49 17.51 28.31
CA ALA C 413 -16.84 17.01 28.71
C ALA C 413 -17.38 15.96 27.71
N PRO C 414 -16.88 14.71 27.84
CA PRO C 414 -17.14 13.67 26.89
C PRO C 414 -18.58 13.28 26.75
N ASN C 415 -19.40 13.64 27.74
CA ASN C 415 -20.82 13.28 27.72
C ASN C 415 -21.72 14.39 27.26
N ARG C 416 -21.13 15.55 27.02
CA ARG C 416 -21.94 16.66 26.56
C ARG C 416 -21.85 16.86 25.06
N ALA C 417 -22.96 16.61 24.36
CA ALA C 417 -22.99 16.80 22.92
C ALA C 417 -22.99 18.28 22.56
N ILE C 418 -22.35 18.63 21.47
CA ILE C 418 -22.38 20.00 20.96
C ILE C 418 -22.56 20.02 19.43
N ARG C 419 -22.77 21.21 18.90
CA ARG C 419 -22.83 21.45 17.45
C ARG C 419 -21.63 22.30 17.05
N ILE C 420 -21.23 22.19 15.79
CA ILE C 420 -20.18 22.98 15.24
C ILE C 420 -20.63 23.48 13.87
N THR C 421 -20.49 24.78 13.64
CA THR C 421 -20.97 25.43 12.41
C THR C 421 -19.80 25.54 11.45
N LYS C 422 -20.09 25.90 10.21
CA LYS C 422 -19.12 25.87 9.13
C LYS C 422 -18.00 26.92 9.35
N ASN C 423 -18.40 28.13 9.69
CA ASN C 423 -17.47 29.21 10.00
C ASN C 423 -16.63 28.95 11.26
N GLN C 424 -17.11 28.06 12.14
CA GLN C 424 -16.23 27.55 13.23
C GLN C 424 -15.11 26.62 12.74
N VAL C 425 -15.14 26.18 11.46
CA VAL C 425 -14.13 25.27 10.97
C VAL C 425 -13.16 25.90 9.99
N SER C 426 -13.68 26.53 8.97
CA SER C 426 -12.84 27.05 7.91
C SER C 426 -13.64 27.92 6.95
N GLN C 427 -13.00 28.98 6.46
CA GLN C 427 -13.53 29.81 5.39
C GLN C 427 -13.22 29.17 4.03
N LEU C 428 -12.39 28.14 4.01
CA LEU C 428 -12.04 27.46 2.75
C LEU C 428 -12.97 26.30 2.38
N LEU C 429 -14.11 26.17 3.04
CA LEU C 429 -15.05 25.11 2.72
C LEU C 429 -15.99 25.59 1.61
N PRO C 430 -16.81 24.70 1.05
CA PRO C 430 -17.76 25.08 0.00
C PRO C 430 -18.87 25.97 0.53
N GLU C 431 -19.35 26.89 -0.30
CA GLU C 431 -20.51 27.72 0.08
C GLU C 431 -21.80 27.03 -0.26
N LYS C 432 -21.79 26.18 -1.27
CA LYS C 432 -22.95 25.37 -1.64
C LYS C 432 -22.65 23.89 -1.54
N PHE C 433 -23.71 23.10 -1.39
CA PHE C 433 -23.58 21.67 -1.17
C PHE C 433 -24.33 20.81 -2.18
N ALA C 434 -24.82 21.45 -3.25
CA ALA C 434 -25.50 20.76 -4.36
C ALA C 434 -25.31 21.54 -5.66
N GLU C 435 -25.15 20.80 -6.75
CA GLU C 435 -24.99 21.39 -8.06
C GLU C 435 -25.48 20.37 -9.09
N GLN C 436 -25.58 20.78 -10.35
CA GLN C 436 -25.91 19.84 -11.41
C GLN C 436 -24.91 19.89 -12.54
N LEU C 437 -24.66 18.73 -13.13
CA LEU C 437 -23.81 18.64 -14.29
C LEU C 437 -24.65 18.19 -15.44
N ILE C 438 -24.38 18.76 -16.61
CA ILE C 438 -25.10 18.35 -17.84
C ILE C 438 -24.10 17.88 -18.88
N ARG C 439 -24.22 16.61 -19.26
CA ARG C 439 -23.41 16.06 -20.32
C ARG C 439 -24.29 15.85 -21.56
N VAL C 440 -23.69 16.07 -22.71
CA VAL C 440 -24.34 15.94 -23.98
C VAL C 440 -23.51 15.05 -24.86
N TYR C 441 -24.18 14.07 -25.46
CA TYR C 441 -23.54 13.14 -26.37
C TYR C 441 -24.32 13.15 -27.67
N CYS C 442 -23.65 12.71 -28.73
CA CYS C 442 -24.21 12.56 -30.03
C CYS C 442 -24.19 11.11 -30.50
N LYS C 443 -25.34 10.63 -31.00
CA LYS C 443 -25.44 9.26 -31.51
C LYS C 443 -24.84 9.08 -32.88
N LYS C 444 -24.58 10.17 -33.59
CA LYS C 444 -23.98 10.09 -34.91
C LYS C 444 -22.53 10.40 -34.75
N VAL C 445 -21.68 9.44 -35.08
CA VAL C 445 -20.30 9.46 -34.61
C VAL C 445 -19.30 10.00 -35.62
N ASP C 446 -19.73 10.27 -36.84
CA ASP C 446 -18.78 10.69 -37.90
C ASP C 446 -18.28 12.12 -37.68
N ARG C 447 -17.21 12.44 -38.37
CA ARG C 447 -16.49 13.69 -38.18
C ARG C 447 -17.37 14.92 -38.36
N LYS C 448 -18.19 14.90 -39.39
CA LYS C 448 -19.04 16.05 -39.69
C LYS C 448 -20.24 16.18 -38.76
N SER C 449 -20.89 15.06 -38.43
CA SER C 449 -21.94 15.09 -37.40
C SER C 449 -21.42 15.62 -36.04
N LEU C 450 -20.19 15.24 -35.69
CA LEU C 450 -19.64 15.57 -34.37
C LEU C 450 -19.39 17.08 -34.32
N TYR C 451 -18.80 17.62 -35.38
CA TYR C 451 -18.56 19.06 -35.48
C TYR C 451 -19.86 19.88 -35.34
N ALA C 452 -20.91 19.44 -36.02
CA ALA C 452 -22.17 20.11 -35.91
C ALA C 452 -22.67 20.09 -34.48
N ALA C 453 -22.64 18.91 -33.90
CA ALA C 453 -23.18 18.71 -32.53
C ALA C 453 -22.52 19.65 -31.53
N ARG C 454 -21.24 19.87 -31.73
CA ARG C 454 -20.54 20.84 -30.92
C ARG C 454 -21.13 22.25 -31.01
N GLN C 455 -21.50 22.64 -32.21
CA GLN C 455 -22.09 23.96 -32.44
C GLN C 455 -23.49 24.08 -31.84
N TYR C 456 -24.31 23.06 -32.01
CA TYR C 456 -25.62 23.08 -31.36
C TYR C 456 -25.47 23.18 -29.84
N PHE C 457 -24.55 22.36 -29.31
CA PHE C 457 -24.33 22.29 -27.89
C PHE C 457 -23.95 23.65 -27.34
N VAL C 458 -22.92 24.26 -27.92
CA VAL C 458 -22.45 25.52 -27.38
C VAL C 458 -23.44 26.65 -27.51
N GLN C 459 -24.14 26.67 -28.64
CA GLN C 459 -25.24 27.62 -28.85
C GLN C 459 -26.31 27.43 -27.77
N TRP C 460 -26.72 26.19 -27.56
CA TRP C 460 -27.70 25.88 -26.52
C TRP C 460 -27.30 26.35 -25.15
N CYS C 461 -26.00 26.20 -24.81
CA CYS C 461 -25.47 26.66 -23.55
C CYS C 461 -25.61 28.16 -23.45
N ALA C 462 -25.19 28.86 -24.50
CA ALA C 462 -25.40 30.32 -24.56
C ALA C 462 -26.89 30.70 -24.41
N ASP C 463 -27.77 30.06 -25.18
CA ASP C 463 -29.22 30.35 -25.13
C ASP C 463 -29.80 30.22 -23.73
N ARG C 464 -29.32 29.24 -22.96
CA ARG C 464 -29.87 29.00 -21.63
C ARG C 464 -29.09 29.68 -20.52
N ASN C 465 -28.07 30.44 -20.90
CA ASN C 465 -27.23 31.13 -19.95
C ASN C 465 -26.53 30.15 -18.96
N PHE C 466 -26.11 29.00 -19.51
CA PHE C 466 -25.32 28.02 -18.77
C PHE C 466 -23.85 28.40 -18.76
N THR C 467 -23.04 27.61 -18.07
CA THR C 467 -21.61 27.88 -18.03
C THR C 467 -20.98 27.51 -19.38
N LYS C 468 -19.97 28.28 -19.74
CA LYS C 468 -19.20 28.04 -20.91
C LYS C 468 -18.43 26.73 -20.75
N PRO C 469 -18.67 25.78 -21.64
CA PRO C 469 -17.83 24.60 -21.66
C PRO C 469 -16.35 24.95 -21.65
N GLN C 470 -15.56 24.11 -21.02
CA GLN C 470 -14.16 24.47 -20.77
C GLN C 470 -13.42 24.64 -22.10
N ASP C 471 -13.78 23.79 -23.07
CA ASP C 471 -13.15 23.80 -24.37
C ASP C 471 -13.99 24.57 -25.43
N GLY C 472 -14.96 25.36 -24.97
CA GLY C 472 -15.82 26.12 -25.85
C GLY C 472 -15.15 26.87 -27.01
N ASP C 473 -14.09 27.60 -26.70
CA ASP C 473 -13.40 28.40 -27.71
C ASP C 473 -12.67 27.55 -28.73
N VAL C 474 -12.36 26.32 -28.39
CA VAL C 474 -11.72 25.43 -29.36
C VAL C 474 -12.75 24.72 -30.20
N ILE C 475 -13.79 24.17 -29.58
CA ILE C 475 -14.76 23.36 -30.35
C ILE C 475 -15.72 24.22 -31.18
N ALA C 476 -16.02 25.43 -30.70
CA ALA C 476 -16.99 26.31 -31.32
C ALA C 476 -16.52 27.76 -31.36
N PRO C 477 -15.41 28.03 -32.06
CA PRO C 477 -14.79 29.37 -32.03
C PRO C 477 -15.71 30.46 -32.59
N LEU C 478 -16.60 30.09 -33.50
CA LEU C 478 -17.51 31.05 -34.10
C LEU C 478 -18.72 31.36 -33.21
N ILE C 479 -19.02 30.49 -32.26
CA ILE C 479 -20.21 30.65 -31.41
C ILE C 479 -19.91 31.45 -30.14
N THR C 480 -18.75 31.19 -29.52
CA THR C 480 -18.47 31.70 -28.19
C THR C 480 -18.39 33.23 -28.07
N PRO C 481 -17.93 33.92 -29.13
CA PRO C 481 -17.81 35.37 -29.02
C PRO C 481 -19.15 36.09 -28.80
N GLN C 482 -20.25 35.53 -29.32
CA GLN C 482 -21.58 36.17 -29.17
C GLN C 482 -21.97 36.39 -27.70
N LYS C 483 -21.43 35.60 -26.78
CA LYS C 483 -21.86 35.68 -25.39
C LYS C 483 -20.92 36.59 -24.63
N LYS C 484 -21.50 37.64 -24.06
CA LYS C 484 -20.77 38.71 -23.36
C LYS C 484 -20.02 38.14 -22.13
N GLU C 485 -20.78 37.45 -21.27
CA GLU C 485 -20.28 36.94 -19.99
C GLU C 485 -19.05 36.07 -20.19
N TRP C 486 -19.03 35.30 -21.28
CA TRP C 486 -17.91 34.43 -21.59
C TRP C 486 -16.68 35.21 -22.09
N ASN C 487 -16.89 36.36 -22.73
CA ASN C 487 -15.85 37.12 -23.48
C ASN C 487 -15.74 36.62 -24.91
N ASP D 1 -5.45 11.73 34.37
CA ASP D 1 -4.84 10.99 33.23
C ASP D 1 -5.82 9.98 32.61
N THR D 2 -5.93 10.04 31.30
CA THR D 2 -6.61 8.99 30.53
C THR D 2 -5.74 8.54 29.36
N MET D 3 -6.31 7.63 28.58
CA MET D 3 -5.60 6.94 27.52
C MET D 3 -5.13 7.92 26.41
N LYS D 4 -4.00 7.62 25.75
CA LYS D 4 -3.60 8.36 24.55
C LYS D 4 -3.62 7.54 23.26
N VAL D 5 -3.84 8.24 22.17
CA VAL D 5 -3.82 7.64 20.85
C VAL D 5 -2.64 8.12 20.03
N ILE D 6 -1.92 7.16 19.46
CA ILE D 6 -0.83 7.48 18.54
C ILE D 6 -1.01 6.89 17.17
N ASN D 7 -0.83 7.72 16.16
CA ASN D 7 -0.91 7.25 14.77
C ASN D 7 0.40 6.75 14.23
N ASP D 8 0.41 5.47 13.92
CA ASP D 8 1.57 4.80 13.38
C ASP D 8 1.29 4.40 11.95
N PRO D 9 2.27 4.60 11.04
CA PRO D 9 2.00 4.23 9.68
C PRO D 9 1.94 2.74 9.48
N ILE D 10 2.40 1.93 10.40
CA ILE D 10 2.32 0.49 10.27
C ILE D 10 1.04 -0.05 10.89
N HIS D 11 0.70 0.39 12.09
CA HIS D 11 -0.41 -0.19 12.79
C HIS D 11 -1.64 0.69 12.84
N GLY D 12 -1.60 1.91 12.33
CA GLY D 12 -2.73 2.81 12.48
C GLY D 12 -2.78 3.36 13.91
N HIS D 13 -3.99 3.50 14.45
CA HIS D 13 -4.20 4.10 15.73
C HIS D 13 -4.01 3.15 16.90
N ILE D 14 -2.99 3.44 17.68
CA ILE D 14 -2.60 2.65 18.80
C ILE D 14 -3.09 3.36 20.05
N GLU D 15 -3.87 2.68 20.87
CA GLU D 15 -4.26 3.21 22.17
C GLU D 15 -3.23 2.88 23.22
N LEU D 16 -2.86 3.89 23.99
CA LEU D 16 -1.91 3.72 25.13
C LEU D 16 -2.55 4.07 26.47
N HIS D 17 -2.55 3.08 27.33
CA HIS D 17 -2.95 3.22 28.71
C HIS D 17 -2.03 4.24 29.44
N PRO D 18 -2.60 5.02 30.38
CA PRO D 18 -1.88 6.16 31.00
C PRO D 18 -0.57 5.76 31.64
N LEU D 19 -0.52 4.58 32.22
CA LEU D 19 0.71 4.02 32.78
C LEU D 19 1.80 3.88 31.73
N LEU D 20 1.40 3.38 30.53
CA LEU D 20 2.34 3.26 29.44
C LEU D 20 2.82 4.63 28.99
N VAL D 21 1.90 5.58 28.95
CA VAL D 21 2.28 6.93 28.61
C VAL D 21 3.33 7.48 29.60
N ARG D 22 3.17 7.19 30.87
CA ARG D 22 4.10 7.69 31.88
C ARG D 22 5.47 7.07 31.69
N ILE D 23 5.52 5.81 31.30
CA ILE D 23 6.80 5.17 31.04
C ILE D 23 7.46 5.76 29.82
N ILE D 24 6.64 6.13 28.84
CA ILE D 24 7.14 6.57 27.55
C ILE D 24 7.67 7.98 27.68
N ASP D 25 7.05 8.78 28.51
CA ASP D 25 7.45 10.19 28.63
C ASP D 25 8.56 10.34 29.68
N THR D 26 9.67 9.64 29.46
CA THR D 26 10.85 9.75 30.25
C THR D 26 12.06 9.85 29.35
N PRO D 27 13.12 10.50 29.83
CA PRO D 27 14.36 10.59 29.07
C PRO D 27 14.91 9.25 28.67
N GLN D 28 14.66 8.22 29.46
CA GLN D 28 15.27 6.91 29.22
C GLN D 28 14.57 6.24 27.99
N PHE D 29 13.29 6.53 27.81
CA PHE D 29 12.54 6.02 26.73
C PHE D 29 12.70 6.89 25.50
N GLN D 30 12.59 8.20 25.69
CA GLN D 30 12.64 9.14 24.58
C GLN D 30 14.00 9.12 23.89
N ARG D 31 15.01 8.71 24.63
CA ARG D 31 16.32 8.43 24.09
C ARG D 31 16.29 7.61 22.80
N LEU D 32 15.36 6.66 22.75
CA LEU D 32 15.18 5.80 21.53
C LEU D 32 14.84 6.52 20.26
N ARG D 33 14.40 7.76 20.36
CA ARG D 33 14.26 8.61 19.17
C ARG D 33 15.53 8.89 18.44
N TYR D 34 16.68 8.64 19.08
CA TYR D 34 17.94 9.12 18.53
C TYR D 34 18.88 7.99 18.28
N ILE D 35 18.31 6.82 18.19
CA ILE D 35 19.01 5.64 17.76
C ILE D 35 18.28 4.98 16.55
N LYS D 36 18.95 4.98 15.39
CA LYS D 36 18.42 4.35 14.16
C LYS D 36 18.26 2.88 14.31
N GLN D 37 17.06 2.40 13.98
CA GLN D 37 16.80 0.99 13.97
C GLN D 37 17.85 0.16 13.22
N LEU D 38 18.23 0.57 12.03
CA LEU D 38 19.09 -0.24 11.18
C LEU D 38 20.56 0.27 11.06
N GLY D 39 20.92 1.26 11.88
CA GLY D 39 22.28 1.82 11.90
C GLY D 39 22.80 2.32 10.57
N GLY D 40 23.87 1.69 10.11
CA GLY D 40 24.46 2.02 8.82
C GLY D 40 23.61 1.68 7.59
N GLY D 41 22.57 0.87 7.76
CA GLY D 41 21.61 0.61 6.66
C GLY D 41 20.99 1.86 6.03
N TYR D 42 20.79 2.91 6.84
CA TYR D 42 20.25 4.15 6.36
C TYR D 42 21.11 4.74 5.31
N TYR D 43 22.39 4.42 5.32
CA TYR D 43 23.36 4.98 4.37
C TYR D 43 23.33 4.21 3.06
N VAL D 44 22.55 3.13 3.02
CA VAL D 44 22.34 2.35 1.79
C VAL D 44 20.87 2.45 1.31
N PHE D 45 19.95 2.42 2.26
CA PHE D 45 18.55 2.52 2.00
C PHE D 45 18.02 3.80 2.62
N PRO D 46 17.86 4.84 1.85
CA PRO D 46 17.55 6.12 2.46
C PRO D 46 16.17 6.29 3.01
N GLY D 47 15.29 5.32 2.73
CA GLY D 47 14.03 5.27 3.43
C GLY D 47 14.14 4.80 4.88
N ALA D 48 15.25 4.13 5.25
CA ALA D 48 15.42 3.58 6.60
C ALA D 48 15.95 4.60 7.65
N SER D 49 15.19 5.66 7.81
CA SER D 49 15.42 6.73 8.72
C SER D 49 14.78 6.42 10.08
N HIS D 50 13.95 5.38 10.14
CA HIS D 50 13.27 5.06 11.36
C HIS D 50 14.20 4.69 12.58
N ASN D 51 13.73 5.04 13.76
CA ASN D 51 14.44 4.86 15.03
C ASN D 51 13.78 3.85 15.94
N ARG D 52 14.55 3.41 16.96
CA ARG D 52 14.10 2.37 17.88
C ARG D 52 12.83 2.76 18.63
N PHE D 53 12.59 4.03 18.78
CA PHE D 53 11.41 4.52 19.46
C PHE D 53 10.05 4.00 18.86
N GLU D 54 9.81 4.34 17.59
CA GLU D 54 8.60 3.93 16.88
C GLU D 54 8.49 2.39 16.76
N HIS D 55 9.64 1.70 16.68
CA HIS D 55 9.62 0.27 16.72
C HIS D 55 9.10 -0.24 18.05
N SER D 56 9.57 0.35 19.13
CA SER D 56 9.15 -0.05 20.49
C SER D 56 7.69 0.17 20.74
N LEU D 57 7.15 1.27 20.26
CA LEU D 57 5.71 1.46 20.32
C LEU D 57 4.97 0.30 19.64
N GLY D 58 5.46 -0.11 18.48
CA GLY D 58 4.82 -1.10 17.69
C GLY D 58 4.86 -2.41 18.40
N VAL D 59 6.01 -2.71 19.01
CA VAL D 59 6.16 -3.97 19.71
C VAL D 59 5.21 -4.05 20.90
N GLY D 60 5.11 -2.95 21.63
CA GLY D 60 4.20 -2.90 22.76
C GLY D 60 2.74 -3.02 22.35
N TYR D 61 2.37 -2.35 21.27
CA TYR D 61 1.02 -2.51 20.72
C TYR D 61 0.73 -3.96 20.36
N LEU D 62 1.65 -4.59 19.66
CA LEU D 62 1.42 -5.97 19.21
C LEU D 62 1.38 -6.95 20.35
N ALA D 63 2.16 -6.67 21.39
CA ALA D 63 2.14 -7.53 22.54
C ALA D 63 0.75 -7.50 23.16
N GLY D 64 0.20 -6.30 23.24
CA GLY D 64 -1.16 -6.10 23.73
C GLY D 64 -2.23 -6.79 22.87
N CYS D 65 -2.11 -6.71 21.55
CA CYS D 65 -3.06 -7.40 20.67
C CYS D 65 -3.06 -8.88 20.89
N LEU D 66 -1.89 -9.49 21.00
CA LEU D 66 -1.83 -10.95 21.12
C LEU D 66 -2.41 -11.41 22.44
N VAL D 67 -1.99 -10.76 23.52
CA VAL D 67 -2.50 -11.14 24.79
C VAL D 67 -3.98 -10.88 24.90
N HIS D 68 -4.48 -9.73 24.44
CA HIS D 68 -5.98 -9.51 24.40
C HIS D 68 -6.70 -10.59 23.64
N ALA D 69 -6.17 -10.94 22.47
CA ALA D 69 -6.81 -11.95 21.62
C ALA D 69 -6.91 -13.30 22.30
N LEU D 70 -5.83 -13.75 22.94
CA LEU D 70 -5.89 -15.01 23.65
C LEU D 70 -6.93 -15.00 24.78
N GLY D 71 -6.97 -13.91 25.53
CA GLY D 71 -7.91 -13.72 26.60
C GLY D 71 -9.34 -13.69 26.17
N GLU D 72 -9.62 -13.04 25.03
CA GLU D 72 -10.98 -13.04 24.46
C GLU D 72 -11.41 -14.42 24.05
N LYS D 73 -10.55 -15.13 23.31
CA LYS D 73 -10.88 -16.47 22.81
C LYS D 73 -10.93 -17.49 23.95
N GLN D 74 -10.12 -17.33 25.01
CA GLN D 74 -10.04 -18.34 26.05
C GLN D 74 -10.03 -17.72 27.45
N PRO D 75 -11.21 -17.29 27.94
CA PRO D 75 -11.36 -16.73 29.30
C PRO D 75 -10.86 -17.64 30.40
N GLU D 76 -10.96 -18.96 30.17
CA GLU D 76 -10.49 -19.94 31.14
C GLU D 76 -9.05 -19.73 31.54
N LEU D 77 -8.27 -19.02 30.72
CA LEU D 77 -6.88 -18.72 31.02
C LEU D 77 -6.69 -17.71 32.15
N GLN D 78 -7.72 -16.94 32.45
CA GLN D 78 -7.69 -15.99 33.55
C GLN D 78 -6.67 -14.90 33.34
N ILE D 79 -6.52 -14.42 32.12
CA ILE D 79 -5.62 -13.32 31.89
C ILE D 79 -6.22 -12.05 32.49
N SER D 80 -5.48 -11.34 33.35
CA SER D 80 -5.99 -10.14 34.00
C SER D 80 -5.52 -8.91 33.27
N GLU D 81 -6.20 -7.78 33.52
CA GLU D 81 -5.67 -6.48 33.08
C GLU D 81 -4.21 -6.26 33.52
N ARG D 82 -3.91 -6.74 34.71
CA ARG D 82 -2.56 -6.64 35.21
C ARG D 82 -1.56 -7.36 34.30
N ASP D 83 -1.95 -8.56 33.87
CA ASP D 83 -1.13 -9.35 32.92
C ASP D 83 -0.91 -8.60 31.60
N VAL D 84 -1.96 -7.97 31.13
CA VAL D 84 -1.92 -7.23 29.88
C VAL D 84 -0.98 -6.07 29.95
N LEU D 85 -1.05 -5.31 31.05
CA LEU D 85 -0.15 -4.17 31.19
C LEU D 85 1.29 -4.58 31.26
N CYS D 86 1.55 -5.69 31.97
CA CYS D 86 2.92 -6.12 32.18
C CYS D 86 3.50 -6.59 30.88
N VAL D 87 2.67 -7.21 30.04
CA VAL D 87 3.14 -7.66 28.73
C VAL D 87 3.40 -6.48 27.80
N GLN D 88 2.50 -5.53 27.82
CA GLN D 88 2.72 -4.34 27.02
C GLN D 88 3.99 -3.61 27.44
N ILE D 89 4.23 -3.51 28.75
CA ILE D 89 5.43 -2.77 29.24
C ILE D 89 6.70 -3.45 28.80
N ALA D 90 6.72 -4.76 28.92
CA ALA D 90 7.81 -5.54 28.40
C ALA D 90 8.03 -5.30 26.91
N GLY D 91 6.93 -5.17 26.17
CA GLY D 91 7.04 -5.01 24.72
C GLY D 91 7.61 -3.68 24.37
N LEU D 92 7.08 -2.63 25.00
CA LEU D 92 7.70 -1.29 24.88
C LEU D 92 9.17 -1.22 25.32
N CYS D 93 9.53 -1.99 26.33
CA CYS D 93 10.80 -1.76 26.99
C CYS D 93 11.92 -2.70 26.60
N ARG D 94 11.65 -3.66 25.71
CA ARG D 94 12.73 -4.57 25.31
C ARG D 94 13.77 -4.00 24.39
N ASN D 95 13.53 -2.84 23.81
CA ASN D 95 14.60 -2.16 23.09
C ASN D 95 15.41 -1.08 23.88
N LEU D 96 15.10 -0.86 25.16
CA LEU D 96 15.73 0.25 25.91
C LEU D 96 17.24 0.21 25.97
N GLY D 97 17.84 -0.97 25.91
CA GLY D 97 19.29 -1.13 26.06
C GLY D 97 20.15 -0.95 24.82
N HIS D 98 19.53 -0.64 23.68
CA HIS D 98 20.30 -0.48 22.45
C HIS D 98 21.15 0.77 22.56
N GLY D 99 22.29 0.74 21.89
CA GLY D 99 23.19 1.86 21.89
C GLY D 99 23.28 2.43 20.50
N PRO D 100 24.15 3.39 20.30
CA PRO D 100 24.34 4.01 19.00
C PRO D 100 24.38 3.04 17.85
N PHE D 101 23.59 3.36 16.81
CA PHE D 101 23.45 2.52 15.61
C PHE D 101 23.00 1.08 15.87
N SER D 102 22.31 0.89 16.98
CA SER D 102 21.73 -0.40 17.32
C SER D 102 22.75 -1.54 17.36
N HIS D 103 22.61 -2.53 16.48
CA HIS D 103 23.47 -3.71 16.55
C HIS D 103 24.95 -3.46 16.33
N MET D 104 25.27 -2.33 15.73
CA MET D 104 26.64 -1.93 15.59
C MET D 104 27.34 -1.88 16.97
N PHE D 105 26.59 -1.44 17.97
CA PHE D 105 27.13 -1.13 19.25
C PHE D 105 27.50 -2.39 20.03
N ASP D 106 26.53 -3.28 20.22
CA ASP D 106 26.81 -4.51 20.94
C ASP D 106 27.38 -5.61 20.05
N GLY D 107 27.14 -5.50 18.76
CA GLY D 107 27.71 -6.49 17.86
C GLY D 107 29.13 -6.23 17.40
N ARG D 108 29.55 -4.98 17.27
CA ARG D 108 30.88 -4.71 16.76
C ARG D 108 31.73 -3.96 17.74
N PHE D 109 31.21 -2.87 18.30
CA PHE D 109 32.03 -1.92 19.07
C PHE D 109 32.44 -2.42 20.47
N ILE D 110 31.45 -2.78 21.27
CA ILE D 110 31.73 -3.23 22.59
C ILE D 110 32.67 -4.45 22.59
N PRO D 111 32.38 -5.45 21.74
CA PRO D 111 33.31 -6.60 21.70
C PRO D 111 34.75 -6.20 21.44
N LEU D 112 34.98 -5.23 20.56
CA LEU D 112 36.31 -4.79 20.28
C LEU D 112 36.86 -3.89 21.33
N ALA D 113 36.06 -3.01 21.91
CA ALA D 113 36.59 -2.04 22.89
C ALA D 113 36.79 -2.65 24.29
N ARG D 114 35.98 -3.64 24.64
CA ARG D 114 35.97 -4.24 25.96
C ARG D 114 35.71 -5.72 25.81
N PRO D 115 36.72 -6.42 25.30
CA PRO D 115 36.62 -7.85 25.04
C PRO D 115 36.37 -8.69 26.29
N GLU D 116 36.79 -8.21 27.45
CA GLU D 116 36.57 -8.95 28.70
C GLU D 116 35.10 -8.96 29.18
N VAL D 117 34.36 -7.89 28.89
CA VAL D 117 32.97 -7.79 29.36
C VAL D 117 32.09 -8.62 28.45
N LYS D 118 30.99 -9.12 29.00
CA LYS D 118 30.03 -9.81 28.21
C LYS D 118 28.74 -8.97 28.27
N TRP D 119 28.33 -8.43 27.14
CA TRP D 119 27.29 -7.38 27.16
C TRP D 119 26.32 -7.60 26.02
N THR D 120 25.05 -7.44 26.32
CA THR D 120 24.04 -7.50 25.32
C THR D 120 23.08 -6.37 25.53
N HIS D 121 22.41 -5.97 24.44
CA HIS D 121 21.35 -4.99 24.53
C HIS D 121 20.25 -5.48 25.44
N GLU D 122 20.01 -6.79 25.50
CA GLU D 122 18.97 -7.32 26.40
C GLU D 122 19.31 -6.98 27.89
N GLN D 123 20.58 -7.14 28.25
CA GLN D 123 21.04 -6.83 29.58
C GLN D 123 20.88 -5.36 29.84
N GLY D 124 21.33 -4.57 28.89
CA GLY D 124 21.12 -3.15 28.93
C GLY D 124 19.68 -2.73 29.12
N SER D 125 18.73 -3.44 28.47
CA SER D 125 17.33 -3.06 28.55
C SER D 125 16.82 -3.21 29.99
N VAL D 126 17.20 -4.31 30.60
CA VAL D 126 16.86 -4.57 32.00
C VAL D 126 17.41 -3.47 32.95
N MET D 127 18.68 -3.13 32.78
CA MET D 127 19.28 -2.08 33.58
C MET D 127 18.65 -0.75 33.31
N MET D 128 18.38 -0.43 32.02
CA MET D 128 17.75 0.86 31.68
C MET D 128 16.39 0.95 32.25
N PHE D 129 15.73 -0.17 32.24
CA PHE D 129 14.35 -0.21 32.72
C PHE D 129 14.33 0.08 34.25
N GLU D 130 15.18 -0.62 34.99
CA GLU D 130 15.37 -0.34 36.43
C GLU D 130 15.64 1.15 36.68
N HIS D 131 16.60 1.69 35.95
CA HIS D 131 16.91 3.10 36.04
C HIS D 131 15.70 4.00 35.72
N LEU D 132 14.96 3.62 34.67
CA LEU D 132 13.78 4.38 34.26
C LEU D 132 12.75 4.39 35.35
N ILE D 133 12.47 3.23 35.92
CA ILE D 133 11.49 3.11 36.99
C ILE D 133 11.89 3.96 38.24
N ASN D 134 13.15 3.83 38.67
CA ASN D 134 13.61 4.50 39.90
C ASN D 134 13.81 6.00 39.75
N SER D 135 14.38 6.44 38.63
CA SER D 135 14.51 7.85 38.34
C SER D 135 13.21 8.59 38.19
N ASN D 136 12.11 7.91 37.94
CA ASN D 136 10.90 8.65 37.56
C ASN D 136 9.71 8.35 38.43
N GLY D 137 9.92 7.66 39.55
CA GLY D 137 8.83 7.38 40.49
C GLY D 137 7.69 6.63 39.84
N ILE D 138 8.01 5.58 39.09
CA ILE D 138 6.98 4.83 38.40
C ILE D 138 6.26 3.86 39.31
N LYS D 139 6.97 3.27 40.25
CA LYS D 139 6.37 2.29 41.19
C LYS D 139 5.04 2.73 41.82
N PRO D 140 4.96 3.97 42.34
CA PRO D 140 3.67 4.46 42.84
C PRO D 140 2.59 4.44 41.81
N VAL D 141 2.95 4.83 40.59
CA VAL D 141 1.96 4.85 39.49
C VAL D 141 1.54 3.42 39.13
N MET D 142 2.47 2.49 39.14
CA MET D 142 2.15 1.10 38.91
C MET D 142 1.11 0.59 39.89
N GLU D 143 1.34 0.80 41.16
CA GLU D 143 0.37 0.31 42.15
C GLU D 143 -0.93 1.09 42.05
N GLN D 144 -0.89 2.36 41.69
CA GLN D 144 -2.12 3.12 41.43
C GLN D 144 -3.02 2.45 40.36
N TYR D 145 -2.43 1.72 39.42
CA TYR D 145 -3.19 1.02 38.42
C TYR D 145 -3.29 -0.48 38.67
N GLY D 146 -2.99 -0.92 39.89
CA GLY D 146 -3.24 -2.31 40.25
C GLY D 146 -2.08 -3.26 40.02
N LEU D 147 -0.91 -2.73 39.72
CA LEU D 147 0.24 -3.62 39.61
C LEU D 147 0.89 -3.83 40.99
N ILE D 148 1.61 -4.92 41.12
CA ILE D 148 2.39 -5.26 42.35
C ILE D 148 3.88 -5.28 42.00
N PRO D 149 4.56 -4.15 42.21
CA PRO D 149 5.91 -3.95 41.72
C PRO D 149 6.92 -5.06 41.98
N GLU D 150 6.92 -5.69 43.14
CA GLU D 150 7.89 -6.76 43.38
C GLU D 150 7.74 -7.83 42.32
N GLU D 151 6.55 -8.37 42.22
CA GLU D 151 6.23 -9.44 41.26
C GLU D 151 6.34 -8.99 39.80
N ASP D 152 5.72 -7.84 39.53
CA ASP D 152 5.48 -7.39 38.16
C ASP D 152 6.77 -6.87 37.51
N ILE D 153 7.62 -6.20 38.30
CA ILE D 153 8.89 -5.76 37.76
C ILE D 153 9.76 -6.94 37.43
N CYS D 154 9.67 -7.97 38.26
CA CYS D 154 10.39 -9.19 37.98
C CYS D 154 9.84 -9.81 36.69
N PHE D 155 8.53 -9.89 36.59
CA PHE D 155 7.88 -10.45 35.40
C PHE D 155 8.35 -9.76 34.10
N ILE D 156 8.32 -8.45 34.12
CA ILE D 156 8.74 -7.65 33.01
C ILE D 156 10.18 -7.90 32.64
N LYS D 157 11.06 -7.88 33.63
CA LYS D 157 12.49 -8.11 33.36
C LYS D 157 12.70 -9.49 32.79
N GLU D 158 11.95 -10.46 33.31
CA GLU D 158 12.08 -11.84 32.86
C GLU D 158 11.65 -12.03 31.40
N GLN D 159 10.58 -11.35 31.00
CA GLN D 159 10.11 -11.37 29.64
C GLN D 159 11.18 -10.89 28.68
N ILE D 160 11.97 -9.90 29.11
CA ILE D 160 12.98 -9.34 28.24
C ILE D 160 14.19 -10.22 28.16
N VAL D 161 14.67 -10.70 29.31
CA VAL D 161 16.01 -11.28 29.37
C VAL D 161 16.01 -12.76 29.74
N GLY D 162 14.87 -13.31 30.14
CA GLY D 162 14.80 -14.70 30.62
C GLY D 162 14.82 -14.78 32.16
N PRO D 163 14.92 -16.00 32.71
CA PRO D 163 15.09 -16.18 34.15
C PRO D 163 16.31 -15.47 34.71
N LEU D 164 16.11 -14.72 35.80
CA LEU D 164 17.18 -13.92 36.43
C LEU D 164 18.17 -14.81 37.25
N GLU D 165 17.73 -16.00 37.66
CA GLU D 165 18.67 -17.08 38.05
C GLU D 165 19.20 -17.67 36.74
N LEU D 172 11.39 -28.27 36.72
CA LEU D 172 11.76 -27.12 37.52
C LEU D 172 11.28 -25.84 36.78
N TRP D 173 10.29 -25.12 37.31
CA TRP D 173 9.83 -23.81 36.74
C TRP D 173 10.77 -22.69 37.16
N PRO D 174 11.53 -22.11 36.21
CA PRO D 174 12.58 -21.15 36.60
C PRO D 174 12.14 -19.70 36.72
N TYR D 175 10.88 -19.40 36.47
CA TYR D 175 10.43 -18.03 36.47
C TYR D 175 9.75 -17.73 37.78
N LYS D 176 9.97 -16.53 38.30
CA LYS D 176 9.30 -16.07 39.49
C LYS D 176 8.19 -15.02 39.28
N GLY D 177 8.15 -14.37 38.12
CA GLY D 177 7.18 -13.30 37.93
C GLY D 177 5.76 -13.85 37.78
N ARG D 178 5.64 -15.06 37.21
CA ARG D 178 4.37 -15.73 37.07
C ARG D 178 4.57 -17.22 37.20
N PRO D 179 3.53 -17.93 37.63
CA PRO D 179 3.51 -19.39 37.66
C PRO D 179 3.27 -20.11 36.33
N GLU D 180 3.45 -21.43 36.34
CA GLU D 180 3.36 -22.26 35.12
C GLU D 180 2.07 -22.14 34.33
N ASN D 181 0.98 -21.87 35.03
CA ASN D 181 -0.34 -21.75 34.39
C ASN D 181 -0.44 -20.51 33.49
N LYS D 182 0.51 -19.59 33.67
CA LYS D 182 0.67 -18.42 32.81
C LYS D 182 1.97 -18.46 32.00
N SER D 183 2.47 -19.67 31.78
CA SER D 183 3.66 -19.87 30.96
C SER D 183 3.61 -19.21 29.58
N PHE D 184 2.47 -19.29 28.95
CA PHE D 184 2.29 -18.74 27.62
C PHE D 184 2.62 -17.26 27.49
N LEU D 185 2.50 -16.51 28.59
CA LEU D 185 2.80 -15.08 28.57
C LEU D 185 4.23 -14.74 28.29
N TYR D 186 5.12 -15.65 28.62
CA TYR D 186 6.51 -15.49 28.32
C TYR D 186 6.89 -15.75 26.88
N GLU D 187 5.92 -16.17 26.07
CA GLU D 187 6.19 -16.50 24.68
C GLU D 187 5.83 -15.33 23.78
N ILE D 188 5.33 -14.23 24.36
CA ILE D 188 4.84 -13.10 23.56
C ILE D 188 5.91 -12.09 23.12
N VAL D 189 6.71 -11.59 24.07
CA VAL D 189 7.59 -10.46 23.80
C VAL D 189 8.95 -10.89 23.32
N SER D 190 9.47 -11.93 23.93
CA SER D 190 10.76 -12.43 23.53
C SER D 190 10.82 -13.91 23.79
N ASN D 191 10.51 -14.67 22.72
CA ASN D 191 10.22 -16.08 22.77
C ASN D 191 11.51 -16.82 22.70
N LYS D 192 11.97 -17.29 23.86
CA LYS D 192 13.26 -17.96 23.95
C LYS D 192 13.21 -19.37 23.36
N ARG D 193 12.03 -19.93 23.21
CA ARG D 193 11.92 -21.31 22.79
C ARG D 193 12.14 -21.43 21.29
N ASN D 194 11.50 -20.57 20.49
CA ASN D 194 11.56 -20.66 19.03
C ASN D 194 11.69 -19.34 18.26
N GLY D 195 11.66 -18.22 18.96
CA GLY D 195 11.82 -16.92 18.32
C GLY D 195 10.58 -16.33 17.65
N ILE D 196 9.43 -16.97 17.77
CA ILE D 196 8.21 -16.43 17.16
C ILE D 196 7.55 -15.52 18.18
N ASP D 197 7.76 -14.22 18.00
CA ASP D 197 7.32 -13.20 18.94
C ASP D 197 7.05 -11.88 18.21
N VAL D 198 6.42 -10.96 18.92
CA VAL D 198 5.91 -9.76 18.34
C VAL D 198 6.94 -8.75 17.96
N ASP D 199 8.15 -8.90 18.48
CA ASP D 199 9.23 -8.02 18.08
C ASP D 199 9.53 -8.15 16.57
N LYS D 200 9.68 -9.39 16.13
CA LYS D 200 9.87 -9.69 14.68
C LYS D 200 8.75 -9.14 13.87
N TRP D 201 7.54 -9.30 14.36
CA TRP D 201 6.39 -8.91 13.56
C TRP D 201 6.40 -7.44 13.32
N ASP D 202 6.74 -6.63 14.34
CA ASP D 202 6.83 -5.22 14.08
C ASP D 202 7.98 -4.92 13.17
N TYR D 203 9.16 -5.48 13.37
CA TYR D 203 10.26 -5.05 12.51
C TYR D 203 10.15 -5.49 11.05
N PHE D 204 9.62 -6.70 10.79
CA PHE D 204 9.33 -7.11 9.42
C PHE D 204 8.54 -6.02 8.71
N ALA D 205 7.45 -5.61 9.31
CA ALA D 205 6.51 -4.71 8.66
C ALA D 205 7.09 -3.33 8.62
N ARG D 206 7.74 -2.89 9.71
CA ARG D 206 8.25 -1.53 9.74
C ARG D 206 9.46 -1.40 8.84
N ASP D 207 10.42 -2.32 8.95
CA ASP D 207 11.58 -2.23 8.09
C ASP D 207 11.17 -2.28 6.60
N CYS D 208 10.24 -3.15 6.24
CA CYS D 208 9.82 -3.27 4.80
C CYS D 208 9.24 -2.00 4.26
N HIS D 209 8.33 -1.43 5.03
CA HIS D 209 7.72 -0.14 4.76
C HIS D 209 8.77 0.97 4.51
N HIS D 210 9.89 0.90 5.20
CA HIS D 210 10.87 1.96 5.10
C HIS D 210 11.97 1.66 4.13
N LEU D 211 12.33 0.40 4.05
CA LEU D 211 13.33 0.01 3.10
C LEU D 211 12.84 0.08 1.64
N GLY D 212 11.53 -0.11 1.49
CA GLY D 212 10.91 -0.30 0.17
C GLY D 212 11.01 -1.74 -0.31
N ILE D 213 10.89 -2.72 0.57
CA ILE D 213 10.74 -4.06 0.13
C ILE D 213 9.50 -4.61 0.74
N GLN D 214 9.08 -5.76 0.24
CA GLN D 214 7.76 -6.23 0.59
C GLN D 214 7.82 -7.35 1.64
N ASN D 215 7.01 -7.18 2.68
CA ASN D 215 6.95 -8.12 3.78
C ASN D 215 5.98 -9.26 3.45
N ASN D 216 6.48 -10.49 3.48
CA ASN D 216 5.68 -11.65 3.19
C ASN D 216 4.76 -12.16 4.37
N PHE D 217 4.98 -11.68 5.62
CA PHE D 217 4.30 -12.23 6.82
C PHE D 217 3.05 -11.54 7.45
N ASP D 218 1.98 -12.32 7.53
CA ASP D 218 0.73 -11.86 8.02
C ASP D 218 0.56 -12.20 9.49
N TYR D 219 1.00 -11.30 10.37
CA TYR D 219 0.89 -11.51 11.78
C TYR D 219 -0.51 -11.47 12.28
N LYS D 220 -1.36 -10.64 11.70
CA LYS D 220 -2.77 -10.63 12.10
C LYS D 220 -3.44 -11.93 11.88
N ARG D 221 -3.14 -12.55 10.75
CA ARG D 221 -3.70 -13.87 10.50
C ARG D 221 -3.22 -14.78 11.63
N PHE D 222 -1.93 -14.72 11.91
CA PHE D 222 -1.36 -15.67 12.85
C PHE D 222 -2.00 -15.55 14.24
N ILE D 223 -2.22 -14.32 14.66
CA ILE D 223 -2.84 -14.03 15.94
C ILE D 223 -4.25 -14.62 15.98
N LYS D 224 -5.01 -14.42 14.93
CA LYS D 224 -6.32 -15.01 14.89
C LYS D 224 -6.38 -16.52 15.04
N PHE D 225 -5.34 -17.24 14.63
CA PHE D 225 -5.35 -18.66 14.74
C PHE D 225 -4.55 -19.15 15.95
N ALA D 226 -4.21 -18.27 16.87
CA ALA D 226 -3.39 -18.70 17.99
C ALA D 226 -4.26 -19.12 19.15
N ARG D 227 -3.85 -20.19 19.83
CA ARG D 227 -4.56 -20.69 20.99
C ARG D 227 -3.56 -21.16 22.01
N VAL D 228 -4.02 -21.31 23.23
CA VAL D 228 -3.16 -21.87 24.27
C VAL D 228 -3.58 -23.28 24.50
N CYS D 229 -2.60 -24.19 24.52
CA CYS D 229 -2.83 -25.59 24.81
C CYS D 229 -1.79 -26.13 25.78
N GLU D 230 -2.14 -27.15 26.53
CA GLU D 230 -1.23 -27.83 27.42
C GLU D 230 -0.20 -28.59 26.63
N VAL D 231 1.06 -28.35 26.94
CA VAL D 231 2.16 -29.10 26.36
C VAL D 231 3.12 -29.37 27.49
N ASP D 232 3.30 -30.67 27.77
CA ASP D 232 4.18 -31.16 28.85
C ASP D 232 3.98 -30.38 30.13
N ASN D 233 2.73 -30.27 30.57
CA ASN D 233 2.38 -29.63 31.85
C ASN D 233 2.71 -28.13 31.96
N GLU D 234 2.91 -27.51 30.79
CA GLU D 234 2.94 -26.07 30.64
C GLU D 234 1.81 -25.67 29.72
N LEU D 235 1.26 -24.47 29.94
CA LEU D 235 0.36 -23.88 28.99
C LEU D 235 1.17 -23.06 28.00
N ARG D 236 1.14 -23.45 26.73
CA ARG D 236 1.85 -22.76 25.65
C ARG D 236 0.97 -22.26 24.52
N ILE D 237 1.47 -21.24 23.85
CA ILE D 237 0.79 -20.74 22.65
C ILE D 237 0.97 -21.73 21.50
N CYS D 238 -0.10 -22.00 20.81
CA CYS D 238 -0.12 -23.00 19.73
C CYS D 238 -0.73 -22.40 18.48
N ALA D 239 -0.14 -22.76 17.36
CA ALA D 239 -0.60 -22.32 16.06
C ALA D 239 -1.45 -23.41 15.42
N ARG D 240 -2.41 -23.00 14.63
CA ARG D 240 -3.23 -23.91 13.87
C ARG D 240 -2.36 -24.65 12.86
N ASP D 241 -2.55 -25.95 12.74
CA ASP D 241 -1.69 -26.82 11.92
C ASP D 241 -1.40 -26.29 10.52
N LYS D 242 -2.42 -25.77 9.88
CA LYS D 242 -2.25 -25.30 8.53
C LYS D 242 -1.42 -24.02 8.35
N GLU D 243 -1.15 -23.32 9.45
CA GLU D 243 -0.25 -22.20 9.42
C GLU D 243 1.21 -22.58 9.35
N VAL D 244 1.53 -23.86 9.37
CA VAL D 244 2.94 -24.27 9.44
C VAL D 244 3.75 -23.79 8.24
N GLY D 245 3.15 -23.77 7.02
CA GLY D 245 3.85 -23.23 5.87
C GLY D 245 4.20 -21.76 6.03
N ASN D 246 3.26 -21.00 6.59
CA ASN D 246 3.39 -19.60 6.83
C ASN D 246 4.48 -19.30 7.89
N LEU D 247 4.68 -20.21 8.82
CA LEU D 247 5.80 -20.08 9.76
C LEU D 247 7.14 -20.32 9.10
N TYR D 248 7.24 -21.35 8.29
CA TYR D 248 8.43 -21.53 7.52
C TYR D 248 8.75 -20.27 6.75
N ASP D 249 7.72 -19.70 6.14
CA ASP D 249 7.88 -18.54 5.31
C ASP D 249 8.34 -17.30 6.14
N MET D 250 7.87 -17.22 7.37
CA MET D 250 8.26 -16.18 8.26
C MET D 250 9.80 -16.19 8.40
N PHE D 251 10.39 -17.34 8.65
CA PHE D 251 11.85 -17.37 8.76
C PHE D 251 12.57 -17.25 7.43
N HIS D 252 11.92 -17.66 6.34
CA HIS D 252 12.48 -17.42 5.01
C HIS D 252 12.61 -15.91 4.75
N THR D 253 11.56 -15.19 5.07
CA THR D 253 11.53 -13.74 5.04
C THR D 253 12.62 -13.07 5.93
N ARG D 254 12.71 -13.53 7.17
CA ARG D 254 13.78 -13.04 8.06
C ARG D 254 15.14 -13.15 7.41
N ASN D 255 15.41 -14.30 6.81
CA ASN D 255 16.65 -14.54 6.12
C ASN D 255 16.86 -13.63 4.93
N SER D 256 15.81 -13.38 4.14
CA SER D 256 15.90 -12.49 3.00
C SER D 256 16.12 -11.10 3.37
N LEU D 257 15.45 -10.65 4.42
CA LEU D 257 15.74 -9.31 4.97
C LEU D 257 17.21 -9.14 5.41
N HIS D 258 17.77 -10.17 5.99
CA HIS D 258 19.18 -10.17 6.42
C HIS D 258 20.10 -10.18 5.20
N ARG D 259 19.70 -10.94 4.17
CA ARG D 259 20.52 -11.03 2.97
C ARG D 259 20.55 -9.75 2.19
N ARG D 260 19.43 -9.11 2.02
CA ARG D 260 19.36 -7.94 1.19
C ARG D 260 19.60 -6.69 1.96
N ALA D 261 19.24 -6.67 3.22
CA ALA D 261 19.30 -5.39 3.92
C ALA D 261 20.21 -5.39 5.18
N TYR D 262 19.88 -6.16 6.19
CA TYR D 262 20.56 -6.01 7.44
C TYR D 262 22.07 -6.34 7.37
N GLN D 263 22.47 -7.20 6.47
CA GLN D 263 23.82 -7.55 6.21
C GLN D 263 24.24 -7.07 4.85
N HIS D 264 23.61 -6.08 4.29
CA HIS D 264 24.09 -5.56 3.03
C HIS D 264 25.59 -5.25 3.22
N LYS D 265 26.39 -5.63 2.25
CA LYS D 265 27.84 -5.55 2.35
C LYS D 265 28.33 -4.13 2.62
N VAL D 266 27.69 -3.14 2.02
CA VAL D 266 28.10 -1.77 2.22
C VAL D 266 27.57 -1.23 3.53
N GLY D 267 26.35 -1.60 3.90
CA GLY D 267 25.85 -1.20 5.18
C GLY D 267 26.80 -1.67 6.27
N ASN D 268 27.30 -2.90 6.13
CA ASN D 268 28.12 -3.50 7.12
C ASN D 268 29.47 -2.81 7.19
N ILE D 269 30.00 -2.40 6.06
CA ILE D 269 31.29 -1.78 6.05
C ILE D 269 31.22 -0.36 6.61
N ILE D 270 30.07 0.29 6.44
CA ILE D 270 29.84 1.55 7.09
C ILE D 270 29.79 1.41 8.62
N ASP D 271 29.11 0.38 9.10
CA ASP D 271 29.07 0.09 10.50
C ASP D 271 30.48 -0.18 11.02
N THR D 272 31.29 -0.85 10.22
CA THR D 272 32.65 -1.11 10.57
C THR D 272 33.46 0.21 10.67
N MET D 273 33.27 1.11 9.69
CA MET D 273 34.00 2.34 9.67
C MET D 273 33.62 3.20 10.85
N ILE D 274 32.33 3.20 11.15
CA ILE D 274 31.86 3.96 12.28
C ILE D 274 32.46 3.37 13.56
N THR D 275 32.48 2.05 13.64
CA THR D 275 33.07 1.40 14.79
C THR D 275 34.55 1.79 14.97
N ASP D 276 35.32 1.78 13.89
CA ASP D 276 36.69 2.21 13.88
C ASP D 276 36.84 3.61 14.44
N ALA D 277 36.01 4.52 13.97
CA ALA D 277 36.06 5.89 14.40
C ALA D 277 35.75 5.99 15.88
N PHE D 278 34.78 5.21 16.34
CA PHE D 278 34.43 5.23 17.71
C PHE D 278 35.61 4.76 18.55
N LEU D 279 36.29 3.71 18.11
CA LEU D 279 37.46 3.21 18.83
C LEU D 279 38.57 4.28 18.99
N LYS D 280 38.84 5.04 17.95
CA LYS D 280 39.80 6.10 17.95
C LYS D 280 39.38 7.31 18.73
N ALA D 281 38.10 7.44 19.01
CA ALA D 281 37.62 8.57 19.78
C ALA D 281 37.37 8.21 21.24
N ASP D 282 37.39 6.92 21.55
CA ASP D 282 36.96 6.46 22.85
C ASP D 282 37.80 7.03 24.06
N ASP D 283 39.08 7.27 23.82
CA ASP D 283 39.95 7.89 24.83
C ASP D 283 39.61 9.33 25.11
N TYR D 284 39.01 10.04 24.16
CA TYR D 284 38.85 11.48 24.26
C TYR D 284 37.45 11.99 24.49
N ILE D 285 36.43 11.21 24.16
CA ILE D 285 35.04 11.62 24.41
C ILE D 285 34.73 11.31 25.86
N GLU D 286 34.12 12.26 26.56
CA GLU D 286 33.71 12.02 27.94
C GLU D 286 32.25 12.34 28.20
N ILE D 287 31.59 11.43 28.89
CA ILE D 287 30.18 11.51 29.09
C ILE D 287 29.95 11.50 30.58
N THR D 288 29.19 12.47 31.02
CA THR D 288 28.93 12.62 32.40
C THR D 288 27.76 11.77 32.85
N GLY D 289 28.06 10.93 33.83
CA GLY D 289 27.13 10.03 34.45
C GLY D 289 26.73 10.46 35.85
N ALA D 290 26.41 9.48 36.69
CA ALA D 290 25.82 9.71 37.97
C ALA D 290 26.89 10.33 38.92
N GLY D 291 26.47 11.36 39.66
CA GLY D 291 27.36 12.11 40.55
C GLY D 291 28.51 12.81 39.85
N GLY D 292 28.27 13.33 38.65
CA GLY D 292 29.32 14.03 37.88
C GLY D 292 30.50 13.18 37.43
N LYS D 293 30.53 11.91 37.81
CA LYS D 293 31.52 10.99 37.33
C LYS D 293 31.52 10.86 35.78
N LYS D 294 32.69 10.58 35.20
CA LYS D 294 32.88 10.64 33.78
C LYS D 294 33.15 9.29 33.14
N TYR D 295 32.55 9.11 31.96
CA TYR D 295 32.64 7.81 31.27
C TYR D 295 33.09 7.99 29.86
N ARG D 296 33.59 6.92 29.33
CA ARG D 296 33.89 6.86 27.91
C ARG D 296 32.69 6.24 27.17
N ILE D 297 32.75 6.32 25.84
CA ILE D 297 31.78 5.63 25.00
C ILE D 297 31.67 4.17 25.41
N SER D 298 32.81 3.53 25.55
CA SER D 298 32.88 2.12 25.96
C SER D 298 32.50 1.82 27.41
N THR D 299 32.46 2.81 28.31
CA THR D 299 32.17 2.52 29.72
C THR D 299 30.82 3.09 30.16
N ALA D 300 30.20 3.84 29.28
CA ALA D 300 28.85 4.37 29.56
C ALA D 300 27.81 3.29 29.83
N ILE D 301 28.07 2.07 29.37
CA ILE D 301 27.26 0.93 29.72
C ILE D 301 27.32 0.51 31.20
N ASP D 302 28.29 1.03 31.95
CA ASP D 302 28.36 0.72 33.36
C ASP D 302 27.52 1.67 34.21
N ASP D 303 27.05 2.79 33.62
CA ASP D 303 26.23 3.75 34.34
C ASP D 303 25.06 4.23 33.46
N MET D 304 23.87 3.92 33.92
CA MET D 304 22.67 4.16 33.13
C MET D 304 22.39 5.62 32.88
N GLU D 305 22.77 6.45 33.83
CA GLU D 305 22.63 7.90 33.67
C GLU D 305 23.51 8.42 32.54
N ALA D 306 24.70 7.85 32.42
CA ALA D 306 25.53 8.18 31.28
C ALA D 306 25.01 7.55 29.97
N TYR D 307 24.59 6.29 30.05
CA TYR D 307 24.12 5.58 28.89
C TYR D 307 22.91 6.31 28.27
N THR D 308 22.08 6.91 29.12
CA THR D 308 20.96 7.71 28.72
C THR D 308 21.37 8.74 27.69
N LYS D 309 22.57 9.26 27.82
CA LYS D 309 23.04 10.31 26.94
C LYS D 309 23.86 9.78 25.79
N LEU D 310 23.96 8.48 25.67
CA LEU D 310 24.71 7.88 24.60
C LEU D 310 23.85 7.40 23.37
N THR D 311 23.87 8.17 22.30
CA THR D 311 23.01 7.94 21.15
C THR D 311 23.76 8.19 19.85
N ASP D 312 23.06 8.17 18.72
CA ASP D 312 23.67 8.41 17.40
C ASP D 312 24.37 9.79 17.36
N ASN D 313 23.94 10.69 18.21
CA ASN D 313 24.59 11.98 18.42
C ASN D 313 26.13 11.95 18.52
N ILE D 314 26.73 10.91 19.08
CA ILE D 314 28.22 10.88 19.13
C ILE D 314 28.89 10.84 17.77
N PHE D 315 28.21 10.24 16.80
CA PHE D 315 28.68 10.28 15.44
C PHE D 315 28.87 11.72 15.03
N LEU D 316 27.89 12.55 15.27
CA LEU D 316 27.98 13.94 14.88
C LEU D 316 28.90 14.79 15.79
N GLU D 317 28.97 14.46 17.06
CA GLU D 317 29.91 15.10 17.99
C GLU D 317 31.33 14.89 17.44
N ILE D 318 31.64 13.69 17.00
CA ILE D 318 32.93 13.45 16.41
C ILE D 318 33.07 14.15 15.10
N LEU D 319 32.04 14.06 14.25
CA LEU D 319 32.16 14.62 12.89
C LEU D 319 32.41 16.13 12.95
N TYR D 320 31.77 16.80 13.91
CA TYR D 320 31.84 18.23 14.00
C TYR D 320 32.96 18.76 14.95
N SER D 321 33.76 17.87 15.53
CA SER D 321 34.74 18.27 16.49
C SER D 321 35.91 19.02 15.85
N THR D 322 36.58 19.84 16.65
CA THR D 322 37.83 20.53 16.22
C THR D 322 39.09 20.11 17.02
N ASP D 323 38.89 19.47 18.15
CA ASP D 323 39.98 18.90 18.92
C ASP D 323 40.91 18.11 18.01
N PRO D 324 42.21 18.42 18.02
CA PRO D 324 43.16 17.63 17.23
C PRO D 324 43.31 16.21 17.75
N LYS D 325 42.97 15.95 19.00
CA LYS D 325 43.01 14.58 19.50
C LYS D 325 42.03 13.68 18.78
N LEU D 326 40.94 14.28 18.25
CA LEU D 326 39.90 13.57 17.53
C LEU D 326 40.13 13.58 16.03
N LYS D 327 41.21 14.19 15.56
CA LYS D 327 41.47 14.23 14.13
C LYS D 327 41.31 12.87 13.42
N ASP D 328 41.80 11.79 14.00
CA ASP D 328 41.85 10.51 13.33
C ASP D 328 40.44 9.97 13.16
N ALA D 329 39.67 10.08 14.24
CA ALA D 329 38.31 9.63 14.28
C ALA D 329 37.45 10.47 13.28
N ARG D 330 37.57 11.78 13.37
CA ARG D 330 36.89 12.70 12.50
C ARG D 330 37.20 12.37 11.04
N GLU D 331 38.43 12.01 10.74
CA GLU D 331 38.77 11.74 9.36
C GLU D 331 38.04 10.52 8.80
N ILE D 332 37.89 9.49 9.60
CA ILE D 332 37.20 8.31 9.15
C ILE D 332 35.75 8.64 8.80
N LEU D 333 35.05 9.36 9.66
CA LEU D 333 33.67 9.78 9.38
C LEU D 333 33.57 10.68 8.16
N LYS D 334 34.59 11.48 7.91
CA LYS D 334 34.58 12.33 6.75
C LYS D 334 34.70 11.52 5.48
N GLN D 335 35.44 10.42 5.55
CA GLN D 335 35.54 9.55 4.42
C GLN D 335 34.14 8.88 4.08
N ILE D 336 33.35 8.64 5.12
CA ILE D 336 32.00 8.17 4.95
C ILE D 336 31.19 9.21 4.16
N GLU D 337 31.23 10.49 4.53
CA GLU D 337 30.51 11.52 3.79
C GLU D 337 30.95 11.71 2.35
N TYR D 338 32.22 11.50 2.04
CA TYR D 338 32.71 11.57 0.66
C TYR D 338 32.52 10.25 -0.07
N ARG D 339 32.05 9.26 0.66
CA ARG D 339 31.83 7.96 0.11
C ARG D 339 33.11 7.32 -0.29
N ASN D 340 34.16 7.63 0.46
CA ASN D 340 35.41 6.96 0.31
C ASN D 340 35.45 5.78 1.25
N LEU D 341 34.80 4.69 0.86
CA LEU D 341 34.64 3.57 1.77
C LEU D 341 35.65 2.53 1.53
N PHE D 342 35.92 1.70 2.54
CA PHE D 342 36.73 0.51 2.35
C PHE D 342 36.03 -0.28 1.21
N LYS D 343 36.79 -0.90 0.32
CA LYS D 343 36.22 -1.55 -0.84
C LYS D 343 35.94 -3.03 -0.61
N TYR D 344 34.77 -3.42 -1.03
CA TYR D 344 34.33 -4.81 -1.05
C TYR D 344 35.17 -5.55 -2.05
N VAL D 345 35.68 -6.69 -1.63
CA VAL D 345 36.47 -7.53 -2.50
C VAL D 345 35.63 -8.69 -3.03
N GLY D 346 35.00 -9.42 -2.13
CA GLY D 346 34.11 -10.50 -2.48
C GLY D 346 33.56 -11.24 -1.30
N GLU D 347 32.79 -12.29 -1.62
CA GLU D 347 32.06 -13.06 -0.63
C GLU D 347 32.26 -14.52 -0.94
N THR D 348 32.27 -15.35 0.08
CA THR D 348 32.45 -16.76 -0.10
C THR D 348 31.87 -17.50 1.09
N GLN D 349 31.76 -18.81 0.98
CA GLN D 349 31.32 -19.64 2.12
C GLN D 349 32.24 -20.84 2.37
N PRO D 350 32.28 -21.31 3.62
CA PRO D 350 32.96 -22.58 3.89
C PRO D 350 32.21 -23.79 3.29
N THR D 351 32.90 -24.91 3.19
CA THR D 351 32.45 -26.06 2.42
C THR D 351 32.25 -27.27 3.31
N GLY D 352 31.23 -28.04 2.99
CA GLY D 352 30.89 -29.26 3.71
C GLY D 352 30.75 -29.03 5.19
N GLN D 353 31.61 -29.67 5.98
CA GLN D 353 31.49 -29.63 7.42
C GLN D 353 32.05 -28.33 8.00
N ILE D 354 32.94 -27.67 7.27
CA ILE D 354 33.79 -26.62 7.84
C ILE D 354 32.98 -25.51 8.51
N LYS D 355 33.26 -25.25 9.78
CA LYS D 355 32.62 -24.18 10.52
C LYS D 355 33.71 -23.30 11.15
N ILE D 356 33.64 -21.98 10.99
CA ILE D 356 34.66 -21.06 11.53
C ILE D 356 34.32 -20.50 12.89
N LYS D 357 35.27 -20.64 13.85
CA LYS D 357 34.99 -20.21 15.21
C LYS D 357 35.40 -18.79 15.50
N ARG D 358 34.72 -18.17 16.45
CA ARG D 358 34.93 -16.79 16.84
C ARG D 358 36.41 -16.47 17.15
N GLU D 359 37.11 -17.41 17.75
CA GLU D 359 38.53 -17.18 18.13
C GLU D 359 39.46 -17.09 16.92
N ASP D 360 39.05 -17.66 15.79
CA ASP D 360 39.84 -17.57 14.57
C ASP D 360 39.61 -16.30 13.76
N TYR D 361 38.61 -15.50 14.11
CA TYR D 361 38.27 -14.34 13.28
C TYR D 361 39.45 -13.39 13.15
N GLU D 362 40.16 -13.18 14.25
CA GLU D 362 41.25 -12.22 14.26
C GLU D 362 42.39 -12.62 13.33
N SER D 363 42.56 -13.91 13.09
CA SER D 363 43.65 -14.39 12.26
C SER D 363 43.35 -14.44 10.76
N LEU D 364 42.11 -14.12 10.35
CA LEU D 364 41.71 -14.30 8.94
C LEU D 364 42.31 -13.24 8.00
N PRO D 365 42.39 -11.97 8.45
CA PRO D 365 43.06 -11.03 7.56
C PRO D 365 44.54 -11.43 7.33
N LYS D 366 45.16 -12.05 8.33
CA LYS D 366 46.54 -12.59 8.18
C LYS D 366 46.59 -13.62 7.06
N GLU D 367 45.69 -14.60 7.10
CA GLU D 367 45.72 -15.68 6.13
C GLU D 367 45.55 -15.18 4.69
N VAL D 368 44.75 -14.14 4.50
CA VAL D 368 44.46 -13.63 3.19
C VAL D 368 45.71 -13.01 2.60
N ALA D 369 46.37 -12.17 3.40
CA ALA D 369 47.62 -11.51 3.02
C ALA D 369 48.77 -12.49 2.77
N SER D 370 48.69 -13.64 3.41
CA SER D 370 49.71 -14.66 3.26
C SER D 370 49.46 -15.56 2.02
N ALA D 371 48.27 -15.55 1.42
CA ALA D 371 48.07 -16.36 0.17
C ALA D 371 48.98 -15.85 -0.93
N LYS D 372 49.33 -16.73 -1.88
CA LYS D 372 50.36 -16.44 -2.85
C LYS D 372 49.85 -16.68 -4.24
N PRO D 373 49.14 -15.68 -4.76
CA PRO D 373 48.56 -15.84 -6.09
C PRO D 373 49.62 -15.70 -7.15
N LYS D 374 49.60 -16.58 -8.14
CA LYS D 374 50.54 -16.50 -9.25
C LYS D 374 50.07 -15.44 -10.24
N VAL D 375 50.23 -14.16 -9.87
CA VAL D 375 49.95 -13.05 -10.77
C VAL D 375 50.92 -11.89 -10.51
N LEU D 376 51.25 -11.14 -11.56
CA LEU D 376 52.14 -10.00 -11.41
C LEU D 376 51.39 -8.88 -10.71
N LEU D 377 51.94 -8.44 -9.59
CA LEU D 377 51.33 -7.40 -8.77
C LEU D 377 52.27 -6.24 -8.52
N ASP D 378 51.80 -5.04 -8.87
CA ASP D 378 52.56 -3.78 -8.67
C ASP D 378 52.69 -3.48 -7.19
N VAL D 379 51.60 -3.66 -6.46
CA VAL D 379 51.58 -3.42 -5.00
C VAL D 379 51.38 -4.73 -4.25
N LYS D 380 51.79 -4.72 -2.99
CA LYS D 380 51.73 -5.88 -2.12
C LYS D 380 51.04 -5.46 -0.82
N LEU D 381 50.11 -6.28 -0.35
CA LEU D 381 49.21 -5.86 0.71
C LEU D 381 49.53 -6.63 1.97
N LYS D 382 49.28 -6.01 3.12
CA LYS D 382 49.51 -6.60 4.43
C LYS D 382 48.22 -6.94 5.17
N ALA D 383 48.34 -7.72 6.23
CA ALA D 383 47.22 -8.18 7.01
C ALA D 383 46.27 -7.06 7.35
N GLU D 384 46.84 -5.97 7.83
CA GLU D 384 46.09 -4.79 8.25
C GLU D 384 45.32 -4.06 7.11
N ASP D 385 45.65 -4.37 5.87
CA ASP D 385 44.93 -3.79 4.75
C ASP D 385 43.60 -4.53 4.49
N PHE D 386 43.35 -5.63 5.18
CA PHE D 386 42.17 -6.44 4.90
C PHE D 386 41.22 -6.45 6.07
N ILE D 387 39.94 -6.43 5.75
CA ILE D 387 38.88 -6.73 6.71
C ILE D 387 38.13 -7.99 6.27
N VAL D 388 37.85 -8.85 7.25
CA VAL D 388 37.18 -10.10 7.04
C VAL D 388 36.00 -10.20 7.99
N ASP D 389 34.79 -10.15 7.44
CA ASP D 389 33.56 -10.10 8.23
C ASP D 389 32.99 -11.50 8.08
N VAL D 390 32.76 -12.20 9.17
CA VAL D 390 32.14 -13.51 9.11
C VAL D 390 30.76 -13.36 9.70
N ILE D 391 29.75 -13.83 8.98
CA ILE D 391 28.39 -13.62 9.36
C ILE D 391 27.72 -14.94 9.43
N ASN D 392 27.11 -15.19 10.57
CA ASN D 392 26.39 -16.40 10.78
C ASN D 392 24.91 -16.15 10.46
N MET D 393 24.44 -16.78 9.38
CA MET D 393 23.04 -16.76 9.00
C MET D 393 22.37 -18.03 9.47
N ASP D 394 21.29 -17.87 10.22
CA ASP D 394 20.48 -19.02 10.61
C ASP D 394 18.96 -18.70 10.75
N TYR D 395 18.19 -19.69 11.12
CA TYR D 395 16.79 -19.49 11.43
C TYR D 395 16.57 -19.18 12.91
N GLY D 396 17.57 -18.55 13.52
CA GLY D 396 17.47 -18.04 14.88
C GLY D 396 17.87 -18.98 16.01
N MET D 397 18.24 -20.23 15.65
CA MET D 397 18.58 -21.26 16.63
C MET D 397 19.75 -22.12 16.16
N GLN D 398 20.78 -21.44 15.69
CA GLN D 398 21.94 -22.09 15.10
C GLN D 398 21.51 -23.18 14.14
N GLU D 399 21.97 -24.41 14.35
CA GLU D 399 21.73 -25.51 13.44
C GLU D 399 20.28 -26.01 13.44
N LYS D 400 19.53 -25.65 14.47
CA LYS D 400 18.23 -26.17 14.72
C LYS D 400 17.09 -25.52 13.89
N ASN D 401 16.05 -26.32 13.66
CA ASN D 401 14.85 -25.90 12.94
C ASN D 401 13.82 -25.45 13.94
N PRO D 402 13.53 -24.14 13.96
CA PRO D 402 12.68 -23.63 15.04
C PRO D 402 11.27 -24.15 14.97
N ILE D 403 10.86 -24.65 13.80
CA ILE D 403 9.53 -25.21 13.68
C ILE D 403 9.38 -26.52 14.45
N ASP D 404 10.49 -27.23 14.68
CA ASP D 404 10.45 -28.40 15.55
C ASP D 404 10.23 -28.00 17.00
N HIS D 405 10.27 -26.73 17.31
CA HIS D 405 9.95 -26.27 18.66
C HIS D 405 8.63 -25.50 18.73
N VAL D 406 7.76 -25.77 17.75
CA VAL D 406 6.44 -25.15 17.69
C VAL D 406 5.38 -26.20 17.91
N SER D 407 4.37 -25.80 18.66
CA SER D 407 3.27 -26.63 18.94
C SER D 407 2.07 -26.18 18.13
N PHE D 408 1.38 -27.17 17.51
CA PHE D 408 0.22 -26.91 16.69
C PHE D 408 -1.02 -27.59 17.24
N TYR D 409 -2.17 -27.24 16.65
CA TYR D 409 -3.44 -27.85 16.98
C TYR D 409 -4.26 -27.95 15.72
N CYS D 410 -5.18 -28.93 15.68
N CYS D 410 -5.17 -28.93 15.69
CA CYS D 410 -6.01 -29.14 14.51
CA CYS D 410 -6.01 -29.19 14.51
C CYS D 410 -7.44 -28.77 14.83
C CYS D 410 -7.43 -28.78 14.83
N LYS D 411 -8.22 -28.48 13.79
CA LYS D 411 -9.57 -27.96 14.01
C LYS D 411 -10.49 -28.96 14.69
N THR D 412 -10.28 -30.26 14.44
CA THR D 412 -11.11 -31.29 15.08
C THR D 412 -10.79 -31.54 16.59
N ALA D 413 -9.59 -31.18 17.07
CA ALA D 413 -9.26 -31.20 18.54
C ALA D 413 -8.45 -30.00 19.00
N PRO D 414 -9.15 -28.85 19.17
CA PRO D 414 -8.49 -27.57 19.36
C PRO D 414 -7.68 -27.49 20.61
N ASN D 415 -7.92 -28.41 21.55
CA ASN D 415 -7.16 -28.40 22.82
C ASN D 415 -6.02 -29.39 22.87
N ARG D 416 -5.86 -30.17 21.82
CA ARG D 416 -4.79 -31.15 21.77
C ARG D 416 -3.62 -30.64 20.95
N ALA D 417 -2.51 -30.38 21.60
CA ALA D 417 -1.30 -29.93 20.93
C ALA D 417 -0.66 -31.07 20.16
N ILE D 418 -0.06 -30.77 19.02
CA ILE D 418 0.68 -31.75 18.24
C ILE D 418 1.96 -31.15 17.70
N ARG D 419 2.78 -32.02 17.12
CA ARG D 419 4.02 -31.63 16.48
C ARG D 419 3.88 -31.96 14.97
N ILE D 420 4.65 -31.24 14.17
CA ILE D 420 4.70 -31.44 12.76
C ILE D 420 6.16 -31.38 12.36
N THR D 421 6.61 -32.38 11.62
CA THR D 421 7.96 -32.49 11.14
C THR D 421 8.07 -31.89 9.76
N LYS D 422 9.30 -31.74 9.32
CA LYS D 422 9.59 -31.01 8.09
C LYS D 422 9.03 -31.78 6.86
N ASN D 423 9.26 -33.08 6.83
CA ASN D 423 8.74 -33.93 5.76
C ASN D 423 7.25 -34.02 5.72
N GLN D 424 6.62 -33.76 6.86
CA GLN D 424 5.15 -33.60 6.82
C GLN D 424 4.68 -32.34 6.09
N VAL D 425 5.59 -31.42 5.73
CA VAL D 425 5.18 -30.17 5.12
C VAL D 425 5.57 -30.07 3.66
N SER D 426 6.85 -30.26 3.38
CA SER D 426 7.36 -30.05 2.05
C SER D 426 8.75 -30.56 1.90
N GLN D 427 9.02 -31.13 0.74
CA GLN D 427 10.36 -31.53 0.33
C GLN D 427 11.11 -30.33 -0.24
N LEU D 428 10.42 -29.23 -0.47
CA LEU D 428 11.06 -28.03 -1.02
C LEU D 428 11.62 -27.07 0.07
N LEU D 429 11.67 -27.50 1.31
CA LEU D 429 12.18 -26.65 2.36
C LEU D 429 13.70 -26.79 2.41
N PRO D 430 14.39 -25.97 3.19
CA PRO D 430 15.86 -26.10 3.37
C PRO D 430 16.25 -27.34 4.11
N GLU D 431 17.38 -27.94 3.76
CA GLU D 431 17.90 -29.10 4.51
C GLU D 431 18.72 -28.68 5.67
N LYS D 432 19.34 -27.51 5.56
CA LYS D 432 20.11 -26.92 6.69
C LYS D 432 19.52 -25.60 7.11
N PHE D 433 19.79 -25.25 8.36
CA PHE D 433 19.23 -24.03 8.96
C PHE D 433 20.24 -23.02 9.44
N ALA D 434 21.50 -23.26 9.08
CA ALA D 434 22.58 -22.37 9.44
C ALA D 434 23.67 -22.48 8.39
N GLU D 435 24.29 -21.35 8.11
CA GLU D 435 25.40 -21.27 7.19
C GLU D 435 26.26 -20.06 7.57
N GLN D 436 27.42 -19.90 6.94
CA GLN D 436 28.22 -18.71 7.20
C GLN D 436 28.59 -18.02 5.94
N LEU D 437 28.61 -16.71 5.99
CA LEU D 437 29.07 -15.93 4.89
C LEU D 437 30.34 -15.23 5.26
N ILE D 438 31.25 -15.15 4.30
CA ILE D 438 32.49 -14.44 4.54
C ILE D 438 32.66 -13.33 3.55
N ARG D 439 32.75 -12.10 4.05
CA ARG D 439 33.03 -10.96 3.23
C ARG D 439 34.42 -10.44 3.52
N VAL D 440 35.07 -9.97 2.47
CA VAL D 440 36.38 -9.46 2.54
C VAL D 440 36.37 -8.11 1.90
N TYR D 441 36.97 -7.16 2.60
CA TYR D 441 37.14 -5.81 2.09
C TYR D 441 38.60 -5.40 2.20
N CYS D 442 38.94 -4.37 1.44
CA CYS D 442 40.26 -3.81 1.42
C CYS D 442 40.22 -2.35 1.83
N LYS D 443 41.14 -1.99 2.73
CA LYS D 443 41.29 -0.60 3.19
C LYS D 443 42.03 0.30 2.23
N LYS D 444 42.74 -0.24 1.26
CA LYS D 444 43.40 0.58 0.25
C LYS D 444 42.51 0.56 -0.99
N VAL D 445 42.05 1.74 -1.39
CA VAL D 445 40.93 1.82 -2.31
C VAL D 445 41.31 2.06 -3.77
N ASP D 446 42.58 2.29 -4.05
CA ASP D 446 42.98 2.62 -5.43
C ASP D 446 42.85 1.41 -6.34
N ARG D 447 42.85 1.68 -7.63
CA ARG D 447 42.61 0.68 -8.66
C ARG D 447 43.56 -0.51 -8.58
N LYS D 448 44.83 -0.22 -8.38
CA LYS D 448 45.84 -1.27 -8.33
C LYS D 448 45.80 -2.09 -7.03
N SER D 449 45.61 -1.45 -5.89
CA SER D 449 45.42 -2.15 -4.61
C SER D 449 44.18 -3.07 -4.64
N LEU D 450 43.13 -2.59 -5.29
CA LEU D 450 41.90 -3.36 -5.37
C LEU D 450 42.09 -4.62 -6.21
N TYR D 451 42.72 -4.46 -7.37
CA TYR D 451 43.01 -5.58 -8.22
C TYR D 451 43.81 -6.66 -7.47
N ALA D 452 44.82 -6.24 -6.72
CA ALA D 452 45.66 -7.17 -5.99
C ALA D 452 44.86 -7.91 -4.95
N ALA D 453 44.06 -7.15 -4.20
CA ALA D 453 43.22 -7.72 -3.17
C ALA D 453 42.25 -8.82 -3.70
N ARG D 454 41.75 -8.63 -4.91
CA ARG D 454 40.93 -9.64 -5.55
C ARG D 454 41.70 -10.93 -5.73
N GLN D 455 42.97 -10.82 -6.12
CA GLN D 455 43.75 -12.01 -6.38
C GLN D 455 44.08 -12.74 -5.06
N TYR D 456 44.42 -12.00 -4.02
CA TYR D 456 44.68 -12.65 -2.73
C TYR D 456 43.43 -13.37 -2.26
N PHE D 457 42.32 -12.67 -2.42
CA PHE D 457 41.04 -13.18 -1.97
C PHE D 457 40.65 -14.49 -2.62
N VAL D 458 40.67 -14.50 -3.94
CA VAL D 458 40.31 -15.72 -4.67
C VAL D 458 41.29 -16.87 -4.41
N GLN D 459 42.60 -16.55 -4.33
CA GLN D 459 43.60 -17.55 -4.01
C GLN D 459 43.32 -18.13 -2.66
N TRP D 460 43.10 -17.27 -1.68
CA TRP D 460 42.75 -17.70 -0.34
C TRP D 460 41.53 -18.62 -0.29
N CYS D 461 40.49 -18.29 -1.09
CA CYS D 461 39.34 -19.14 -1.16
C CYS D 461 39.76 -20.51 -1.65
N ALA D 462 40.53 -20.54 -2.74
CA ALA D 462 41.00 -21.82 -3.30
C ALA D 462 41.79 -22.58 -2.24
N ASP D 463 42.75 -21.91 -1.60
CA ASP D 463 43.57 -22.55 -0.59
C ASP D 463 42.74 -23.21 0.50
N ARG D 464 41.63 -22.58 0.88
CA ARG D 464 40.84 -23.11 2.00
C ARG D 464 39.70 -24.01 1.56
N ASN D 465 39.62 -24.23 0.26
CA ASN D 465 38.56 -25.04 -0.32
C ASN D 465 37.13 -24.46 -0.06
N PHE D 466 37.03 -23.13 -0.13
CA PHE D 466 35.78 -22.40 0.01
C PHE D 466 35.06 -22.37 -1.31
N THR D 467 33.86 -21.80 -1.32
CA THR D 467 33.09 -21.72 -2.54
C THR D 467 33.71 -20.66 -3.42
N LYS D 468 33.61 -20.89 -4.72
CA LYS D 468 34.03 -19.98 -5.71
C LYS D 468 33.16 -18.74 -5.69
N PRO D 469 33.78 -17.59 -5.45
CA PRO D 469 33.01 -16.36 -5.57
C PRO D 469 32.24 -16.32 -6.87
N GLN D 470 31.11 -15.66 -6.86
CA GLN D 470 30.24 -15.69 -8.04
C GLN D 470 30.93 -15.06 -9.24
N ASP D 471 31.70 -14.01 -9.00
CA ASP D 471 32.38 -13.26 -10.04
C ASP D 471 33.86 -13.65 -10.16
N GLY D 472 34.22 -14.79 -9.56
CA GLY D 472 35.59 -15.29 -9.57
C GLY D 472 36.29 -15.23 -10.91
N ASP D 473 35.64 -15.72 -11.95
CA ASP D 473 36.25 -15.79 -13.28
C ASP D 473 36.41 -14.44 -13.93
N VAL D 474 35.66 -13.45 -13.49
CA VAL D 474 35.87 -12.08 -13.96
C VAL D 474 36.94 -11.34 -13.15
N ILE D 475 36.90 -11.41 -11.83
CA ILE D 475 37.85 -10.63 -11.02
C ILE D 475 39.26 -11.25 -10.98
N ALA D 476 39.34 -12.57 -11.08
CA ALA D 476 40.59 -13.28 -10.99
C ALA D 476 40.72 -14.40 -12.03
N PRO D 477 40.69 -14.02 -13.32
CA PRO D 477 40.70 -15.05 -14.40
C PRO D 477 41.95 -15.95 -14.37
N LEU D 478 43.06 -15.45 -13.86
CA LEU D 478 44.30 -16.23 -13.82
C LEU D 478 44.34 -17.17 -12.64
N ILE D 479 43.52 -16.94 -11.62
CA ILE D 479 43.56 -17.76 -10.41
C ILE D 479 42.57 -18.93 -10.48
N THR D 480 41.39 -18.69 -11.00
CA THR D 480 40.30 -19.67 -10.91
C THR D 480 40.54 -21.01 -11.61
N PRO D 481 41.32 -21.01 -12.71
CA PRO D 481 41.54 -22.30 -13.41
C PRO D 481 42.32 -23.35 -12.59
N GLN D 482 43.19 -22.92 -11.70
CA GLN D 482 43.96 -23.85 -10.87
C GLN D 482 43.08 -24.81 -10.03
N LYS D 483 41.85 -24.40 -9.75
CA LYS D 483 40.99 -25.17 -8.85
C LYS D 483 40.08 -26.07 -9.67
N LYS D 484 40.22 -27.36 -9.43
CA LYS D 484 39.57 -28.41 -10.20
C LYS D 484 38.04 -28.29 -10.01
N GLU D 485 37.62 -28.27 -8.74
CA GLU D 485 36.20 -28.28 -8.38
C GLU D 485 35.43 -27.13 -9.03
N TRP D 486 36.08 -25.99 -9.16
CA TRP D 486 35.47 -24.84 -9.81
C TRP D 486 35.37 -25.02 -11.33
N ASN D 487 36.28 -25.78 -11.94
CA ASN D 487 36.49 -25.85 -13.42
C ASN D 487 37.44 -24.75 -13.89
#